data_6WFJ
#
_entry.id   6WFJ
#
_cell.length_a   82.951
_cell.length_b   159.687
_cell.length_c   209.245
_cell.angle_alpha   90.000
_cell.angle_beta   90.000
_cell.angle_gamma   90.000
#
_symmetry.space_group_name_H-M   'P 21 21 21'
#
loop_
_entity.id
_entity.type
_entity.pdbx_description
1 polymer 'Ectonucleotide pyrophosphatase/phosphodiesterase family member 1'
2 branched beta-D-mannopyranose-(1-3)-beta-D-mannopyranose-(1-4)-2-acetamido-2-deoxy-beta-D-glucopyranose-(1-4)-2-acetamido-2-deoxy-beta-D-glucopyranose
3 branched alpha-D-mannopyranose-(1-4)-2-acetamido-2-deoxy-beta-D-glucopyranose-(1-4)-2-acetamido-2-deoxy-beta-D-glucopyranose
4 branched 2-acetamido-2-deoxy-beta-D-glucopyranose-(1-4)-2-acetamido-2-deoxy-beta-D-glucopyranose
5 branched beta-D-mannopyranose-(1-4)-2-acetamido-2-deoxy-beta-D-glucopyranose-(1-4)-2-acetamido-2-deoxy-beta-D-glucopyranose
6 non-polymer 'ZINC ION'
7 non-polymer 'CALCIUM ION'
8 non-polymer 2-acetamido-2-deoxy-beta-D-glucopyranose
9 non-polymer 'ADENOSINE MONOPHOSPHATE'
10 non-polymer DI(HYDROXYETHYL)ETHER
11 non-polymer 1,2-ETHANEDIOL
12 water water
#
_entity_poly.entity_id   1
_entity_poly.type   'polypeptide(L)'
_entity_poly.pdbx_seq_one_letter_code
;MERDGCAGGGSRGGEGGRAPREGPAGNGRDRGRSHAAEAPGDPQAAASLLAPMDVGEEPLEKAARARTAKDPNTYKVLSL
VLSVCVLTTILGCIFGLKPSCAKEVKSCKGRCFERTFGNCRCDAACVELGNCCLDYQETCIEPEHIWTCNKFRCGEKRLT
RSLCACSDDCKDKGDCCINYSSVCQGEKSWVEEPCESINEPQCPAGFETPPTLLFSLDGFRAEYLHTWGGLLPVISKLKK
CGTYTKNMRPVYPTKTFPNHYSIVTGLYPESHGIIDNKMYDPKMNASFSLKSKEKFNPEWYKGEPIWVTAKYQGLKSGTF
FWPGSDVEINGIFPDIYKMYNGSVPFEERILAVLQWLQLPKDERPHFYTLYLEEPDSSGHSYGPVSSEVIKALQRVDGMV
GMLMDGLKELNLHRCLNLILISDHGMEQGSCKKYIYLNKYLGDVKNIKVIYGPAARLRPSDVPDKYYSFNYEGIARNLSC
REPNQ(NEP)FKPYLKHFLPKRLHFAKSDRIEPLTFYLDPQWQLALNPSERKYCGSGFHGSDNVFSNMQALFVGYGPGFK
HGIEADTFENIEVYNLMCDLLNLTPAPNNGTHGSLNHLLKNPVYTPKHPKEVHPLVQCPFTRNPRDNLGCSCNPSILPIE
DFQTQFNLTVAEEKIIKHETLPYGRPRVLQKENTICLLSQHQFMSGYSQDILMPLWTSYTVDRNDSFSTEDFSNCLYQDF
RIPLSPVHKCSFYKNNTKVSYGFLSPPQLNKNSSGIYSEALLTTNIVPMYQSFQVIWRYFHDTLLRKYAEERNGVNVVSG
PVFDFDYDGRCDSLENLRQKRRVIRNQEILIPTHFFIVLTSCKDTSQTPLHCENLDTLAFILPHRTDNSESCVHGKHDSS
WVEELLMLHRARITDVEHITGLSFYQQRKEPVSDILKLKTHLPTFSQED
;
_entity_poly.pdbx_strand_id   AcA,BcB
#
loop_
_chem_comp.id
_chem_comp.type
_chem_comp.name
_chem_comp.formula
AMP non-polymer 'ADENOSINE MONOPHOSPHATE' 'C10 H14 N5 O7 P'
BMA D-saccharide, beta linking beta-D-mannopyranose 'C6 H12 O6'
CA non-polymer 'CALCIUM ION' 'Ca 2'
EDO non-polymer 1,2-ETHANEDIOL 'C2 H6 O2'
MAN D-saccharide, alpha linking alpha-D-mannopyranose 'C6 H12 O6'
NAG D-saccharide, beta linking 2-acetamido-2-deoxy-beta-D-glucopyranose 'C8 H15 N O6'
PEG non-polymer DI(HYDROXYETHYL)ETHER 'C4 H10 O3'
ZN non-polymer 'ZINC ION' 'Zn 2'
#
# COMPACT_ATOMS: atom_id res chain seq x y z
N VAL A 105 -0.02 -16.25 53.87
CA VAL A 105 -0.72 -17.56 53.80
C VAL A 105 -1.38 -17.73 52.43
N LYS A 106 -1.63 -16.63 51.70
CA LYS A 106 -2.26 -16.64 50.35
C LYS A 106 -1.24 -16.26 49.28
N SER A 107 -0.01 -15.91 49.66
CA SER A 107 1.06 -15.39 48.76
C SER A 107 2.37 -16.13 49.02
N CYS A 108 3.20 -16.27 47.97
CA CYS A 108 4.53 -16.91 48.03
C CYS A 108 5.62 -15.93 48.47
N LYS A 109 5.33 -14.63 48.57
CA LYS A 109 6.34 -13.60 48.94
C LYS A 109 7.10 -14.07 50.20
N GLY A 110 8.41 -14.24 50.10
CA GLY A 110 9.29 -14.59 51.24
C GLY A 110 9.44 -16.09 51.46
N ARG A 111 8.63 -16.93 50.80
CA ARG A 111 8.63 -18.40 51.10
C ARG A 111 8.81 -19.26 49.84
N CYS A 112 9.34 -18.73 48.74
CA CYS A 112 9.59 -19.53 47.52
C CYS A 112 10.36 -20.80 47.91
N PHE A 113 9.79 -21.97 47.55
CA PHE A 113 10.43 -23.32 47.59
C PHE A 113 10.48 -23.88 49.02
N GLU A 114 9.88 -23.19 50.00
CA GLU A 114 9.72 -23.68 51.39
C GLU A 114 8.39 -24.44 51.48
N ARG A 115 8.38 -25.54 52.25
CA ARG A 115 7.16 -26.32 52.61
C ARG A 115 6.18 -25.42 53.37
N THR A 116 4.89 -25.64 53.18
CA THR A 116 3.80 -24.90 53.89
C THR A 116 2.85 -25.90 54.55
N PHE A 117 2.13 -25.45 55.58
CA PHE A 117 0.96 -26.14 56.18
C PHE A 117 -0.31 -25.50 55.60
N GLY A 118 -0.40 -24.17 55.70
CA GLY A 118 -1.55 -23.35 55.24
C GLY A 118 -1.75 -23.40 53.74
N ASN A 119 -2.88 -23.98 53.31
CA ASN A 119 -3.41 -24.04 51.91
C ASN A 119 -2.26 -23.92 50.89
N CYS A 120 -2.20 -22.83 50.11
CA CYS A 120 -1.53 -22.74 48.78
C CYS A 120 -0.02 -22.96 48.94
N ARG A 121 0.60 -23.56 47.92
CA ARG A 121 2.00 -24.05 47.94
C ARG A 121 2.89 -23.20 47.03
N CYS A 122 4.20 -23.25 47.28
CA CYS A 122 5.24 -22.43 46.59
C CYS A 122 6.42 -23.30 46.18
N ASP A 123 6.18 -24.58 45.89
CA ASP A 123 7.20 -25.54 45.41
C ASP A 123 6.79 -26.04 44.02
N ALA A 124 7.72 -26.61 43.27
CA ALA A 124 7.55 -27.00 41.85
C ALA A 124 6.44 -28.07 41.70
N ALA A 125 6.17 -28.87 42.72
CA ALA A 125 5.11 -29.93 42.72
C ALA A 125 3.72 -29.29 42.70
N CYS A 126 3.57 -28.05 43.17
CA CYS A 126 2.24 -27.37 43.26
C CYS A 126 1.57 -27.30 41.89
N VAL A 127 2.37 -27.15 40.82
CA VAL A 127 1.84 -26.86 39.45
C VAL A 127 0.93 -28.00 39.05
N GLU A 128 1.45 -29.23 39.08
CA GLU A 128 0.72 -30.48 38.70
C GLU A 128 -0.55 -30.62 39.55
N LEU A 129 -0.47 -30.33 40.86
CA LEU A 129 -1.59 -30.50 41.83
C LEU A 129 -2.57 -29.32 41.72
N GLY A 130 -2.20 -28.26 40.99
CA GLY A 130 -3.04 -27.06 40.77
C GLY A 130 -3.37 -26.35 42.08
N ASN A 131 -2.46 -26.36 43.06
CA ASN A 131 -2.69 -25.74 44.40
C ASN A 131 -1.56 -24.73 44.71
N CYS A 132 -0.90 -24.20 43.68
CA CYS A 132 0.05 -23.06 43.78
C CYS A 132 -0.69 -21.85 44.32
N CYS A 133 -0.04 -21.01 45.12
CA CYS A 133 -0.51 -19.63 45.42
C CYS A 133 -0.69 -18.90 44.08
N LEU A 134 -1.58 -17.91 44.06
CA LEU A 134 -1.93 -17.16 42.82
C LEU A 134 -0.68 -16.49 42.23
N ASP A 135 0.32 -16.14 43.05
CA ASP A 135 1.51 -15.35 42.62
C ASP A 135 2.78 -16.23 42.54
N TYR A 136 2.66 -17.56 42.50
CA TYR A 136 3.80 -18.50 42.54
C TYR A 136 4.75 -18.25 41.36
N GLN A 137 4.23 -18.21 40.12
CA GLN A 137 5.03 -18.02 38.88
C GLN A 137 5.77 -16.69 38.92
N GLU A 138 5.06 -15.60 39.23
CA GLU A 138 5.60 -14.21 39.20
C GLU A 138 6.68 -14.05 40.27
N THR A 139 6.49 -14.67 41.44
CA THR A 139 7.38 -14.50 42.62
C THR A 139 8.60 -15.42 42.51
N CYS A 140 8.44 -16.65 42.04
CA CYS A 140 9.45 -17.73 42.22
C CYS A 140 10.13 -18.12 40.89
N ILE A 141 9.43 -18.07 39.75
CA ILE A 141 9.90 -18.66 38.46
C ILE A 141 10.31 -17.55 37.47
N GLU A 142 9.39 -16.62 37.19
CA GLU A 142 9.57 -15.51 36.23
C GLU A 142 10.95 -14.87 36.41
N PRO A 143 11.39 -14.50 37.65
CA PRO A 143 12.66 -13.83 37.86
C PRO A 143 13.90 -14.52 37.26
N GLU A 144 13.80 -15.81 36.92
CA GLU A 144 14.90 -16.57 36.26
C GLU A 144 14.99 -16.20 34.77
N HIS A 145 13.94 -15.58 34.22
CA HIS A 145 13.71 -15.43 32.76
C HIS A 145 13.55 -13.96 32.34
N ILE A 146 13.37 -13.03 33.30
CA ILE A 146 13.09 -11.60 32.99
C ILE A 146 14.18 -10.69 33.58
N TRP A 147 14.30 -9.49 33.02
CA TRP A 147 15.28 -8.46 33.43
C TRP A 147 14.56 -7.26 34.07
N THR A 148 13.29 -7.42 34.44
CA THR A 148 12.44 -6.33 34.99
C THR A 148 12.01 -6.63 36.44
N CYS A 149 11.86 -5.57 37.24
CA CYS A 149 11.06 -5.59 38.50
C CYS A 149 9.60 -5.30 38.12
N ASN A 150 8.70 -5.66 39.02
CA ASN A 150 7.22 -5.53 38.90
C ASN A 150 6.67 -5.57 40.33
N LYS A 151 5.38 -5.33 40.53
CA LYS A 151 4.79 -5.13 41.88
C LYS A 151 4.90 -6.42 42.70
N PHE A 152 5.03 -7.60 42.05
CA PHE A 152 5.20 -8.91 42.72
C PHE A 152 6.60 -9.07 43.34
N ARG A 153 7.59 -8.35 42.80
CA ARG A 153 9.02 -8.57 43.12
C ARG A 153 9.55 -7.51 44.09
N CYS A 154 8.89 -6.38 44.27
CA CYS A 154 9.45 -5.25 45.06
C CYS A 154 9.58 -5.70 46.53
N GLY A 155 10.79 -5.77 47.05
CA GLY A 155 11.06 -6.25 48.42
C GLY A 155 11.10 -7.77 48.48
N GLU A 156 11.35 -8.43 47.35
CA GLU A 156 11.44 -9.91 47.27
C GLU A 156 12.57 -10.38 48.19
N LYS A 157 12.42 -11.57 48.76
CA LYS A 157 13.56 -12.36 49.30
C LYS A 157 14.43 -12.70 48.10
N ARG A 158 15.70 -12.30 48.16
CA ARG A 158 16.69 -12.50 47.06
C ARG A 158 16.65 -13.98 46.63
N LEU A 159 16.44 -14.24 45.33
CA LEU A 159 16.50 -15.59 44.72
C LEU A 159 17.90 -15.78 44.12
N THR A 160 18.45 -16.99 44.21
CA THR A 160 19.81 -17.32 43.73
C THR A 160 19.83 -17.40 42.20
N ARG A 161 18.72 -17.74 41.56
CA ARG A 161 18.66 -18.02 40.10
C ARG A 161 18.14 -16.79 39.33
N SER A 162 17.76 -15.71 40.02
CA SER A 162 17.20 -14.49 39.39
C SER A 162 18.29 -13.80 38.54
N LEU A 163 17.92 -13.24 37.38
CA LEU A 163 18.86 -12.57 36.45
C LEU A 163 19.32 -11.23 37.05
N CYS A 164 18.41 -10.50 37.70
CA CYS A 164 18.73 -9.28 38.50
C CYS A 164 17.83 -9.29 39.74
N ALA A 165 18.06 -8.40 40.71
CA ALA A 165 17.40 -8.41 42.03
C ALA A 165 16.43 -7.23 42.15
N CYS A 166 15.38 -7.41 42.94
CA CYS A 166 14.45 -6.34 43.36
C CYS A 166 14.34 -6.34 44.88
N SER A 167 15.28 -7.00 45.56
CA SER A 167 15.34 -7.12 47.04
C SER A 167 15.76 -5.76 47.64
N ASP A 168 15.46 -5.53 48.91
CA ASP A 168 15.70 -4.24 49.61
C ASP A 168 17.21 -3.92 49.54
N ASP A 169 18.05 -4.95 49.53
CA ASP A 169 19.54 -4.84 49.56
C ASP A 169 20.14 -4.71 48.14
N CYS A 170 19.34 -4.62 47.08
CA CYS A 170 19.86 -4.75 45.68
C CYS A 170 20.80 -3.58 45.37
N LYS A 171 20.54 -2.39 45.89
CA LYS A 171 21.46 -1.24 45.71
C LYS A 171 22.72 -1.44 46.52
N ASP A 172 22.62 -1.87 47.78
CA ASP A 172 23.90 -2.12 48.48
C ASP A 172 24.75 -3.03 47.57
N LYS A 173 24.16 -4.08 47.01
CA LYS A 173 24.91 -5.15 46.29
C LYS A 173 25.08 -4.79 44.81
N GLY A 174 24.43 -3.73 44.35
CA GLY A 174 24.60 -3.14 42.99
C GLY A 174 24.20 -4.08 41.87
N ASP A 175 23.09 -4.81 42.00
CA ASP A 175 22.57 -5.72 40.95
C ASP A 175 21.05 -5.59 40.82
N CYS A 176 20.49 -4.43 41.16
CA CYS A 176 19.07 -4.08 40.91
C CYS A 176 18.75 -4.24 39.42
N CYS A 177 17.56 -4.71 39.08
CA CYS A 177 17.01 -4.65 37.70
C CYS A 177 16.99 -3.17 37.33
N ILE A 178 17.22 -2.86 36.04
CA ILE A 178 17.37 -1.45 35.57
C ILE A 178 16.17 -0.60 35.98
N ASN A 179 14.95 -1.16 35.99
CA ASN A 179 13.70 -0.40 36.24
C ASN A 179 13.32 -0.39 37.73
N TYR A 180 14.23 -0.83 38.61
CA TYR A 180 13.98 -0.96 40.07
C TYR A 180 13.48 0.36 40.66
N SER A 181 14.25 1.44 40.47
CA SER A 181 13.95 2.79 41.00
C SER A 181 12.56 3.28 40.55
N SER A 182 12.19 3.00 39.30
CA SER A 182 10.91 3.48 38.72
C SER A 182 9.74 2.70 39.34
N VAL A 183 9.88 1.39 39.47
CA VAL A 183 8.76 0.48 39.85
C VAL A 183 8.68 0.33 41.38
N CYS A 184 9.81 0.24 42.08
CA CYS A 184 9.87 -0.11 43.53
C CYS A 184 10.09 1.13 44.41
N GLN A 185 10.59 2.25 43.87
CA GLN A 185 10.77 3.50 44.67
C GLN A 185 9.91 4.64 44.08
N GLY A 186 9.08 4.37 43.08
CA GLY A 186 8.12 5.34 42.50
C GLY A 186 8.80 6.54 41.83
N GLU A 187 10.08 6.44 41.50
CA GLU A 187 10.81 7.47 40.70
C GLU A 187 10.34 7.40 39.25
N LYS A 188 10.56 8.46 38.48
CA LYS A 188 10.19 8.54 37.05
C LYS A 188 11.29 7.85 36.22
N SER A 189 10.89 7.05 35.22
CA SER A 189 11.81 6.48 34.21
C SER A 189 12.28 7.61 33.29
N TRP A 190 13.32 7.37 32.50
CA TRP A 190 13.83 8.39 31.56
C TRP A 190 12.67 8.88 30.68
N VAL A 191 11.88 7.98 30.10
CA VAL A 191 10.82 8.34 29.11
C VAL A 191 9.76 9.21 29.79
N GLU A 192 9.58 9.08 31.10
CA GLU A 192 8.52 9.79 31.86
C GLU A 192 8.96 11.24 32.14
N GLU A 193 10.26 11.50 32.20
CA GLU A 193 10.79 12.87 32.46
C GLU A 193 10.54 13.73 31.24
N PRO A 194 10.12 15.01 31.41
CA PRO A 194 10.01 15.92 30.26
C PRO A 194 11.40 16.23 29.68
N CYS A 195 11.47 16.62 28.40
CA CYS A 195 12.73 17.04 27.75
C CYS A 195 13.39 18.13 28.60
N GLU A 196 14.70 18.08 28.77
CA GLU A 196 15.45 19.27 29.26
C GLU A 196 16.74 19.36 28.47
N SER A 197 17.12 20.57 28.13
CA SER A 197 18.25 20.89 27.24
C SER A 197 19.57 20.53 27.94
N ILE A 198 20.52 20.01 27.18
CA ILE A 198 21.88 19.58 27.65
C ILE A 198 22.87 20.51 26.99
N ASN A 199 23.03 21.73 27.51
CA ASN A 199 23.89 22.79 26.94
C ASN A 199 25.34 22.51 27.36
N GLU A 200 25.58 22.25 28.65
CA GLU A 200 26.86 21.75 29.19
C GLU A 200 26.69 20.25 29.46
N PRO A 201 27.58 19.38 28.98
CA PRO A 201 27.56 17.97 29.38
C PRO A 201 27.90 17.84 30.87
N GLN A 202 27.31 16.84 31.56
CA GLN A 202 27.65 16.46 32.95
C GLN A 202 28.26 15.06 32.87
N CYS A 203 29.58 15.00 32.80
CA CYS A 203 30.38 13.79 32.49
C CYS A 203 31.37 13.55 33.62
N PRO A 204 31.72 12.28 33.92
CA PRO A 204 32.81 12.00 34.85
C PRO A 204 34.17 12.35 34.25
N ALA A 205 35.23 12.34 35.07
CA ALA A 205 36.63 12.44 34.59
C ALA A 205 36.88 11.30 33.60
N GLY A 206 37.57 11.60 32.51
CA GLY A 206 37.86 10.68 31.39
C GLY A 206 37.00 10.99 30.18
N PHE A 207 35.87 11.67 30.40
CA PHE A 207 34.86 12.01 29.37
C PHE A 207 34.83 13.53 29.16
N GLU A 208 36.00 14.16 29.21
CA GLU A 208 36.18 15.60 28.84
C GLU A 208 35.67 15.76 27.41
N THR A 209 35.94 14.77 26.56
CA THR A 209 35.19 14.48 25.32
C THR A 209 34.14 13.42 25.67
N PRO A 210 32.83 13.70 25.50
CA PRO A 210 31.80 12.73 25.89
C PRO A 210 31.81 11.53 24.96
N PRO A 211 31.31 10.36 25.43
CA PRO A 211 31.29 9.16 24.60
C PRO A 211 30.20 9.28 23.54
N THR A 212 30.35 8.57 22.43
CA THR A 212 29.31 8.39 21.38
C THR A 212 28.93 6.92 21.31
N LEU A 213 27.63 6.62 21.34
CA LEU A 213 27.08 5.26 21.14
C LEU A 213 26.29 5.25 19.82
N LEU A 214 26.67 4.35 18.92
CA LEU A 214 25.98 4.10 17.64
C LEU A 214 25.11 2.85 17.82
N PHE A 215 23.79 3.04 17.84
CA PHE A 215 22.76 2.03 18.19
C PHE A 215 21.94 1.74 16.94
N SER A 216 22.14 0.56 16.35
CA SER A 216 21.46 0.13 15.11
C SER A 216 20.30 -0.81 15.41
N LEU A 217 19.13 -0.49 14.84
CA LEU A 217 17.93 -1.35 14.77
C LEU A 217 17.79 -1.76 13.31
N ASP A 218 18.24 -2.96 12.98
CA ASP A 218 18.29 -3.46 11.58
C ASP A 218 16.89 -3.37 10.98
N GLY A 219 16.76 -2.85 9.76
CA GLY A 219 15.53 -2.91 8.96
C GLY A 219 14.39 -2.08 9.54
N PHE A 220 14.73 -1.08 10.36
CA PHE A 220 13.76 -0.09 10.91
C PHE A 220 13.56 0.98 9.83
N ARG A 221 12.58 0.76 8.96
CA ARG A 221 12.24 1.73 7.90
C ARG A 221 11.67 2.99 8.56
N ALA A 222 12.05 4.15 8.04
CA ALA A 222 11.65 5.49 8.53
C ALA A 222 10.14 5.52 8.76
N GLU A 223 9.37 4.97 7.82
CA GLU A 223 7.88 4.95 7.86
C GLU A 223 7.37 4.38 9.18
N TYR A 224 8.05 3.40 9.78
CA TYR A 224 7.64 2.76 11.06
C TYR A 224 7.42 3.83 12.14
N LEU A 225 8.27 4.85 12.21
CA LEU A 225 8.13 5.94 13.23
C LEU A 225 7.03 6.91 12.79
N HIS A 226 6.90 7.19 11.49
CA HIS A 226 5.85 8.10 10.95
C HIS A 226 4.46 7.59 11.36
N THR A 227 4.24 6.27 11.30
CA THR A 227 2.90 5.64 11.40
C THR A 227 2.66 5.13 12.84
N TRP A 228 3.66 4.49 13.47
CA TRP A 228 3.49 3.78 14.76
C TRP A 228 4.10 4.55 15.93
N GLY A 229 4.43 5.83 15.76
CA GLY A 229 5.05 6.67 16.82
C GLY A 229 4.29 6.59 18.13
N GLY A 230 2.95 6.57 18.05
CA GLY A 230 2.04 6.46 19.20
C GLY A 230 2.25 5.19 20.00
N LEU A 231 2.84 4.14 19.42
CA LEU A 231 3.07 2.83 20.08
C LEU A 231 4.52 2.72 20.56
N LEU A 232 5.36 3.73 20.28
CA LEU A 232 6.83 3.71 20.51
C LEU A 232 7.22 4.92 21.33
N PRO A 233 6.85 4.96 22.63
CA PRO A 233 7.05 6.16 23.43
C PRO A 233 8.52 6.60 23.57
N VAL A 234 9.46 5.66 23.71
CA VAL A 234 10.88 5.97 24.01
C VAL A 234 11.50 6.65 22.78
N ILE A 235 11.38 6.01 21.62
CA ILE A 235 12.00 6.52 20.37
C ILE A 235 11.31 7.84 20.04
N SER A 236 10.00 7.93 20.25
CA SER A 236 9.22 9.19 20.07
C SER A 236 9.78 10.31 20.96
N LYS A 237 10.15 10.01 22.20
CA LYS A 237 10.73 11.03 23.11
C LYS A 237 12.11 11.46 22.60
N LEU A 238 12.94 10.50 22.15
CA LEU A 238 14.29 10.84 21.59
C LEU A 238 14.11 11.79 20.41
N LYS A 239 13.15 11.49 19.52
CA LYS A 239 12.76 12.39 18.40
C LYS A 239 12.42 13.78 18.96
N LYS A 240 11.52 13.86 19.93
CA LYS A 240 11.00 15.14 20.47
C LYS A 240 12.13 15.95 21.13
N CYS A 241 13.01 15.31 21.91
CA CYS A 241 14.06 15.97 22.73
C CYS A 241 15.35 16.14 21.93
N GLY A 242 15.47 15.53 20.76
CA GLY A 242 16.76 15.41 20.05
C GLY A 242 16.73 15.97 18.64
N THR A 243 17.62 15.45 17.80
CA THR A 243 17.81 15.83 16.38
C THR A 243 17.34 14.66 15.52
N TYR A 244 16.32 14.89 14.70
CA TYR A 244 15.62 13.85 13.91
C TYR A 244 15.58 14.25 12.44
N THR A 245 15.63 13.27 11.54
CA THR A 245 15.21 13.44 10.14
C THR A 245 14.11 12.42 9.85
N LYS A 246 13.08 12.83 9.11
CA LYS A 246 11.98 11.92 8.70
C LYS A 246 12.55 10.77 7.86
N ASN A 247 13.69 11.00 7.20
CA ASN A 247 14.28 10.03 6.24
C ASN A 247 15.79 10.17 6.22
N MET A 248 16.52 9.11 6.59
CA MET A 248 17.97 9.02 6.33
C MET A 248 18.16 8.09 5.12
N ARG A 249 18.80 8.59 4.06
CA ARG A 249 18.98 7.83 2.80
C ARG A 249 20.12 6.84 3.00
N PRO A 250 19.89 5.52 2.81
CA PRO A 250 20.96 4.55 2.84
C PRO A 250 21.81 4.52 1.54
N VAL A 251 22.84 3.69 1.53
CA VAL A 251 23.65 3.42 0.30
C VAL A 251 23.02 2.22 -0.43
N TYR A 252 23.17 2.20 -1.75
CA TYR A 252 22.80 1.08 -2.66
C TYR A 252 23.95 0.07 -2.65
N PRO A 253 23.67 -1.25 -2.62
CA PRO A 253 22.33 -1.78 -2.38
C PRO A 253 21.93 -1.68 -0.91
N THR A 254 20.63 -1.50 -0.65
CA THR A 254 20.06 -1.25 0.70
C THR A 254 20.06 -2.56 1.49
N LYS A 255 21.26 -3.01 1.87
CA LYS A 255 21.52 -4.26 2.61
C LYS A 255 22.37 -3.95 3.84
N THR A 256 22.44 -4.89 4.78
CA THR A 256 23.03 -4.74 6.14
C THR A 256 24.52 -4.43 6.08
N PHE A 257 25.34 -5.28 5.48
CA PHE A 257 26.82 -5.14 5.56
C PHE A 257 27.25 -3.87 4.84
N PRO A 258 26.81 -3.60 3.60
CA PRO A 258 27.15 -2.36 2.93
C PRO A 258 26.80 -1.11 3.75
N ASN A 259 25.60 -1.05 4.32
CA ASN A 259 25.11 0.18 4.98
C ASN A 259 25.81 0.37 6.33
N HIS A 260 25.96 -0.69 7.12
CA HIS A 260 26.62 -0.63 8.46
C HIS A 260 28.09 -0.20 8.27
N TYR A 261 28.79 -0.80 7.29
CA TYR A 261 30.21 -0.48 7.03
C TYR A 261 30.29 0.94 6.44
N SER A 262 29.32 1.37 5.64
CA SER A 262 29.27 2.76 5.11
C SER A 262 29.12 3.75 6.28
N ILE A 263 28.29 3.44 7.27
CA ILE A 263 28.01 4.39 8.38
C ILE A 263 29.32 4.67 9.12
N VAL A 264 30.16 3.66 9.34
CA VAL A 264 31.37 3.77 10.19
C VAL A 264 32.61 4.13 9.38
N THR A 265 32.53 4.27 8.04
CA THR A 265 33.68 4.66 7.19
C THR A 265 33.43 5.96 6.43
N GLY A 266 32.17 6.35 6.22
CA GLY A 266 31.79 7.50 5.37
C GLY A 266 32.02 7.21 3.89
N LEU A 267 32.20 5.93 3.52
CA LEU A 267 32.52 5.53 2.14
C LEU A 267 31.31 4.87 1.46
N TYR A 268 31.13 5.11 0.17
CA TYR A 268 30.30 4.29 -0.72
C TYR A 268 30.84 2.85 -0.69
N PRO A 269 29.96 1.84 -0.79
CA PRO A 269 30.41 0.45 -0.89
C PRO A 269 31.47 0.23 -1.99
N GLU A 270 31.31 0.84 -3.17
CA GLU A 270 32.27 0.68 -4.30
C GLU A 270 33.70 0.99 -3.82
N SER A 271 33.85 1.82 -2.78
CA SER A 271 35.16 2.25 -2.22
C SER A 271 35.54 1.44 -0.98
N HIS A 272 34.59 1.00 -0.15
CA HIS A 272 34.94 0.26 1.09
C HIS A 272 34.98 -1.26 0.83
N GLY A 273 34.48 -1.72 -0.32
CA GLY A 273 34.66 -3.11 -0.77
C GLY A 273 33.58 -4.06 -0.31
N ILE A 274 32.75 -3.69 0.67
CA ILE A 274 31.61 -4.53 1.14
C ILE A 274 30.38 -4.15 0.33
N ILE A 275 30.25 -4.68 -0.89
CA ILE A 275 29.22 -4.23 -1.86
C ILE A 275 27.90 -4.99 -1.62
N ASP A 276 27.92 -6.08 -0.86
CA ASP A 276 26.69 -6.85 -0.49
C ASP A 276 27.03 -7.87 0.60
N ASN A 277 26.01 -8.55 1.14
CA ASN A 277 26.19 -9.61 2.17
C ASN A 277 26.86 -10.83 1.51
N LYS A 278 26.75 -10.95 0.18
CA LYS A 278 27.41 -12.01 -0.64
C LYS A 278 28.13 -11.36 -1.82
N MET A 279 29.42 -11.67 -2.02
CA MET A 279 30.26 -11.13 -3.11
C MET A 279 31.16 -12.23 -3.70
N TYR A 280 31.61 -12.02 -4.92
CA TYR A 280 32.76 -12.72 -5.54
C TYR A 280 33.82 -11.68 -5.92
N ASP A 281 35.06 -11.89 -5.49
CA ASP A 281 36.25 -11.13 -5.95
C ASP A 281 37.01 -12.00 -6.95
N PRO A 282 37.18 -11.57 -8.21
CA PRO A 282 37.92 -12.36 -9.20
C PRO A 282 39.44 -12.35 -8.95
N LYS A 283 40.00 -11.23 -8.48
CA LYS A 283 41.44 -11.06 -8.18
C LYS A 283 41.83 -11.99 -7.02
N MET A 284 40.93 -12.25 -6.07
CA MET A 284 41.14 -13.17 -4.92
C MET A 284 40.66 -14.57 -5.28
N ASN A 285 39.78 -14.69 -6.28
CA ASN A 285 39.06 -15.93 -6.64
C ASN A 285 38.43 -16.53 -5.38
N ALA A 286 37.72 -15.71 -4.61
CA ALA A 286 37.07 -16.10 -3.34
C ALA A 286 35.66 -15.51 -3.28
N SER A 287 34.77 -16.19 -2.56
CA SER A 287 33.37 -15.76 -2.33
C SER A 287 33.21 -15.34 -0.86
N PHE A 288 32.59 -14.18 -0.64
CA PHE A 288 32.28 -13.61 0.69
C PHE A 288 30.86 -13.99 1.09
N SER A 289 30.69 -14.43 2.33
CA SER A 289 29.36 -14.74 2.94
C SER A 289 29.42 -14.44 4.45
N LEU A 290 28.26 -14.19 5.06
CA LEU A 290 28.19 -13.83 6.50
C LEU A 290 28.38 -15.08 7.36
N LYS A 291 28.09 -16.27 6.83
CA LYS A 291 28.13 -17.55 7.58
C LYS A 291 29.45 -18.29 7.29
N SER A 292 30.33 -17.69 6.49
CA SER A 292 31.58 -18.30 5.97
C SER A 292 32.78 -17.81 6.80
N LYS A 293 33.94 -18.47 6.68
CA LYS A 293 35.21 -18.04 7.33
C LYS A 293 35.78 -16.80 6.63
N GLU A 294 35.38 -16.56 5.36
CA GLU A 294 35.87 -15.42 4.53
C GLU A 294 35.39 -14.08 5.12
N LYS A 295 34.34 -14.09 5.94
CA LYS A 295 33.80 -12.89 6.63
C LYS A 295 34.89 -12.28 7.52
N PHE A 296 35.81 -13.09 8.04
CA PHE A 296 36.87 -12.66 9.00
C PHE A 296 38.18 -12.34 8.26
N ASN A 297 38.17 -12.38 6.93
CA ASN A 297 39.35 -12.16 6.07
C ASN A 297 39.49 -10.65 5.83
N PRO A 298 40.56 -10.00 6.34
CA PRO A 298 40.71 -8.55 6.23
C PRO A 298 40.74 -7.98 4.80
N GLU A 299 41.02 -8.82 3.80
CA GLU A 299 41.19 -8.39 2.37
C GLU A 299 39.89 -7.75 1.86
N TRP A 300 38.75 -8.14 2.41
CA TRP A 300 37.42 -7.63 1.98
C TRP A 300 37.22 -6.18 2.42
N TYR A 301 37.72 -5.81 3.61
CA TYR A 301 37.38 -4.54 4.31
C TYR A 301 38.41 -3.47 3.96
N LYS A 302 37.99 -2.43 3.22
CA LYS A 302 38.82 -1.26 2.83
C LYS A 302 38.36 -0.04 3.66
N GLY A 303 38.99 1.12 3.44
CA GLY A 303 38.70 2.35 4.17
C GLY A 303 39.11 2.22 5.62
N GLU A 304 38.64 3.12 6.47
CA GLU A 304 39.04 3.22 7.89
C GLU A 304 37.80 3.38 8.75
N PRO A 305 37.34 2.30 9.44
CA PRO A 305 36.18 2.40 10.32
C PRO A 305 36.52 3.35 11.48
N ILE A 306 35.51 4.03 12.03
CA ILE A 306 35.71 5.11 13.04
C ILE A 306 36.47 4.56 14.24
N TRP A 307 36.34 3.27 14.58
CA TRP A 307 37.07 2.71 15.75
C TRP A 307 38.57 2.69 15.47
N VAL A 308 38.97 2.55 14.20
CA VAL A 308 40.40 2.62 13.79
C VAL A 308 40.85 4.08 13.86
N THR A 309 40.11 5.01 13.24
CA THR A 309 40.35 6.47 13.33
C THR A 309 40.59 6.84 14.79
N ALA A 310 39.68 6.43 15.68
CA ALA A 310 39.69 6.75 17.13
C ALA A 310 40.97 6.21 17.78
N LYS A 311 41.37 4.99 17.43
CA LYS A 311 42.56 4.32 18.03
C LYS A 311 43.81 5.12 17.70
N TYR A 312 43.98 5.54 16.45
CA TYR A 312 45.16 6.32 15.97
C TYR A 312 45.23 7.68 16.70
N GLN A 313 44.11 8.19 17.22
CA GLN A 313 44.07 9.49 17.93
C GLN A 313 43.82 9.25 19.42
N GLY A 314 44.00 8.02 19.90
CA GLY A 314 44.12 7.68 21.33
C GLY A 314 42.79 7.56 22.08
N LEU A 315 41.67 7.28 21.39
CA LEU A 315 40.38 6.90 22.04
C LEU A 315 40.11 5.42 21.83
N LYS A 316 39.63 4.73 22.87
CA LYS A 316 39.29 3.28 22.82
C LYS A 316 37.84 3.10 22.33
N SER A 317 37.52 1.90 21.88
CA SER A 317 36.20 1.57 21.30
C SER A 317 35.69 0.25 21.89
N GLY A 318 34.37 0.16 22.09
CA GLY A 318 33.68 -1.04 22.58
C GLY A 318 32.50 -1.33 21.68
N THR A 319 32.58 -2.38 20.86
CA THR A 319 31.52 -2.72 19.88
C THR A 319 30.82 -4.00 20.35
N PHE A 320 29.51 -3.92 20.59
CA PHE A 320 28.66 -5.12 20.81
C PHE A 320 27.93 -5.41 19.49
N PHE A 321 28.68 -6.01 18.57
CA PHE A 321 28.29 -6.38 17.19
C PHE A 321 28.33 -5.12 16.32
N TRP A 322 29.03 -5.24 15.19
CA TRP A 322 28.97 -4.32 14.03
C TRP A 322 29.73 -4.99 12.89
N PRO A 323 29.21 -4.98 11.66
CA PRO A 323 29.99 -5.45 10.51
C PRO A 323 31.39 -4.83 10.50
N GLY A 324 32.42 -5.68 10.53
CA GLY A 324 33.84 -5.29 10.51
C GLY A 324 34.49 -5.27 11.89
N SER A 325 33.71 -5.26 12.96
CA SER A 325 34.20 -5.06 14.35
C SER A 325 34.85 -6.36 14.88
N ASP A 326 34.58 -7.50 14.27
CA ASP A 326 35.20 -8.80 14.66
C ASP A 326 36.25 -9.19 13.61
N VAL A 327 36.79 -8.22 12.87
CA VAL A 327 37.81 -8.41 11.79
C VAL A 327 39.01 -7.51 12.10
N GLU A 328 40.22 -8.03 11.88
CA GLU A 328 41.50 -7.29 12.03
C GLU A 328 41.64 -6.35 10.82
N ILE A 329 41.32 -5.07 10.98
CA ILE A 329 41.39 -4.03 9.90
C ILE A 329 42.57 -3.10 10.22
N ASN A 330 43.44 -2.84 9.24
CA ASN A 330 44.75 -2.16 9.41
C ASN A 330 45.45 -2.69 10.68
N GLY A 331 45.36 -4.01 10.90
CA GLY A 331 46.01 -4.72 12.03
C GLY A 331 45.34 -4.50 13.37
N ILE A 332 44.17 -3.85 13.41
CA ILE A 332 43.53 -3.35 14.66
C ILE A 332 42.14 -3.97 14.82
N PHE A 333 41.82 -4.39 16.04
CA PHE A 333 40.45 -4.67 16.53
C PHE A 333 40.01 -3.52 17.42
N PRO A 334 38.69 -3.32 17.65
CA PRO A 334 38.22 -2.47 18.75
C PRO A 334 38.80 -3.00 20.07
N ASP A 335 39.00 -2.13 21.05
CA ASP A 335 39.57 -2.49 22.38
C ASP A 335 38.70 -3.56 23.05
N ILE A 336 37.38 -3.43 22.93
CA ILE A 336 36.41 -4.49 23.32
C ILE A 336 35.51 -4.75 22.11
N TYR A 337 35.33 -6.01 21.75
CA TYR A 337 34.53 -6.44 20.58
C TYR A 337 33.94 -7.81 20.88
N LYS A 338 32.88 -8.16 20.17
CA LYS A 338 32.19 -9.46 20.31
C LYS A 338 32.18 -10.13 18.93
N MET A 339 32.51 -11.41 18.90
CA MET A 339 32.28 -12.29 17.72
C MET A 339 30.76 -12.35 17.51
N TYR A 340 30.29 -12.07 16.30
CA TYR A 340 28.83 -11.97 16.04
C TYR A 340 28.14 -13.27 16.48
N ASN A 341 27.01 -13.13 17.17
CA ASN A 341 26.19 -14.25 17.69
C ASN A 341 24.77 -13.73 17.92
N GLY A 342 23.88 -13.95 16.95
CA GLY A 342 22.50 -13.43 16.92
C GLY A 342 21.65 -13.97 18.05
N SER A 343 22.09 -15.05 18.71
CA SER A 343 21.33 -15.72 19.79
C SER A 343 21.42 -14.92 21.10
N VAL A 344 22.39 -14.02 21.23
CA VAL A 344 22.58 -13.25 22.49
C VAL A 344 21.33 -12.38 22.70
N PRO A 345 20.59 -12.53 23.81
CA PRO A 345 19.38 -11.75 24.04
C PRO A 345 19.71 -10.25 24.12
N PHE A 346 18.80 -9.40 23.62
CA PHE A 346 19.01 -7.94 23.48
C PHE A 346 19.39 -7.35 24.85
N GLU A 347 18.70 -7.76 25.91
CA GLU A 347 18.94 -7.22 27.27
C GLU A 347 20.42 -7.39 27.64
N GLU A 348 21.03 -8.51 27.26
CA GLU A 348 22.42 -8.84 27.66
C GLU A 348 23.41 -7.95 26.91
N ARG A 349 23.09 -7.58 25.67
CA ARG A 349 23.91 -6.65 24.86
C ARG A 349 23.91 -5.28 25.57
N ILE A 350 22.73 -4.77 25.89
CA ILE A 350 22.57 -3.44 26.55
C ILE A 350 23.29 -3.47 27.90
N LEU A 351 23.13 -4.52 28.72
CA LEU A 351 23.76 -4.61 30.06
C LEU A 351 25.29 -4.63 29.92
N ALA A 352 25.82 -5.29 28.89
CA ALA A 352 27.28 -5.36 28.66
C ALA A 352 27.82 -3.96 28.37
N VAL A 353 27.15 -3.20 27.50
CA VAL A 353 27.58 -1.81 27.16
C VAL A 353 27.51 -0.95 28.43
N LEU A 354 26.51 -1.15 29.29
CA LEU A 354 26.39 -0.39 30.56
C LEU A 354 27.55 -0.79 31.50
N GLN A 355 28.03 -2.04 31.45
CA GLN A 355 29.24 -2.47 32.22
C GLN A 355 30.46 -1.73 31.67
N TRP A 356 30.62 -1.63 30.35
CA TRP A 356 31.78 -0.95 29.71
C TRP A 356 31.82 0.52 30.13
N LEU A 357 30.66 1.16 30.28
CA LEU A 357 30.55 2.60 30.64
C LEU A 357 30.90 2.82 32.12
N GLN A 358 31.09 1.74 32.90
CA GLN A 358 31.51 1.79 34.32
C GLN A 358 32.97 1.36 34.50
N LEU A 359 33.67 0.99 33.43
CA LEU A 359 35.13 0.68 33.47
C LEU A 359 35.86 1.90 34.01
N PRO A 360 37.03 1.72 34.67
CA PRO A 360 37.87 2.87 35.02
C PRO A 360 38.35 3.55 33.73
N LYS A 361 38.62 4.86 33.82
CA LYS A 361 38.85 5.75 32.64
C LYS A 361 40.06 5.29 31.81
N ASP A 362 41.00 4.54 32.39
CA ASP A 362 42.21 4.05 31.66
C ASP A 362 41.79 3.01 30.61
N GLU A 363 40.73 2.23 30.82
CA GLU A 363 40.32 1.14 29.88
C GLU A 363 38.94 1.41 29.27
N ARG A 364 38.27 2.51 29.64
CA ARG A 364 36.85 2.78 29.25
C ARG A 364 36.80 3.38 27.85
N PRO A 365 36.05 2.78 26.91
CA PRO A 365 35.87 3.38 25.58
C PRO A 365 35.17 4.75 25.52
N HIS A 366 35.39 5.45 24.41
CA HIS A 366 34.67 6.68 23.99
C HIS A 366 33.66 6.35 22.88
N PHE A 367 33.96 5.37 22.03
CA PHE A 367 33.07 4.98 20.90
C PHE A 367 32.48 3.61 21.18
N TYR A 368 31.15 3.51 21.09
CA TYR A 368 30.40 2.27 21.40
C TYR A 368 29.47 1.95 20.21
N THR A 369 29.25 0.67 19.94
CA THR A 369 28.16 0.20 19.06
C THR A 369 27.29 -0.79 19.81
N LEU A 370 26.02 -0.81 19.41
CA LEU A 370 24.96 -1.73 19.85
C LEU A 370 24.17 -2.05 18.58
N TYR A 371 23.87 -3.32 18.33
CA TYR A 371 23.18 -3.79 17.10
C TYR A 371 22.12 -4.80 17.53
N LEU A 372 20.89 -4.64 17.06
CA LEU A 372 19.77 -5.60 17.23
C LEU A 372 19.26 -6.01 15.86
N GLU A 373 18.91 -7.29 15.68
CA GLU A 373 18.44 -7.85 14.39
C GLU A 373 17.00 -7.42 14.10
N GLU A 374 16.28 -6.87 15.09
CA GLU A 374 14.88 -6.44 14.91
C GLU A 374 14.83 -4.94 14.63
N PRO A 375 13.83 -4.44 13.89
CA PRO A 375 12.75 -5.25 13.34
C PRO A 375 12.95 -5.89 11.95
N ASP A 376 14.20 -6.04 11.49
CA ASP A 376 14.53 -6.68 10.19
C ASP A 376 13.99 -8.11 10.17
N SER A 377 14.30 -8.91 11.20
N SER A 377 14.31 -8.91 11.21
CA SER A 377 13.94 -10.35 11.30
CA SER A 377 13.94 -10.35 11.30
C SER A 377 12.43 -10.52 11.10
C SER A 377 12.43 -10.52 11.10
N SER A 378 11.63 -9.85 11.91
CA SER A 378 10.14 -9.90 11.84
C SER A 378 9.67 -9.32 10.51
N GLY A 379 10.36 -8.31 9.96
CA GLY A 379 9.99 -7.72 8.67
C GLY A 379 10.06 -8.73 7.53
N HIS A 380 11.18 -9.47 7.44
CA HIS A 380 11.37 -10.57 6.45
C HIS A 380 10.26 -11.62 6.65
N SER A 381 10.14 -12.12 7.87
CA SER A 381 9.37 -13.33 8.23
C SER A 381 7.86 -13.09 8.07
N TYR A 382 7.36 -11.89 8.36
CA TYR A 382 5.90 -11.62 8.50
C TYR A 382 5.45 -10.44 7.63
N GLY A 383 6.37 -9.69 7.04
CA GLY A 383 6.07 -8.49 6.24
C GLY A 383 6.12 -7.22 7.08
N PRO A 384 6.43 -6.06 6.48
CA PRO A 384 6.53 -4.80 7.22
C PRO A 384 5.23 -4.32 7.89
N VAL A 385 4.07 -4.70 7.36
CA VAL A 385 2.74 -4.37 7.97
C VAL A 385 2.14 -5.67 8.51
N SER A 386 2.38 -5.97 9.78
CA SER A 386 2.06 -7.25 10.45
C SER A 386 2.02 -7.07 11.98
N SER A 387 1.26 -7.91 12.67
CA SER A 387 1.24 -7.97 14.15
C SER A 387 2.67 -8.15 14.67
N GLU A 388 3.46 -9.00 14.02
CA GLU A 388 4.81 -9.40 14.49
C GLU A 388 5.76 -8.20 14.44
N VAL A 389 5.68 -7.37 13.40
CA VAL A 389 6.54 -6.16 13.28
C VAL A 389 6.14 -5.14 14.34
N ILE A 390 4.86 -4.96 14.63
CA ILE A 390 4.39 -4.04 15.70
C ILE A 390 5.00 -4.49 17.03
N LYS A 391 4.96 -5.80 17.32
CA LYS A 391 5.49 -6.36 18.58
C LYS A 391 7.00 -6.17 18.62
N ALA A 392 7.68 -6.35 17.49
CA ALA A 392 9.15 -6.20 17.39
C ALA A 392 9.53 -4.74 17.58
N LEU A 393 8.73 -3.80 17.03
CA LEU A 393 8.99 -2.35 17.18
C LEU A 393 8.85 -1.97 18.66
N GLN A 394 7.84 -2.50 19.35
CA GLN A 394 7.64 -2.19 20.79
C GLN A 394 8.79 -2.80 21.59
N ARG A 395 9.25 -3.99 21.21
CA ARG A 395 10.38 -4.66 21.90
C ARG A 395 11.63 -3.77 21.78
N VAL A 396 11.99 -3.31 20.57
CA VAL A 396 13.23 -2.50 20.38
C VAL A 396 13.06 -1.13 21.07
N ASP A 397 11.86 -0.56 21.06
CA ASP A 397 11.54 0.68 21.81
C ASP A 397 11.90 0.46 23.28
N GLY A 398 11.45 -0.66 23.85
CA GLY A 398 11.72 -1.07 25.24
C GLY A 398 13.20 -1.26 25.49
N MET A 399 13.94 -1.80 24.50
CA MET A 399 15.40 -2.01 24.64
C MET A 399 16.08 -0.64 24.66
N VAL A 400 15.65 0.32 23.83
CA VAL A 400 16.19 1.70 23.86
C VAL A 400 15.87 2.32 25.23
N GLY A 401 14.66 2.10 25.74
CA GLY A 401 14.26 2.61 27.07
C GLY A 401 15.12 2.03 28.17
N MET A 402 15.53 0.77 28.03
CA MET A 402 16.38 0.06 29.02
C MET A 402 17.75 0.73 29.03
N LEU A 403 18.28 1.11 27.86
CA LEU A 403 19.59 1.82 27.76
C LEU A 403 19.45 3.17 28.46
N MET A 404 18.41 3.94 28.16
CA MET A 404 18.24 5.31 28.71
C MET A 404 18.09 5.24 30.23
N ASP A 405 17.33 4.27 30.75
CA ASP A 405 17.17 4.04 32.20
C ASP A 405 18.53 3.67 32.81
N GLY A 406 19.27 2.80 32.13
CA GLY A 406 20.64 2.41 32.53
C GLY A 406 21.55 3.61 32.63
N LEU A 407 21.54 4.47 31.61
CA LEU A 407 22.40 5.68 31.54
C LEU A 407 22.03 6.62 32.69
N LYS A 408 20.72 6.77 32.95
CA LYS A 408 20.20 7.65 34.03
C LYS A 408 20.71 7.13 35.38
N GLU A 409 20.65 5.83 35.63
CA GLU A 409 21.15 5.23 36.89
C GLU A 409 22.63 5.59 37.06
N LEU A 410 23.41 5.64 35.98
CA LEU A 410 24.87 5.94 35.99
C LEU A 410 25.15 7.45 35.89
N ASN A 411 24.13 8.29 35.80
CA ASN A 411 24.29 9.76 35.65
C ASN A 411 25.09 10.04 34.38
N LEU A 412 24.85 9.28 33.30
CA LEU A 412 25.50 9.48 31.97
C LEU A 412 24.46 9.94 30.93
N HIS A 413 23.21 10.17 31.35
CA HIS A 413 22.09 10.48 30.42
C HIS A 413 22.16 11.93 29.93
N ARG A 414 23.03 12.76 30.51
CA ARG A 414 23.34 14.13 30.01
C ARG A 414 24.84 14.21 29.73
N CYS A 415 25.42 13.09 29.32
CA CYS A 415 26.85 12.93 28.97
C CYS A 415 26.96 12.29 27.59
N LEU A 416 26.41 11.09 27.42
CA LEU A 416 26.59 10.25 26.22
C LEU A 416 25.84 10.85 25.03
N ASN A 417 26.48 10.90 23.88
CA ASN A 417 25.86 11.23 22.56
C ASN A 417 25.35 9.91 21.96
N LEU A 418 24.03 9.75 21.86
CA LEU A 418 23.37 8.56 21.28
C LEU A 418 23.01 8.87 19.83
N ILE A 419 23.42 8.01 18.90
CA ILE A 419 22.91 8.01 17.50
C ILE A 419 22.10 6.73 17.33
N LEU A 420 20.78 6.85 17.32
CA LEU A 420 19.85 5.73 17.02
C LEU A 420 19.65 5.71 15.50
N ILE A 421 19.91 4.58 14.85
CA ILE A 421 20.06 4.52 13.37
C ILE A 421 19.55 3.18 12.87
N SER A 422 19.26 3.06 11.58
CA SER A 422 19.05 1.76 10.90
C SER A 422 19.82 1.73 9.59
N ASP A 423 20.02 0.54 9.07
CA ASP A 423 20.83 0.30 7.84
C ASP A 423 19.97 0.57 6.61
N HIS A 424 18.66 0.30 6.68
CA HIS A 424 17.75 0.33 5.51
C HIS A 424 16.30 0.12 5.95
N GLY A 425 15.37 0.28 5.01
CA GLY A 425 13.95 0.01 5.27
C GLY A 425 13.58 -1.42 4.93
N MET A 426 12.34 -1.64 4.53
CA MET A 426 11.73 -2.96 4.30
C MET A 426 10.53 -2.77 3.39
N GLU A 427 10.32 -3.71 2.48
CA GLU A 427 9.23 -3.70 1.48
C GLU A 427 8.54 -5.07 1.51
N GLN A 428 7.24 -5.11 1.19
CA GLN A 428 6.47 -6.36 1.04
C GLN A 428 6.77 -6.96 -0.34
N GLY A 429 7.42 -8.13 -0.36
CA GLY A 429 7.61 -8.95 -1.57
C GLY A 429 6.32 -9.65 -1.97
N SER A 430 6.23 -10.05 -3.23
CA SER A 430 5.08 -10.79 -3.81
C SER A 430 5.59 -11.78 -4.86
N CYS A 431 5.02 -12.98 -4.89
CA CYS A 431 5.35 -14.03 -5.87
C CYS A 431 4.91 -13.56 -7.27
N LYS A 432 3.97 -12.61 -7.33
CA LYS A 432 3.45 -11.99 -8.58
C LYS A 432 4.34 -10.84 -9.02
N LYS A 433 5.33 -10.42 -8.21
CA LYS A 433 6.27 -9.32 -8.53
C LYS A 433 7.70 -9.85 -8.48
N TYR A 434 7.90 -11.03 -9.07
CA TYR A 434 9.22 -11.71 -9.17
C TYR A 434 9.45 -12.04 -10.64
N ILE A 435 10.57 -11.56 -11.19
CA ILE A 435 10.99 -11.79 -12.60
C ILE A 435 11.96 -12.97 -12.58
N TYR A 436 11.76 -13.92 -13.49
CA TYR A 436 12.63 -15.10 -13.66
C TYR A 436 13.29 -14.96 -15.04
N LEU A 437 14.62 -14.96 -15.07
CA LEU A 437 15.41 -14.74 -16.30
C LEU A 437 15.31 -15.95 -17.23
N ASN A 438 15.05 -17.15 -16.69
CA ASN A 438 14.95 -18.40 -17.48
C ASN A 438 13.82 -18.26 -18.51
N LYS A 439 12.81 -17.42 -18.24
CA LYS A 439 11.72 -17.12 -19.20
C LYS A 439 12.31 -16.55 -20.50
N TYR A 440 13.35 -15.72 -20.42
CA TYR A 440 13.96 -14.99 -21.58
C TYR A 440 15.20 -15.71 -22.10
N LEU A 441 15.93 -16.43 -21.24
CA LEU A 441 17.25 -17.03 -21.59
C LEU A 441 17.16 -18.55 -21.74
N GLY A 442 16.10 -19.18 -21.22
CA GLY A 442 16.03 -20.64 -21.04
C GLY A 442 16.88 -21.10 -19.87
N ASP A 443 16.84 -22.39 -19.52
CA ASP A 443 17.56 -22.95 -18.34
C ASP A 443 19.04 -23.12 -18.68
N VAL A 444 19.72 -22.00 -19.00
CA VAL A 444 21.18 -21.92 -19.26
C VAL A 444 21.93 -22.18 -17.95
N LYS A 445 23.13 -22.72 -18.03
CA LYS A 445 23.94 -23.16 -16.85
C LYS A 445 25.30 -22.46 -16.85
N ASN A 446 25.48 -21.41 -17.66
CA ASN A 446 26.77 -20.70 -17.83
C ASN A 446 26.80 -19.41 -16.99
N ILE A 447 25.67 -19.02 -16.38
CA ILE A 447 25.56 -17.76 -15.59
C ILE A 447 25.07 -18.03 -14.16
N LYS A 448 25.52 -17.18 -13.25
CA LYS A 448 25.15 -17.14 -11.81
C LYS A 448 24.51 -15.76 -11.56
N VAL A 449 23.26 -15.73 -11.13
CA VAL A 449 22.47 -14.48 -10.93
C VAL A 449 22.18 -14.29 -9.44
N ILE A 450 22.76 -13.25 -8.84
CA ILE A 450 22.47 -12.80 -7.44
C ILE A 450 21.02 -12.31 -7.45
N TYR A 451 20.17 -12.93 -6.64
CA TYR A 451 18.69 -12.72 -6.66
C TYR A 451 18.33 -11.51 -5.78
N GLY A 452 17.10 -11.03 -5.92
CA GLY A 452 16.55 -9.92 -5.12
C GLY A 452 16.37 -8.67 -5.97
N PRO A 453 16.16 -7.49 -5.35
CA PRO A 453 15.91 -6.25 -6.09
C PRO A 453 17.20 -5.59 -6.60
N ALA A 454 18.35 -6.01 -6.09
CA ALA A 454 19.69 -5.50 -6.48
C ALA A 454 20.43 -6.59 -7.25
N ALA A 455 19.72 -7.24 -8.17
CA ALA A 455 20.17 -8.44 -8.90
C ALA A 455 21.34 -8.09 -9.82
N ARG A 456 22.30 -8.99 -9.90
CA ARG A 456 23.58 -8.85 -10.64
C ARG A 456 23.87 -10.17 -11.33
N LEU A 457 24.57 -10.14 -12.46
CA LEU A 457 24.85 -11.32 -13.31
C LEU A 457 26.35 -11.42 -13.60
N ARG A 458 26.84 -12.64 -13.58
CA ARG A 458 28.27 -13.03 -13.60
C ARG A 458 28.35 -14.37 -14.34
N PRO A 459 29.40 -14.65 -15.14
CA PRO A 459 29.62 -16.01 -15.64
C PRO A 459 29.90 -17.02 -14.51
N SER A 460 29.48 -18.28 -14.71
CA SER A 460 29.78 -19.43 -13.84
C SER A 460 31.29 -19.71 -13.83
N ASP A 461 31.92 -19.63 -15.01
CA ASP A 461 33.35 -19.96 -15.22
C ASP A 461 34.21 -18.77 -14.80
N VAL A 462 34.56 -18.69 -13.51
CA VAL A 462 35.33 -17.56 -12.91
C VAL A 462 36.53 -18.15 -12.18
N PRO A 463 37.69 -17.46 -12.14
CA PRO A 463 37.85 -16.10 -12.67
C PRO A 463 38.11 -15.95 -14.18
N ASP A 464 38.04 -17.05 -14.95
CA ASP A 464 38.57 -17.12 -16.33
C ASP A 464 37.81 -16.17 -17.26
N LYS A 465 36.48 -16.29 -17.35
CA LYS A 465 35.64 -15.53 -18.30
C LYS A 465 35.10 -14.22 -17.67
N TYR A 466 35.57 -13.81 -16.48
CA TYR A 466 34.91 -12.73 -15.69
C TYR A 466 34.91 -11.41 -16.47
N TYR A 467 36.00 -11.10 -17.17
CA TYR A 467 36.15 -9.86 -17.99
C TYR A 467 35.83 -10.13 -19.47
N SER A 468 36.09 -11.35 -19.96
CA SER A 468 35.98 -11.72 -21.40
C SER A 468 34.52 -11.99 -21.80
N PHE A 469 33.65 -12.30 -20.84
CA PHE A 469 32.25 -12.78 -21.06
C PHE A 469 31.42 -11.71 -21.76
N ASN A 470 30.42 -12.12 -22.54
CA ASN A 470 29.60 -11.24 -23.41
C ASN A 470 28.41 -10.72 -22.61
N TYR A 471 28.66 -9.73 -21.74
CA TYR A 471 27.65 -9.06 -20.90
C TYR A 471 26.69 -8.28 -21.80
N GLU A 472 27.24 -7.48 -22.71
CA GLU A 472 26.46 -6.62 -23.63
C GLU A 472 25.43 -7.47 -24.39
N GLY A 473 25.81 -8.71 -24.73
CA GLY A 473 24.92 -9.70 -25.40
C GLY A 473 23.66 -9.96 -24.59
N ILE A 474 23.83 -10.34 -23.33
CA ILE A 474 22.69 -10.61 -22.40
C ILE A 474 21.95 -9.30 -22.13
N ALA A 475 22.69 -8.21 -21.91
CA ALA A 475 22.11 -6.86 -21.68
C ALA A 475 21.09 -6.56 -22.80
N ARG A 476 21.51 -6.65 -24.06
CA ARG A 476 20.64 -6.38 -25.25
C ARG A 476 19.53 -7.43 -25.34
N ASN A 477 19.85 -8.70 -25.05
CA ASN A 477 18.89 -9.82 -25.08
C ASN A 477 17.72 -9.54 -24.12
N LEU A 478 17.95 -8.90 -22.96
CA LEU A 478 16.93 -8.71 -21.90
C LEU A 478 16.28 -7.31 -21.94
N SER A 479 16.73 -6.40 -22.81
CA SER A 479 16.17 -5.01 -22.94
C SER A 479 14.84 -5.03 -23.67
N CYS A 480 13.89 -4.20 -23.21
CA CYS A 480 12.64 -3.81 -23.92
C CYS A 480 11.94 -5.05 -24.51
N ARG A 481 11.93 -6.16 -23.76
CA ARG A 481 11.33 -7.44 -24.20
C ARG A 481 9.81 -7.40 -24.03
N GLU A 482 9.29 -6.64 -23.07
CA GLU A 482 7.84 -6.39 -22.88
C GLU A 482 7.60 -4.90 -22.61
N PRO A 483 6.39 -4.38 -22.87
CA PRO A 483 6.06 -3.00 -22.52
C PRO A 483 5.81 -2.90 -21.01
N ASN A 484 6.19 -1.78 -20.40
CA ASN A 484 6.12 -1.55 -18.93
C ASN A 484 6.76 -2.76 -18.22
N GLN A 485 7.97 -3.12 -18.67
CA GLN A 485 8.90 -4.08 -18.02
C GLN A 485 9.28 -3.51 -16.65
N NEP A 486 9.45 -4.37 -15.65
CA NEP A 486 9.59 -3.89 -14.28
C NEP A 486 11.05 -4.09 -13.85
O NEP A 486 11.38 -3.88 -12.69
CB NEP A 486 8.62 -4.56 -13.30
CG NEP A 486 7.20 -4.14 -13.47
ND1 NEP A 486 6.72 -3.03 -12.81
CD2 NEP A 486 6.22 -4.68 -14.24
CE1 NEP A 486 5.46 -2.92 -13.16
NE2 NEP A 486 5.09 -3.91 -14.02
P NEP A 486 3.54 -4.11 -14.71
O1P NEP A 486 3.14 -2.81 -15.36
O2P NEP A 486 2.57 -4.50 -13.61
O3P NEP A 486 3.67 -5.22 -15.75
N PHE A 487 11.89 -4.48 -14.81
CA PHE A 487 13.32 -4.58 -14.58
C PHE A 487 14.04 -4.03 -15.80
N LYS A 488 15.32 -3.70 -15.62
CA LYS A 488 16.13 -3.04 -16.66
C LYS A 488 17.57 -3.54 -16.51
N PRO A 489 18.16 -4.16 -17.55
CA PRO A 489 19.57 -4.52 -17.51
C PRO A 489 20.41 -3.26 -17.73
N TYR A 490 21.48 -3.12 -16.96
CA TYR A 490 22.46 -2.03 -17.03
C TYR A 490 23.84 -2.63 -16.92
N LEU A 491 24.74 -2.30 -17.84
CA LEU A 491 26.19 -2.41 -17.56
C LEU A 491 26.46 -1.43 -16.42
N LYS A 492 27.32 -1.79 -15.48
CA LYS A 492 27.44 -1.06 -14.18
C LYS A 492 27.77 0.41 -14.42
N HIS A 493 28.56 0.76 -15.45
CA HIS A 493 28.98 2.17 -15.73
C HIS A 493 27.80 3.00 -16.26
N PHE A 494 26.70 2.35 -16.69
CA PHE A 494 25.50 3.04 -17.23
C PHE A 494 24.44 3.26 -16.15
N LEU A 495 24.57 2.65 -14.96
CA LEU A 495 23.69 2.92 -13.79
C LEU A 495 23.75 4.41 -13.45
N PRO A 496 22.65 5.01 -12.94
CA PRO A 496 22.67 6.40 -12.49
C PRO A 496 23.85 6.64 -11.54
N LYS A 497 24.57 7.75 -11.75
CA LYS A 497 25.82 8.06 -11.02
C LYS A 497 25.52 8.25 -9.53
N ARG A 498 24.30 8.70 -9.20
CA ARG A 498 23.88 8.93 -7.79
C ARG A 498 24.02 7.65 -6.97
N LEU A 499 24.00 6.47 -7.61
CA LEU A 499 24.13 5.17 -6.92
C LEU A 499 25.60 4.88 -6.58
N HIS A 500 26.54 5.59 -7.21
CA HIS A 500 28.01 5.38 -7.04
C HIS A 500 28.30 3.88 -6.91
N PHE A 501 27.87 3.07 -7.87
CA PHE A 501 27.88 1.60 -7.76
C PHE A 501 28.55 0.90 -8.95
N ALA A 502 29.81 1.23 -9.28
CA ALA A 502 30.56 0.66 -10.43
C ALA A 502 32.05 0.41 -10.12
N LYS A 503 32.74 1.30 -9.42
CA LYS A 503 34.23 1.34 -9.39
C LYS A 503 34.80 -0.05 -9.08
N SER A 504 34.32 -0.74 -8.03
CA SER A 504 34.84 -2.03 -7.52
C SER A 504 34.72 -3.15 -8.57
N ASP A 505 35.73 -4.02 -8.65
CA ASP A 505 35.74 -5.25 -9.48
C ASP A 505 34.81 -6.31 -8.89
N ARG A 506 34.39 -6.14 -7.63
CA ARG A 506 33.45 -7.07 -6.93
C ARG A 506 32.01 -6.77 -7.34
N ILE A 507 31.76 -5.67 -8.06
CA ILE A 507 30.43 -5.36 -8.66
C ILE A 507 30.38 -6.00 -10.05
N GLU A 508 29.50 -6.99 -10.22
CA GLU A 508 29.35 -7.76 -11.47
C GLU A 508 29.14 -6.75 -12.60
N PRO A 509 29.83 -6.87 -13.76
CA PRO A 509 29.68 -5.95 -14.88
C PRO A 509 28.24 -5.74 -15.39
N LEU A 510 27.36 -6.71 -15.20
CA LEU A 510 25.91 -6.58 -15.54
C LEU A 510 25.09 -6.56 -14.25
N THR A 511 24.33 -5.48 -14.04
CA THR A 511 23.43 -5.27 -12.89
C THR A 511 22.01 -5.08 -13.41
N PHE A 512 21.01 -5.26 -12.55
CA PHE A 512 19.58 -5.02 -12.88
C PHE A 512 19.05 -3.93 -11.96
N TYR A 513 18.31 -2.99 -12.54
CA TYR A 513 17.52 -1.96 -11.82
C TYR A 513 16.07 -2.43 -11.75
N LEU A 514 15.58 -2.68 -10.54
CA LEU A 514 14.20 -3.20 -10.31
C LEU A 514 13.30 -2.05 -9.88
N ASP A 515 12.04 -2.10 -10.31
CA ASP A 515 10.99 -1.13 -9.93
C ASP A 515 10.63 -1.41 -8.47
N PRO A 516 10.00 -0.45 -7.76
CA PRO A 516 9.60 -0.68 -6.37
C PRO A 516 8.77 -1.97 -6.27
N GLN A 517 9.10 -2.82 -5.28
CA GLN A 517 8.34 -4.03 -4.86
C GLN A 517 8.74 -5.24 -5.73
N TRP A 518 9.56 -5.04 -6.75
CA TRP A 518 9.92 -6.09 -7.74
C TRP A 518 11.29 -6.67 -7.40
N GLN A 519 11.44 -7.98 -7.59
CA GLN A 519 12.71 -8.72 -7.43
C GLN A 519 12.95 -9.58 -8.67
N LEU A 520 14.16 -10.12 -8.80
CA LEU A 520 14.62 -10.89 -9.99
C LEU A 520 15.52 -12.03 -9.52
N ALA A 521 15.37 -13.20 -10.14
CA ALA A 521 16.23 -14.39 -9.96
C ALA A 521 16.40 -15.08 -11.32
N LEU A 522 17.30 -16.05 -11.41
CA LEU A 522 17.46 -16.90 -12.63
C LEU A 522 16.19 -17.73 -12.81
N ASN A 523 15.76 -18.41 -11.74
CA ASN A 523 14.60 -19.34 -11.74
C ASN A 523 14.03 -19.41 -10.31
N PRO A 524 12.77 -19.89 -10.13
CA PRO A 524 12.18 -20.03 -8.80
C PRO A 524 12.93 -20.91 -7.77
N SER A 525 13.82 -21.80 -8.21
CA SER A 525 14.66 -22.65 -7.33
C SER A 525 15.70 -21.79 -6.60
N GLU A 526 16.27 -20.80 -7.29
CA GLU A 526 17.44 -20.00 -6.81
C GLU A 526 16.95 -18.67 -6.21
N ARG A 527 16.07 -18.75 -5.21
CA ARG A 527 15.55 -17.62 -4.40
C ARG A 527 14.81 -18.21 -3.19
N LYS A 528 14.63 -17.41 -2.13
CA LYS A 528 13.88 -17.80 -0.91
C LYS A 528 12.40 -17.49 -1.15
N TYR A 529 11.56 -17.52 -0.10
CA TYR A 529 10.09 -17.30 -0.19
C TYR A 529 9.85 -15.93 -0.83
N CYS A 530 9.13 -15.90 -1.95
CA CYS A 530 8.86 -14.68 -2.75
C CYS A 530 7.93 -13.73 -1.99
N GLY A 531 7.16 -14.26 -1.03
CA GLY A 531 6.15 -13.50 -0.26
C GLY A 531 6.73 -12.85 0.98
N SER A 532 8.02 -13.02 1.24
CA SER A 532 8.71 -12.44 2.42
C SER A 532 8.88 -10.93 2.25
N GLY A 533 9.07 -10.22 3.36
CA GLY A 533 9.61 -8.85 3.35
C GLY A 533 11.00 -8.86 2.74
N PHE A 534 11.36 -7.82 1.99
CA PHE A 534 12.72 -7.70 1.39
C PHE A 534 13.15 -6.23 1.42
N HIS A 535 14.43 -6.03 1.13
CA HIS A 535 15.10 -4.73 0.91
C HIS A 535 16.26 -4.95 -0.04
N GLY A 536 16.89 -3.88 -0.51
CA GLY A 536 18.05 -3.94 -1.44
C GLY A 536 17.84 -3.01 -2.62
N SER A 537 16.59 -2.57 -2.83
CA SER A 537 16.15 -1.65 -3.90
C SER A 537 16.90 -0.30 -3.85
N ASP A 538 16.70 0.48 -4.91
CA ASP A 538 17.14 1.89 -5.07
C ASP A 538 17.03 2.65 -3.75
N ASN A 539 18.11 3.31 -3.33
CA ASN A 539 18.22 3.98 -2.01
C ASN A 539 17.34 5.24 -1.95
N VAL A 540 16.62 5.61 -3.02
CA VAL A 540 15.66 6.76 -2.97
C VAL A 540 14.22 6.27 -2.85
N PHE A 541 13.95 4.97 -2.90
CA PHE A 541 12.59 4.43 -2.66
C PHE A 541 12.21 4.72 -1.20
N SER A 542 10.97 5.22 -1.00
CA SER A 542 10.39 5.62 0.30
C SER A 542 10.60 4.54 1.37
N ASN A 543 10.27 3.29 1.02
CA ASN A 543 10.22 2.17 1.99
C ASN A 543 11.64 1.68 2.30
N MET A 544 12.66 2.11 1.55
CA MET A 544 14.07 1.78 1.87
C MET A 544 14.69 2.82 2.81
N GLN A 545 14.03 3.97 3.04
CA GLN A 545 14.58 5.06 3.88
C GLN A 545 14.73 4.59 5.33
N ALA A 546 15.72 5.12 6.05
CA ALA A 546 16.16 4.60 7.37
C ALA A 546 15.89 5.59 8.50
N LEU A 547 16.06 5.11 9.73
CA LEU A 547 15.89 5.84 11.00
C LEU A 547 17.18 6.62 11.28
N PHE A 548 17.05 7.87 11.76
CA PHE A 548 18.15 8.61 12.42
C PHE A 548 17.56 9.49 13.52
N VAL A 549 18.01 9.27 14.76
CA VAL A 549 17.77 10.17 15.91
C VAL A 549 19.12 10.40 16.61
N GLY A 550 19.50 11.65 16.79
CA GLY A 550 20.67 12.06 17.60
C GLY A 550 20.20 12.71 18.88
N TYR A 551 20.71 12.27 20.02
CA TYR A 551 20.35 12.81 21.36
C TYR A 551 21.62 12.88 22.22
N GLY A 552 21.82 14.02 22.89
CA GLY A 552 22.94 14.22 23.82
C GLY A 552 23.47 15.65 23.77
N PRO A 553 24.53 15.95 24.55
CA PRO A 553 25.07 17.29 24.63
C PRO A 553 25.46 17.89 23.27
N GLY A 554 25.98 17.05 22.37
CA GLY A 554 26.50 17.46 21.05
C GLY A 554 25.40 17.85 20.08
N PHE A 555 24.19 17.32 20.27
CA PHE A 555 23.08 17.47 19.29
C PHE A 555 22.11 18.56 19.73
N LYS A 556 21.50 19.22 18.77
CA LYS A 556 20.39 20.18 19.03
C LYS A 556 19.17 19.42 19.56
N HIS A 557 18.23 20.17 20.13
CA HIS A 557 17.01 19.66 20.82
C HIS A 557 15.76 20.08 20.03
N GLY A 558 14.91 19.14 19.66
CA GLY A 558 13.60 19.42 19.01
C GLY A 558 13.76 19.91 17.58
N ILE A 559 14.81 19.50 16.90
CA ILE A 559 15.10 19.90 15.49
C ILE A 559 14.64 18.76 14.57
N GLU A 560 13.94 19.09 13.49
CA GLU A 560 13.63 18.14 12.39
C GLU A 560 14.45 18.59 11.17
N ALA A 561 15.55 17.91 10.88
CA ALA A 561 16.47 18.24 9.76
C ALA A 561 15.95 17.60 8.47
N ASP A 562 16.26 18.24 7.34
CA ASP A 562 15.93 17.73 5.99
C ASP A 562 16.68 16.41 5.79
N THR A 563 16.19 15.56 4.87
CA THR A 563 16.81 14.27 4.49
C THR A 563 18.31 14.43 4.26
N PHE A 564 19.14 13.59 4.89
CA PHE A 564 20.58 13.47 4.60
C PHE A 564 20.94 11.98 4.45
N GLU A 565 22.17 11.73 3.95
CA GLU A 565 22.69 10.39 3.58
C GLU A 565 23.52 9.81 4.73
N ASN A 566 23.49 8.49 4.92
CA ASN A 566 24.19 7.82 6.03
C ASN A 566 25.72 7.97 5.89
N ILE A 567 26.22 8.28 4.68
CA ILE A 567 27.69 8.49 4.43
C ILE A 567 28.15 9.76 5.13
N GLU A 568 27.25 10.67 5.51
CA GLU A 568 27.59 11.94 6.21
C GLU A 568 27.83 11.68 7.71
N VAL A 569 27.54 10.49 8.21
CA VAL A 569 27.46 10.24 9.68
C VAL A 569 28.87 10.07 10.26
N TYR A 570 29.80 9.52 9.48
CA TYR A 570 31.21 9.33 9.92
C TYR A 570 31.81 10.68 10.34
N ASN A 571 31.73 11.70 9.49
CA ASN A 571 32.26 13.07 9.78
C ASN A 571 31.62 13.60 11.08
N LEU A 572 30.30 13.41 11.22
CA LEU A 572 29.50 13.86 12.39
C LEU A 572 30.05 13.19 13.66
N MET A 573 30.28 11.87 13.62
CA MET A 573 30.79 11.13 14.79
C MET A 573 32.23 11.56 15.08
N CYS A 574 33.02 11.84 14.05
CA CYS A 574 34.40 12.38 14.22
C CYS A 574 34.30 13.72 14.97
N ASP A 575 33.37 14.59 14.57
CA ASP A 575 33.16 15.92 15.22
C ASP A 575 32.76 15.71 16.69
N LEU A 576 31.85 14.77 16.98
CA LEU A 576 31.38 14.49 18.36
C LEU A 576 32.54 13.97 19.23
N LEU A 577 33.52 13.28 18.63
CA LEU A 577 34.66 12.68 19.35
C LEU A 577 35.91 13.56 19.25
N ASN A 578 35.82 14.74 18.64
CA ASN A 578 36.98 15.65 18.38
C ASN A 578 38.09 14.88 17.64
N LEU A 579 37.73 14.04 16.65
CA LEU A 579 38.68 13.30 15.78
C LEU A 579 38.82 14.00 14.43
N THR A 580 39.99 13.90 13.82
CA THR A 580 40.22 14.25 12.40
C THR A 580 39.72 13.08 11.57
N PRO A 581 38.70 13.29 10.71
CA PRO A 581 38.19 12.22 9.85
C PRO A 581 39.18 11.82 8.77
N ALA A 582 39.32 10.51 8.52
CA ALA A 582 39.96 9.93 7.33
C ALA A 582 39.24 10.45 6.08
N PRO A 583 39.90 10.46 4.90
CA PRO A 583 39.23 10.81 3.65
C PRO A 583 38.04 9.87 3.39
N ASN A 584 36.87 10.45 3.07
CA ASN A 584 35.58 9.72 2.92
C ASN A 584 34.68 10.50 1.96
N ASN A 585 33.48 10.00 1.68
CA ASN A 585 32.57 10.53 0.63
C ASN A 585 31.57 11.51 1.25
N GLY A 586 31.60 11.68 2.57
CA GLY A 586 30.85 12.76 3.24
C GLY A 586 31.45 14.10 2.92
N THR A 587 30.60 15.14 2.87
CA THR A 587 30.98 16.57 2.78
C THR A 587 31.10 17.14 4.20
N HIS A 588 32.31 17.24 4.72
CA HIS A 588 32.57 17.70 6.12
C HIS A 588 32.00 19.11 6.29
N GLY A 589 31.04 19.28 7.20
CA GLY A 589 30.37 20.56 7.47
C GLY A 589 28.93 20.57 7.01
N SER A 590 28.53 19.63 6.14
CA SER A 590 27.14 19.55 5.61
C SER A 590 26.14 19.22 6.73
N LEU A 591 26.57 18.60 7.84
CA LEU A 591 25.69 18.28 8.99
C LEU A 591 26.01 19.17 10.20
N ASN A 592 26.63 20.33 10.01
CA ASN A 592 26.96 21.27 11.12
C ASN A 592 25.66 21.77 11.76
N HIS A 593 24.57 21.89 10.98
CA HIS A 593 23.24 22.35 11.48
C HIS A 593 22.62 21.36 12.49
N LEU A 594 23.14 20.13 12.63
CA LEU A 594 22.68 19.13 13.63
C LEU A 594 23.34 19.38 14.99
N LEU A 595 24.46 20.10 15.05
CA LEU A 595 25.36 20.19 16.23
C LEU A 595 25.16 21.52 16.97
N LYS A 596 25.14 21.48 18.31
CA LYS A 596 25.13 22.69 19.18
C LYS A 596 26.38 23.53 18.87
N ASN A 597 27.56 22.90 18.83
CA ASN A 597 28.89 23.57 18.72
C ASN A 597 29.75 22.88 17.65
N PRO A 598 29.51 23.18 16.36
CA PRO A 598 30.33 22.62 15.28
C PRO A 598 31.82 22.87 15.56
N VAL A 599 32.68 21.87 15.29
CA VAL A 599 34.15 21.95 15.55
C VAL A 599 34.90 22.24 14.25
N TYR A 600 34.26 22.00 13.10
CA TYR A 600 34.85 22.19 11.77
C TYR A 600 34.07 23.27 11.03
N THR A 601 34.75 24.36 10.68
CA THR A 601 34.21 25.42 9.79
C THR A 601 34.72 25.14 8.38
N PRO A 602 33.85 24.72 7.44
CA PRO A 602 34.30 24.41 6.09
C PRO A 602 34.58 25.72 5.32
N LYS A 603 35.48 25.64 4.35
CA LYS A 603 35.78 26.73 3.40
C LYS A 603 35.52 26.22 1.98
N HIS A 604 35.05 27.10 1.10
CA HIS A 604 34.96 26.84 -0.35
C HIS A 604 36.34 26.41 -0.83
N PRO A 605 36.46 25.40 -1.71
CA PRO A 605 37.78 24.98 -2.22
C PRO A 605 38.33 26.11 -3.10
N LYS A 606 39.64 26.38 -2.98
CA LYS A 606 40.32 27.52 -3.67
C LYS A 606 40.70 27.08 -5.10
N GLU A 607 40.31 27.89 -6.08
CA GLU A 607 40.64 27.75 -7.52
C GLU A 607 42.16 27.78 -7.69
N VAL A 608 42.72 26.81 -8.43
CA VAL A 608 44.19 26.51 -8.48
C VAL A 608 44.89 27.61 -9.32
N HIS A 609 44.64 27.66 -10.63
CA HIS A 609 45.13 28.71 -11.55
C HIS A 609 43.99 29.69 -11.82
N PRO A 610 44.23 31.02 -11.77
CA PRO A 610 43.21 32.01 -12.18
C PRO A 610 43.03 31.98 -13.70
N LEU A 611 41.85 32.37 -14.19
CA LEU A 611 41.39 32.10 -15.57
C LEU A 611 42.34 32.78 -16.57
N VAL A 612 42.74 32.06 -17.63
CA VAL A 612 43.58 32.59 -18.74
C VAL A 612 42.66 33.46 -19.61
N GLN A 613 43.22 34.38 -20.41
CA GLN A 613 42.44 35.29 -21.28
C GLN A 613 42.41 34.73 -22.71
N CYS A 614 41.22 34.77 -23.33
CA CYS A 614 40.97 34.45 -24.76
C CYS A 614 40.73 35.76 -25.50
N PRO A 615 41.81 36.48 -25.90
CA PRO A 615 41.65 37.75 -26.60
C PRO A 615 41.22 37.51 -28.05
N PHE A 616 40.40 38.40 -28.60
CA PHE A 616 40.05 38.46 -30.04
C PHE A 616 41.36 38.48 -30.84
N THR A 617 41.44 37.71 -31.92
CA THR A 617 42.59 37.68 -32.86
C THR A 617 42.06 37.95 -34.27
N ARG A 618 42.57 39.01 -34.93
CA ARG A 618 42.26 39.35 -36.35
C ARG A 618 42.56 38.12 -37.22
N ASN A 619 41.53 37.60 -37.89
CA ASN A 619 41.60 36.36 -38.72
C ASN A 619 40.57 36.46 -39.84
N PRO A 620 40.71 35.64 -40.91
CA PRO A 620 39.78 35.70 -42.04
C PRO A 620 38.50 34.93 -41.67
N ARG A 621 37.34 35.40 -42.12
CA ARG A 621 36.05 34.66 -42.08
C ARG A 621 36.24 33.42 -42.95
N ASP A 622 36.52 32.26 -42.34
CA ASP A 622 36.71 30.96 -43.03
C ASP A 622 35.33 30.33 -43.29
N ASN A 623 35.27 29.41 -44.27
CA ASN A 623 34.06 28.62 -44.62
C ASN A 623 33.97 27.44 -43.66
N LEU A 624 32.86 27.33 -42.93
CA LEU A 624 32.59 26.22 -41.98
C LEU A 624 31.75 25.13 -42.64
N GLY A 625 31.20 25.40 -43.84
CA GLY A 625 30.42 24.44 -44.64
C GLY A 625 28.96 24.42 -44.25
N CYS A 626 28.46 25.52 -43.68
N CYS A 626 28.46 25.52 -43.68
CA CYS A 626 27.11 25.62 -43.06
CA CYS A 626 27.11 25.62 -43.06
C CYS A 626 26.10 26.08 -44.11
C CYS A 626 26.10 26.08 -44.11
N SER A 627 24.89 25.49 -44.08
CA SER A 627 23.69 25.94 -44.84
C SER A 627 22.70 26.58 -43.85
N CYS A 628 23.09 27.71 -43.23
CA CYS A 628 22.28 28.45 -42.22
C CYS A 628 20.89 28.77 -42.78
N ASN A 629 19.85 28.66 -41.94
CA ASN A 629 18.47 29.13 -42.23
C ASN A 629 18.51 30.63 -42.48
N PRO A 630 17.81 31.16 -43.51
CA PRO A 630 17.92 32.58 -43.86
C PRO A 630 17.41 33.54 -42.77
N SER A 631 16.47 33.08 -41.93
CA SER A 631 15.85 33.84 -40.81
C SER A 631 16.92 34.33 -39.83
N ILE A 632 17.99 33.56 -39.65
CA ILE A 632 19.05 33.82 -38.63
C ILE A 632 19.87 35.02 -39.09
N LEU A 633 20.06 36.00 -38.21
CA LEU A 633 20.78 37.27 -38.49
C LEU A 633 22.24 37.07 -38.09
N PRO A 634 23.17 36.81 -39.03
CA PRO A 634 24.57 36.53 -38.68
C PRO A 634 25.28 37.67 -37.91
N ILE A 635 26.55 37.44 -37.55
CA ILE A 635 27.43 38.41 -36.85
C ILE A 635 28.31 39.11 -37.90
N GLU A 636 28.06 40.40 -38.16
CA GLU A 636 28.55 41.15 -39.35
C GLU A 636 29.90 41.81 -39.02
N ASP A 637 30.02 42.37 -37.82
CA ASP A 637 31.30 42.88 -37.25
C ASP A 637 31.46 42.24 -35.87
N PHE A 638 32.28 41.18 -35.77
CA PHE A 638 32.52 40.40 -34.54
C PHE A 638 33.16 41.33 -33.49
N GLN A 639 34.27 42.00 -33.83
CA GLN A 639 35.06 42.87 -32.91
C GLN A 639 34.16 43.94 -32.30
N THR A 640 33.20 44.48 -33.07
CA THR A 640 32.20 45.49 -32.62
C THR A 640 31.23 44.87 -31.59
N GLN A 641 30.68 43.69 -31.89
CA GLN A 641 29.57 43.03 -31.14
C GLN A 641 30.09 42.37 -29.85
N PHE A 642 31.42 42.21 -29.71
CA PHE A 642 32.10 41.54 -28.57
C PHE A 642 33.16 42.45 -27.95
N ASN A 643 33.02 43.77 -28.13
CA ASN A 643 33.79 44.82 -27.39
C ASN A 643 32.79 45.52 -26.45
N LEU A 644 32.68 44.98 -25.22
CA LEU A 644 31.61 45.33 -24.23
C LEU A 644 32.16 46.39 -23.26
N THR A 645 31.33 47.37 -22.89
CA THR A 645 31.65 48.41 -21.87
C THR A 645 31.56 47.76 -20.49
N VAL A 646 32.44 48.18 -19.56
CA VAL A 646 32.50 47.66 -18.15
C VAL A 646 31.08 47.73 -17.55
N ALA A 647 30.34 48.80 -17.85
CA ALA A 647 28.92 49.01 -17.47
C ALA A 647 28.05 47.86 -18.01
N GLU A 648 28.18 47.56 -19.30
CA GLU A 648 27.41 46.50 -20.02
C GLU A 648 27.75 45.12 -19.45
N GLU A 649 29.03 44.89 -19.09
CA GLU A 649 29.56 43.59 -18.59
C GLU A 649 29.01 43.31 -17.18
N LYS A 650 29.00 44.32 -16.30
CA LYS A 650 28.43 44.25 -14.93
C LYS A 650 26.98 43.73 -15.01
N ILE A 651 26.19 44.27 -15.95
CA ILE A 651 24.78 43.88 -16.19
C ILE A 651 24.72 42.39 -16.55
N ILE A 652 25.56 41.94 -17.49
CA ILE A 652 25.59 40.54 -18.02
C ILE A 652 26.02 39.58 -16.90
N LYS A 653 27.12 39.92 -16.20
CA LYS A 653 27.70 39.11 -15.10
C LYS A 653 26.63 38.85 -14.03
N HIS A 654 25.89 39.88 -13.63
CA HIS A 654 24.80 39.83 -12.61
C HIS A 654 23.66 38.92 -13.07
N GLU A 655 23.40 38.83 -14.37
CA GLU A 655 22.23 38.11 -14.96
C GLU A 655 22.57 36.65 -15.24
N THR A 656 23.84 36.33 -15.51
CA THR A 656 24.28 34.99 -15.98
C THR A 656 25.05 34.26 -14.88
N LEU A 657 25.68 34.96 -13.94
CA LEU A 657 26.42 34.37 -12.81
C LEU A 657 25.96 35.02 -11.51
N PRO A 658 24.66 34.91 -11.15
CA PRO A 658 24.15 35.49 -9.91
C PRO A 658 24.78 34.90 -8.63
N TYR A 659 25.43 33.73 -8.75
CA TYR A 659 26.00 32.97 -7.62
C TYR A 659 27.53 32.94 -7.73
N GLY A 660 28.06 33.66 -8.71
CA GLY A 660 29.48 33.59 -9.09
C GLY A 660 29.71 32.53 -10.13
N ARG A 661 30.86 32.59 -10.81
CA ARG A 661 31.20 31.62 -11.87
C ARG A 661 31.60 30.31 -11.21
N PRO A 662 31.27 29.15 -11.81
CA PRO A 662 31.91 27.89 -11.45
C PRO A 662 33.43 28.07 -11.40
N ARG A 663 34.08 27.56 -10.36
CA ARG A 663 35.55 27.60 -10.18
C ARG A 663 36.10 26.21 -10.53
N VAL A 664 37.28 26.15 -11.13
CA VAL A 664 37.91 24.89 -11.62
C VAL A 664 38.97 24.46 -10.62
N LEU A 665 38.88 23.22 -10.12
CA LEU A 665 39.78 22.66 -9.07
C LEU A 665 40.78 21.69 -9.69
N GLN A 666 40.75 21.50 -11.02
CA GLN A 666 41.66 20.59 -11.77
C GLN A 666 43.04 21.25 -11.85
N LYS A 667 44.11 20.45 -11.72
CA LYS A 667 45.51 20.92 -11.51
C LYS A 667 46.11 21.35 -12.86
N GLU A 668 46.38 20.39 -13.75
CA GLU A 668 46.92 20.63 -15.12
C GLU A 668 45.73 20.93 -16.05
N ASN A 669 45.33 22.20 -16.13
CA ASN A 669 44.12 22.65 -16.87
C ASN A 669 44.22 24.14 -17.15
N THR A 670 43.79 24.57 -18.36
CA THR A 670 43.87 25.97 -18.86
C THR A 670 42.52 26.35 -19.48
N ILE A 671 41.73 27.14 -18.74
CA ILE A 671 40.35 27.58 -19.09
C ILE A 671 40.37 29.09 -19.27
N CYS A 672 39.48 29.61 -20.12
CA CYS A 672 39.32 31.07 -20.36
C CYS A 672 37.84 31.41 -20.34
N LEU A 673 37.49 32.59 -19.83
CA LEU A 673 36.09 33.10 -19.80
C LEU A 673 35.73 33.60 -21.20
N LEU A 674 34.57 33.20 -21.73
CA LEU A 674 33.97 33.79 -22.96
C LEU A 674 32.69 34.51 -22.56
N SER A 675 32.63 35.82 -22.79
CA SER A 675 31.42 36.65 -22.54
C SER A 675 30.55 36.66 -23.80
N GLN A 676 29.23 36.66 -23.62
CA GLN A 676 28.18 36.78 -24.66
C GLN A 676 27.03 37.53 -23.99
N HIS A 677 25.99 37.95 -24.71
CA HIS A 677 24.92 38.85 -24.16
C HIS A 677 23.95 38.06 -23.27
N GLN A 678 23.68 36.79 -23.61
CA GLN A 678 22.67 35.94 -22.92
C GLN A 678 23.34 34.88 -22.01
N PHE A 679 24.65 34.65 -22.14
CA PHE A 679 25.35 33.56 -21.40
C PHE A 679 26.86 33.79 -21.28
N MET A 680 27.46 33.24 -20.23
CA MET A 680 28.93 33.19 -19.99
C MET A 680 29.38 31.73 -20.11
N SER A 681 30.68 31.47 -20.21
CA SER A 681 31.20 30.10 -20.43
C SER A 681 32.67 30.02 -20.05
N GLY A 682 33.09 28.83 -19.62
CA GLY A 682 34.49 28.47 -19.37
C GLY A 682 34.94 27.53 -20.47
N TYR A 683 35.86 27.99 -21.33
CA TYR A 683 36.31 27.25 -22.53
C TYR A 683 37.65 26.58 -22.24
N SER A 684 37.75 25.29 -22.54
CA SER A 684 38.99 24.48 -22.43
C SER A 684 39.68 24.45 -23.80
N GLN A 685 40.87 25.06 -23.88
CA GLN A 685 41.76 24.98 -25.06
C GLN A 685 42.22 23.52 -25.19
N ASP A 686 42.39 22.83 -24.05
CA ASP A 686 42.94 21.45 -23.94
C ASP A 686 42.00 20.41 -24.57
N ILE A 687 40.68 20.62 -24.53
CA ILE A 687 39.70 19.62 -25.08
C ILE A 687 38.78 20.27 -26.12
N LEU A 688 39.03 21.52 -26.49
CA LEU A 688 38.39 22.23 -27.64
C LEU A 688 36.87 22.20 -27.43
N MET A 689 36.42 22.77 -26.32
CA MET A 689 35.04 22.56 -25.79
C MET A 689 34.88 23.40 -24.53
N PRO A 690 33.66 23.92 -24.25
CA PRO A 690 33.39 24.53 -22.96
C PRO A 690 33.22 23.46 -21.86
N LEU A 691 33.82 23.67 -20.69
CA LEU A 691 33.61 22.84 -19.48
C LEU A 691 32.25 23.19 -18.86
N TRP A 692 31.76 24.41 -19.07
CA TRP A 692 30.47 24.90 -18.52
C TRP A 692 30.01 26.17 -19.24
N THR A 693 28.70 26.28 -19.50
CA THR A 693 27.98 27.56 -19.77
C THR A 693 27.06 27.86 -18.59
N SER A 694 26.79 29.14 -18.37
CA SER A 694 25.79 29.63 -17.39
C SER A 694 24.89 30.66 -18.08
N TYR A 695 23.58 30.46 -18.02
CA TYR A 695 22.55 31.44 -18.46
C TYR A 695 21.36 31.41 -17.52
N THR A 696 20.45 32.37 -17.68
CA THR A 696 19.20 32.49 -16.88
C THR A 696 18.03 32.63 -17.85
N VAL A 697 17.06 31.72 -17.77
CA VAL A 697 15.75 31.80 -18.48
C VAL A 697 14.78 32.55 -17.56
N ASP A 698 14.19 33.64 -18.05
CA ASP A 698 13.17 34.44 -17.30
C ASP A 698 11.78 33.92 -17.67
N ARG A 699 10.78 34.23 -16.83
CA ARG A 699 9.41 33.66 -16.93
C ARG A 699 8.82 33.94 -18.32
N ASN A 700 8.97 35.17 -18.82
N ASN A 700 8.99 35.17 -18.82
CA ASN A 700 8.34 35.65 -20.08
CA ASN A 700 8.36 35.68 -20.07
C ASN A 700 9.39 35.71 -21.20
C ASN A 700 9.39 35.72 -21.20
N ASP A 701 10.28 34.71 -21.29
CA ASP A 701 11.28 34.59 -22.37
C ASP A 701 10.73 33.69 -23.48
N SER A 702 11.16 33.93 -24.72
CA SER A 702 10.65 33.26 -25.96
C SER A 702 11.57 32.10 -26.35
N PHE A 703 10.98 30.95 -26.68
CA PHE A 703 11.68 29.76 -27.24
C PHE A 703 11.22 29.55 -28.69
N SER A 704 12.14 29.67 -29.64
CA SER A 704 11.88 29.57 -31.10
C SER A 704 11.71 28.10 -31.50
N THR A 705 10.82 27.82 -32.45
CA THR A 705 10.67 26.49 -33.12
C THR A 705 11.45 26.49 -34.44
N GLU A 706 12.00 27.65 -34.84
CA GLU A 706 12.75 27.82 -36.12
C GLU A 706 13.95 26.86 -36.14
N ASP A 707 14.22 26.24 -37.30
CA ASP A 707 15.38 25.32 -37.49
C ASP A 707 16.69 26.12 -37.44
N PHE A 708 17.72 25.55 -36.81
CA PHE A 708 19.09 26.13 -36.69
C PHE A 708 20.15 25.04 -36.87
N SER A 709 19.78 23.91 -37.49
CA SER A 709 20.70 22.78 -37.82
C SER A 709 21.70 23.24 -38.87
N ASN A 710 22.90 22.66 -38.87
CA ASN A 710 23.94 22.92 -39.89
C ASN A 710 24.12 24.44 -40.01
N CYS A 711 24.14 25.15 -38.88
CA CYS A 711 24.47 26.58 -38.80
C CYS A 711 25.45 26.82 -37.64
N LEU A 712 26.61 27.41 -37.95
CA LEU A 712 27.67 27.79 -37.00
C LEU A 712 28.29 29.11 -37.45
N TYR A 713 28.66 29.98 -36.51
CA TYR A 713 29.42 31.23 -36.72
C TYR A 713 30.77 31.06 -36.04
N GLN A 714 31.84 31.50 -36.70
CA GLN A 714 33.24 31.37 -36.20
C GLN A 714 33.41 32.29 -34.99
N ASP A 715 34.08 31.80 -33.95
CA ASP A 715 34.48 32.63 -32.78
C ASP A 715 35.95 32.98 -32.97
N PHE A 716 36.26 34.26 -33.17
CA PHE A 716 37.63 34.73 -33.50
C PHE A 716 38.48 34.80 -32.24
N ARG A 717 37.94 34.37 -31.08
CA ARG A 717 38.67 34.39 -29.79
C ARG A 717 39.50 33.11 -29.59
N ILE A 718 39.18 32.04 -30.35
CA ILE A 718 39.92 30.74 -30.30
C ILE A 718 40.29 30.33 -31.73
N PRO A 719 41.45 29.66 -31.92
CA PRO A 719 41.81 29.15 -33.24
C PRO A 719 40.73 28.20 -33.76
N LEU A 720 40.28 28.42 -35.00
CA LEU A 720 39.32 27.53 -35.71
C LEU A 720 39.98 26.16 -35.89
N SER A 721 39.22 25.09 -35.66
CA SER A 721 39.68 23.67 -35.77
C SER A 721 38.69 22.90 -36.64
N PRO A 722 39.12 21.84 -37.36
CA PRO A 722 38.21 21.07 -38.20
C PRO A 722 36.94 20.58 -37.47
N VAL A 723 37.03 20.27 -36.17
CA VAL A 723 35.88 19.72 -35.38
C VAL A 723 34.92 20.85 -34.98
N HIS A 724 35.25 22.11 -35.25
CA HIS A 724 34.38 23.30 -35.01
C HIS A 724 33.61 23.69 -36.28
N LYS A 725 33.68 22.90 -37.36
CA LYS A 725 33.09 23.24 -38.68
C LYS A 725 31.90 22.32 -38.96
N CYS A 726 30.80 22.90 -39.49
CA CYS A 726 29.60 22.16 -39.97
C CYS A 726 30.01 20.98 -40.87
N SER A 727 31.09 21.14 -41.63
CA SER A 727 31.58 20.19 -42.66
C SER A 727 32.01 18.86 -42.01
N PHE A 728 32.65 18.92 -40.84
CA PHE A 728 33.11 17.75 -40.05
C PHE A 728 31.92 16.86 -39.68
N TYR A 729 30.74 17.46 -39.45
CA TYR A 729 29.52 16.80 -38.94
C TYR A 729 28.54 16.48 -40.07
N LYS A 730 28.69 17.10 -41.25
CA LYS A 730 27.75 16.92 -42.39
C LYS A 730 27.68 15.43 -42.77
N ASN A 731 26.50 14.81 -42.64
CA ASN A 731 26.23 13.38 -42.91
C ASN A 731 27.27 12.49 -42.21
N ASN A 732 27.75 12.92 -41.04
CA ASN A 732 28.65 12.14 -40.15
C ASN A 732 27.77 11.21 -39.29
N THR A 733 28.01 9.90 -39.40
CA THR A 733 27.17 8.82 -38.83
C THR A 733 27.60 8.53 -37.39
N LYS A 734 28.85 8.87 -37.04
CA LYS A 734 29.54 8.40 -35.81
C LYS A 734 29.31 9.37 -34.65
N VAL A 735 29.27 10.68 -34.93
CA VAL A 735 28.97 11.73 -33.93
C VAL A 735 28.36 12.94 -34.63
N SER A 736 27.51 13.68 -33.91
CA SER A 736 26.92 14.98 -34.30
C SER A 736 27.39 16.03 -33.29
N TYR A 737 26.69 17.16 -33.16
CA TYR A 737 27.06 18.22 -32.18
C TYR A 737 25.80 18.79 -31.55
N GLY A 738 25.98 19.46 -30.40
CA GLY A 738 24.92 20.18 -29.68
C GLY A 738 25.47 21.44 -29.04
N PHE A 739 24.57 22.32 -28.61
CA PHE A 739 24.89 23.63 -27.99
C PHE A 739 24.62 23.57 -26.49
N LEU A 740 25.54 24.09 -25.67
CA LEU A 740 25.34 24.19 -24.21
C LEU A 740 24.28 25.28 -23.94
N SER A 741 24.58 26.53 -24.25
CA SER A 741 23.60 27.65 -24.21
C SER A 741 22.67 27.52 -25.41
N PRO A 742 21.34 27.49 -25.22
CA PRO A 742 20.42 27.12 -26.30
C PRO A 742 20.21 28.26 -27.29
N PRO A 743 20.42 28.04 -28.61
CA PRO A 743 20.04 29.03 -29.61
C PRO A 743 18.53 29.32 -29.66
N GLN A 744 17.68 28.38 -29.22
CA GLN A 744 16.19 28.51 -29.23
C GLN A 744 15.73 29.68 -28.35
N LEU A 745 16.55 30.16 -27.42
CA LEU A 745 16.16 31.13 -26.37
C LEU A 745 16.62 32.52 -26.77
N ASN A 746 15.67 33.44 -27.03
CA ASN A 746 15.95 34.87 -27.31
C ASN A 746 15.30 35.73 -26.21
N LYS A 747 16.03 36.75 -25.76
CA LYS A 747 15.64 37.67 -24.66
C LYS A 747 15.31 39.08 -25.21
N ASN A 748 15.84 39.42 -26.39
CA ASN A 748 15.66 40.74 -27.05
C ASN A 748 14.68 40.61 -28.21
N SER A 749 14.63 39.44 -28.88
CA SER A 749 13.78 39.16 -30.07
C SER A 749 12.95 37.89 -29.83
N SER A 750 12.23 37.43 -30.87
CA SER A 750 11.39 36.20 -30.88
C SER A 750 11.93 35.20 -31.91
N GLY A 751 13.06 35.50 -32.55
CA GLY A 751 13.71 34.64 -33.55
C GLY A 751 14.69 33.68 -32.90
N ILE A 752 15.93 33.62 -33.40
CA ILE A 752 17.02 32.74 -32.87
C ILE A 752 18.19 33.61 -32.41
N TYR A 753 18.76 33.28 -31.24
CA TYR A 753 19.92 33.97 -30.64
C TYR A 753 21.17 33.52 -31.39
N SER A 754 21.73 34.43 -32.21
CA SER A 754 22.85 34.16 -33.15
C SER A 754 24.14 33.85 -32.38
N GLU A 755 24.40 34.55 -31.27
CA GLU A 755 25.66 34.43 -30.49
C GLU A 755 25.81 33.01 -29.91
N ALA A 756 24.69 32.30 -29.72
CA ALA A 756 24.67 30.91 -29.22
C ALA A 756 25.16 29.95 -30.31
N LEU A 757 25.28 30.41 -31.56
CA LEU A 757 25.73 29.58 -32.70
C LEU A 757 27.25 29.64 -32.85
N LEU A 758 27.94 30.35 -31.96
CA LEU A 758 29.43 30.40 -31.95
C LEU A 758 29.98 28.97 -31.85
N THR A 759 31.13 28.71 -32.49
CA THR A 759 31.84 27.41 -32.49
C THR A 759 32.28 27.03 -31.07
N THR A 760 32.39 28.02 -30.18
CA THR A 760 32.88 27.86 -28.79
C THR A 760 31.78 27.34 -27.87
N ASN A 761 30.52 27.35 -28.32
CA ASN A 761 29.34 26.90 -27.54
C ASN A 761 28.82 25.57 -28.08
N ILE A 762 29.68 24.70 -28.62
CA ILE A 762 29.25 23.38 -29.17
C ILE A 762 30.02 22.26 -28.47
N VAL A 763 29.38 21.11 -28.36
CA VAL A 763 29.97 19.87 -27.78
C VAL A 763 29.62 18.72 -28.70
N PRO A 764 30.52 17.72 -28.85
CA PRO A 764 30.18 16.48 -29.55
C PRO A 764 28.95 15.83 -28.92
N MET A 765 28.02 15.31 -29.73
CA MET A 765 26.72 14.79 -29.24
C MET A 765 26.20 13.74 -30.21
N TYR A 766 25.93 12.52 -29.72
CA TYR A 766 25.34 11.41 -30.51
C TYR A 766 23.94 11.82 -30.97
N GLN A 767 23.54 11.35 -32.15
CA GLN A 767 22.22 11.65 -32.77
C GLN A 767 21.10 11.25 -31.81
N SER A 768 21.26 10.12 -31.11
CA SER A 768 20.23 9.56 -30.19
C SER A 768 20.03 10.48 -28.98
N PHE A 769 21.11 11.06 -28.46
CA PHE A 769 21.07 11.97 -27.29
C PHE A 769 20.41 13.30 -27.67
N GLN A 770 20.45 13.68 -28.95
CA GLN A 770 19.86 14.95 -29.44
C GLN A 770 18.36 14.98 -29.12
N VAL A 771 17.69 13.82 -29.15
CA VAL A 771 16.24 13.72 -28.83
C VAL A 771 16.02 14.26 -27.42
N ILE A 772 16.83 13.78 -26.47
CA ILE A 772 16.78 14.15 -25.02
C ILE A 772 17.07 15.65 -24.89
N TRP A 773 18.19 16.08 -25.45
CA TRP A 773 18.71 17.47 -25.38
C TRP A 773 17.69 18.45 -25.98
N ARG A 774 17.11 18.12 -27.15
CA ARG A 774 16.13 18.98 -27.85
C ARG A 774 14.86 19.08 -26.99
N TYR A 775 14.39 17.97 -26.43
CA TYR A 775 13.16 17.94 -25.60
C TYR A 775 13.36 18.81 -24.36
N PHE A 776 14.52 18.72 -23.73
CA PHE A 776 14.84 19.49 -22.50
C PHE A 776 14.71 20.99 -22.79
N HIS A 777 15.35 21.46 -23.86
CA HIS A 777 15.50 22.90 -24.17
C HIS A 777 14.23 23.45 -24.84
N ASP A 778 13.54 22.65 -25.65
CA ASP A 778 12.31 23.08 -26.36
C ASP A 778 11.14 23.11 -25.38
N THR A 779 10.94 22.02 -24.62
CA THR A 779 9.74 21.78 -23.77
C THR A 779 10.05 22.10 -22.30
N LEU A 780 10.87 21.28 -21.65
CA LEU A 780 10.99 21.22 -20.17
C LEU A 780 11.46 22.56 -19.60
N LEU A 781 12.56 23.10 -20.12
CA LEU A 781 13.19 24.35 -19.63
C LEU A 781 12.13 25.47 -19.59
N ARG A 782 11.29 25.55 -20.62
CA ARG A 782 10.12 26.46 -20.72
C ARG A 782 9.22 26.25 -19.50
N LYS A 783 8.76 25.01 -19.29
CA LYS A 783 7.83 24.62 -18.17
C LYS A 783 8.49 24.98 -16.83
N TYR A 784 9.76 24.61 -16.62
CA TYR A 784 10.51 24.89 -15.37
C TYR A 784 10.55 26.41 -15.14
N ALA A 785 10.90 27.17 -16.18
CA ALA A 785 11.02 28.66 -16.12
C ALA A 785 9.71 29.29 -15.63
N GLU A 786 8.56 28.85 -16.16
CA GLU A 786 7.22 29.37 -15.83
C GLU A 786 6.86 29.00 -14.38
N GLU A 787 7.10 27.73 -14.01
CA GLU A 787 6.72 27.11 -12.72
C GLU A 787 7.49 27.76 -11.56
N ARG A 788 8.73 28.20 -11.79
CA ARG A 788 9.68 28.65 -10.73
C ARG A 788 9.98 30.15 -10.86
N ASN A 789 9.30 30.86 -11.76
CA ASN A 789 9.45 32.32 -12.00
C ASN A 789 10.92 32.63 -12.32
N GLY A 790 11.49 31.89 -13.27
CA GLY A 790 12.90 32.03 -13.70
C GLY A 790 13.75 30.88 -13.20
N VAL A 791 14.81 30.55 -13.93
CA VAL A 791 15.72 29.41 -13.60
C VAL A 791 17.12 29.69 -14.18
N ASN A 792 18.12 29.86 -13.30
CA ASN A 792 19.54 29.87 -13.70
C ASN A 792 19.93 28.44 -14.10
N VAL A 793 20.64 28.30 -15.22
CA VAL A 793 21.08 26.99 -15.77
C VAL A 793 22.60 26.99 -15.88
N VAL A 794 23.24 25.92 -15.43
CA VAL A 794 24.66 25.62 -15.74
C VAL A 794 24.69 24.21 -16.32
N SER A 795 25.20 24.06 -17.53
CA SER A 795 25.32 22.75 -18.22
C SER A 795 26.75 22.61 -18.73
N GLY A 796 27.17 21.38 -19.01
CA GLY A 796 28.54 21.08 -19.45
C GLY A 796 28.72 19.60 -19.75
N PRO A 797 29.85 19.22 -20.36
CA PRO A 797 30.15 17.81 -20.60
C PRO A 797 30.76 17.18 -19.34
N VAL A 798 30.75 15.84 -19.30
CA VAL A 798 31.39 15.03 -18.22
C VAL A 798 32.22 13.93 -18.88
N PHE A 799 33.44 13.75 -18.40
CA PHE A 799 34.37 12.69 -18.87
C PHE A 799 34.70 11.78 -17.69
N ASP A 800 34.00 10.65 -17.56
CA ASP A 800 34.27 9.62 -16.52
C ASP A 800 34.39 8.25 -17.21
N PHE A 801 35.49 8.04 -17.93
CA PHE A 801 35.83 6.77 -18.62
C PHE A 801 36.25 5.73 -17.58
N ASP A 802 36.75 6.17 -16.42
CA ASP A 802 37.15 5.30 -15.27
C ASP A 802 35.92 4.82 -14.49
N TYR A 803 34.74 5.39 -14.75
CA TYR A 803 33.45 5.13 -14.04
C TYR A 803 33.70 5.09 -12.52
N ASP A 804 34.39 6.10 -12.00
CA ASP A 804 34.76 6.19 -10.56
C ASP A 804 34.11 7.44 -9.93
N GLY A 805 33.25 8.14 -10.69
CA GLY A 805 32.47 9.31 -10.22
C GLY A 805 33.31 10.56 -10.08
N ARG A 806 34.55 10.56 -10.58
CA ARG A 806 35.50 11.70 -10.56
C ARG A 806 35.83 12.12 -11.99
N CYS A 807 36.03 13.42 -12.22
CA CYS A 807 36.59 13.97 -13.48
C CYS A 807 37.93 13.27 -13.76
N ASP A 808 38.08 12.73 -14.97
CA ASP A 808 39.34 12.08 -15.44
C ASP A 808 40.41 13.17 -15.60
N SER A 809 41.67 12.84 -15.33
CA SER A 809 42.84 13.73 -15.55
C SER A 809 42.95 14.03 -17.05
N LEU A 810 43.53 15.19 -17.38
CA LEU A 810 43.89 15.56 -18.78
C LEU A 810 44.77 14.44 -19.36
N GLU A 811 45.77 13.99 -18.59
CA GLU A 811 46.70 12.88 -18.95
C GLU A 811 45.87 11.70 -19.48
N ASN A 812 44.92 11.20 -18.69
CA ASN A 812 44.08 10.01 -19.03
C ASN A 812 43.17 10.32 -20.24
N LEU A 813 42.72 11.57 -20.38
CA LEU A 813 41.75 11.99 -21.43
C LEU A 813 42.40 11.94 -22.82
N ARG A 814 43.71 12.18 -22.89
CA ARG A 814 44.50 12.17 -24.16
C ARG A 814 44.36 10.79 -24.83
N GLN A 815 44.28 9.70 -24.06
CA GLN A 815 44.24 8.30 -24.59
C GLN A 815 42.81 7.84 -24.89
N LYS A 816 41.80 8.68 -24.65
CA LYS A 816 40.37 8.31 -24.77
C LYS A 816 39.71 9.04 -25.96
N ARG A 817 40.42 9.97 -26.60
CA ARG A 817 39.96 10.62 -27.85
C ARG A 817 39.69 9.54 -28.90
N ARG A 818 38.63 9.70 -29.67
CA ARG A 818 38.30 8.80 -30.81
C ARG A 818 38.82 9.46 -32.09
N VAL A 819 39.09 8.64 -33.12
CA VAL A 819 39.48 9.11 -34.49
C VAL A 819 38.27 8.97 -35.43
N ILE A 820 37.79 10.11 -35.94
CA ILE A 820 36.58 10.23 -36.80
C ILE A 820 36.89 11.23 -37.92
N ARG A 821 36.69 10.83 -39.18
CA ARG A 821 37.13 11.57 -40.40
C ARG A 821 38.54 12.13 -40.18
N ASN A 822 39.45 11.28 -39.69
CA ASN A 822 40.89 11.56 -39.52
C ASN A 822 41.11 12.73 -38.56
N GLN A 823 40.16 12.99 -37.66
CA GLN A 823 40.32 14.00 -36.57
C GLN A 823 40.28 13.27 -35.22
N GLU A 824 41.01 13.80 -34.24
CA GLU A 824 40.98 13.31 -32.83
C GLU A 824 39.93 14.13 -32.07
N ILE A 825 38.87 13.49 -31.63
CA ILE A 825 37.70 14.12 -30.95
C ILE A 825 37.46 13.41 -29.61
N LEU A 826 37.10 14.18 -28.58
CA LEU A 826 36.77 13.67 -27.22
C LEU A 826 35.26 13.72 -27.01
N ILE A 827 34.61 12.57 -26.92
CA ILE A 827 33.13 12.46 -26.77
C ILE A 827 32.79 12.29 -25.28
N PRO A 828 32.01 13.23 -24.71
CA PRO A 828 31.60 13.17 -23.31
C PRO A 828 30.92 11.83 -22.96
N THR A 829 31.22 11.28 -21.78
CA THR A 829 30.51 10.11 -21.17
C THR A 829 29.12 10.54 -20.71
N HIS A 830 29.00 11.77 -20.20
CA HIS A 830 27.72 12.31 -19.65
C HIS A 830 27.64 13.82 -19.93
N PHE A 831 26.45 14.37 -19.78
CA PHE A 831 26.17 15.83 -19.74
C PHE A 831 25.50 16.13 -18.41
N PHE A 832 25.94 17.20 -17.74
CA PHE A 832 25.36 17.67 -16.46
C PHE A 832 24.51 18.90 -16.75
N ILE A 833 23.43 19.05 -15.98
CA ILE A 833 22.59 20.27 -15.91
C ILE A 833 22.36 20.57 -14.44
N VAL A 834 22.46 21.84 -14.04
CA VAL A 834 22.14 22.32 -12.67
C VAL A 834 21.17 23.50 -12.79
N LEU A 835 19.90 23.27 -12.43
CA LEU A 835 18.83 24.29 -12.38
C LEU A 835 18.80 24.91 -10.99
N THR A 836 18.72 26.24 -10.91
CA THR A 836 18.68 27.03 -9.65
C THR A 836 17.58 28.09 -9.77
N SER A 837 16.59 28.07 -8.87
CA SER A 837 15.54 29.10 -8.70
C SER A 837 15.46 29.47 -7.22
N CYS A 838 14.44 30.22 -6.77
CA CYS A 838 14.28 30.59 -5.34
C CYS A 838 13.21 29.71 -4.70
N LYS A 839 13.40 29.36 -3.43
CA LYS A 839 12.36 28.69 -2.60
C LYS A 839 11.07 29.50 -2.74
N ASP A 840 11.14 30.82 -2.58
CA ASP A 840 10.02 31.77 -2.74
C ASP A 840 9.88 32.15 -4.22
N THR A 841 8.83 31.71 -4.90
CA THR A 841 8.65 31.94 -6.37
C THR A 841 8.17 33.37 -6.63
N SER A 842 7.96 34.18 -5.59
CA SER A 842 7.68 35.64 -5.70
C SER A 842 8.94 36.36 -6.20
N GLN A 843 10.12 35.86 -5.84
CA GLN A 843 11.44 36.44 -6.23
C GLN A 843 11.94 35.67 -7.46
N THR A 844 12.91 36.23 -8.20
CA THR A 844 13.49 35.59 -9.40
C THR A 844 14.94 35.18 -9.09
N PRO A 845 15.51 34.24 -9.87
CA PRO A 845 16.83 33.65 -9.58
C PRO A 845 17.99 34.61 -9.25
N LEU A 846 17.84 35.90 -9.55
CA LEU A 846 18.91 36.92 -9.33
C LEU A 846 18.79 37.50 -7.90
N HIS A 847 17.65 37.29 -7.23
CA HIS A 847 17.32 37.89 -5.90
C HIS A 847 16.69 36.84 -4.98
N CYS A 848 17.33 35.68 -4.79
CA CYS A 848 16.84 34.59 -3.88
C CYS A 848 17.45 34.79 -2.49
N GLU A 849 16.63 34.72 -1.44
CA GLU A 849 17.07 34.56 -0.04
C GLU A 849 17.52 33.10 0.15
N ASN A 850 16.79 32.15 -0.45
CA ASN A 850 17.06 30.69 -0.35
C ASN A 850 16.97 30.02 -1.73
N LEU A 851 18.01 29.24 -2.09
CA LEU A 851 18.11 28.56 -3.40
C LEU A 851 17.32 27.24 -3.37
N ASP A 852 16.54 26.99 -4.41
CA ASP A 852 15.94 25.66 -4.73
C ASP A 852 16.68 25.11 -5.95
N THR A 853 17.35 23.95 -5.80
CA THR A 853 18.24 23.37 -6.83
C THR A 853 17.69 22.03 -7.33
N LEU A 854 18.07 21.68 -8.54
CA LEU A 854 17.73 20.40 -9.20
C LEU A 854 18.82 20.10 -10.23
N ALA A 855 19.53 18.97 -10.10
CA ALA A 855 20.72 18.63 -10.91
C ALA A 855 20.57 17.25 -11.54
N PHE A 856 21.21 17.05 -12.68
CA PHE A 856 21.16 15.81 -13.50
C PHE A 856 22.56 15.50 -14.01
N ILE A 857 22.89 14.22 -14.08
CA ILE A 857 24.10 13.70 -14.80
C ILE A 857 23.59 12.70 -15.82
N LEU A 858 23.27 13.18 -17.03
CA LEU A 858 22.59 12.40 -18.10
C LEU A 858 23.62 11.55 -18.81
N PRO A 859 23.39 10.23 -18.95
CA PRO A 859 24.34 9.36 -19.64
C PRO A 859 24.31 9.71 -21.14
N HIS A 860 25.47 9.79 -21.76
CA HIS A 860 25.67 10.13 -23.19
C HIS A 860 25.89 8.83 -23.97
N ARG A 861 24.80 8.21 -24.44
CA ARG A 861 24.79 6.88 -25.09
C ARG A 861 24.35 7.00 -26.55
N THR A 862 24.83 6.06 -27.38
CA THR A 862 24.69 6.06 -28.86
C THR A 862 23.27 5.63 -29.27
N ASP A 863 22.53 4.95 -28.38
CA ASP A 863 21.10 4.64 -28.60
C ASP A 863 20.30 5.06 -27.36
N ASN A 864 18.98 4.90 -27.42
CA ASN A 864 18.04 5.20 -26.31
C ASN A 864 17.39 3.89 -25.85
N SER A 865 18.15 2.77 -25.84
CA SER A 865 17.66 1.42 -25.46
C SER A 865 17.28 1.39 -23.97
N GLU A 866 17.93 2.21 -23.15
CA GLU A 866 17.62 2.41 -21.70
C GLU A 866 16.16 2.79 -21.50
N SER A 867 15.61 3.65 -22.36
CA SER A 867 14.26 4.26 -22.20
C SER A 867 13.17 3.42 -22.88
N CYS A 868 13.55 2.42 -23.68
CA CYS A 868 12.62 1.55 -24.45
C CYS A 868 11.64 2.41 -25.24
N VAL A 869 12.16 3.11 -26.25
CA VAL A 869 11.42 4.09 -27.10
C VAL A 869 10.86 3.32 -28.31
N HIS A 870 9.63 2.82 -28.19
CA HIS A 870 8.92 2.04 -29.24
C HIS A 870 7.43 1.96 -28.86
N GLY A 871 6.59 2.72 -29.57
CA GLY A 871 5.13 2.81 -29.30
C GLY A 871 4.83 3.64 -28.06
N LYS A 872 5.71 4.57 -27.71
CA LYS A 872 5.57 5.52 -26.58
C LYS A 872 5.71 6.94 -27.13
N HIS A 873 5.00 7.92 -26.54
CA HIS A 873 5.13 9.36 -26.92
C HIS A 873 6.41 9.92 -26.31
N ASP A 874 7.09 10.80 -27.05
CA ASP A 874 8.41 11.39 -26.77
C ASP A 874 8.43 11.98 -25.35
N SER A 875 7.43 12.80 -25.05
CA SER A 875 7.27 13.57 -23.79
C SER A 875 7.58 12.71 -22.56
N SER A 876 6.92 11.56 -22.45
CA SER A 876 6.87 10.71 -21.22
C SER A 876 8.29 10.29 -20.80
N TRP A 877 9.02 9.65 -21.71
CA TRP A 877 10.23 8.87 -21.35
C TRP A 877 11.40 9.80 -21.03
N VAL A 878 11.45 10.99 -21.63
CA VAL A 878 12.62 11.90 -21.41
C VAL A 878 12.60 12.37 -19.96
N GLU A 879 11.43 12.81 -19.46
CA GLU A 879 11.28 13.31 -18.06
C GLU A 879 11.65 12.17 -17.10
N GLU A 880 11.19 10.94 -17.39
CA GLU A 880 11.46 9.73 -16.58
C GLU A 880 12.97 9.49 -16.50
N LEU A 881 13.68 9.65 -17.62
CA LEU A 881 15.14 9.38 -17.71
C LEU A 881 15.88 10.42 -16.88
N LEU A 882 15.44 11.69 -16.94
CA LEU A 882 16.02 12.80 -16.15
C LEU A 882 15.85 12.49 -14.66
N MET A 883 14.64 12.12 -14.23
CA MET A 883 14.34 11.83 -12.80
C MET A 883 15.27 10.71 -12.31
N LEU A 884 15.37 9.61 -13.06
CA LEU A 884 16.21 8.45 -12.66
C LEU A 884 17.67 8.90 -12.51
N HIS A 885 18.13 9.83 -13.35
CA HIS A 885 19.55 10.28 -13.42
C HIS A 885 19.74 11.63 -12.72
N ARG A 886 18.85 12.02 -11.80
CA ARG A 886 19.09 13.23 -10.98
C ARG A 886 20.31 13.00 -10.09
N ALA A 887 20.90 14.07 -9.57
CA ALA A 887 22.11 13.97 -8.74
C ALA A 887 22.17 15.15 -7.76
N ARG A 888 22.97 14.97 -6.72
CA ARG A 888 23.38 16.06 -5.81
C ARG A 888 24.32 16.96 -6.63
N ILE A 889 24.29 18.27 -6.39
CA ILE A 889 25.30 19.21 -6.94
C ILE A 889 26.70 18.70 -6.58
N THR A 890 26.89 18.15 -5.39
CA THR A 890 28.19 17.56 -4.95
C THR A 890 28.61 16.44 -5.92
N ASP A 891 27.67 15.68 -6.47
CA ASP A 891 27.96 14.58 -7.44
C ASP A 891 28.52 15.20 -8.72
N VAL A 892 27.89 16.28 -9.17
CA VAL A 892 28.33 17.08 -10.36
C VAL A 892 29.73 17.62 -10.08
N GLU A 893 29.95 18.23 -8.91
CA GLU A 893 31.25 18.86 -8.56
C GLU A 893 32.36 17.82 -8.66
N HIS A 894 32.14 16.63 -8.09
CA HIS A 894 33.14 15.52 -8.05
C HIS A 894 33.51 15.09 -9.48
N ILE A 895 32.51 14.99 -10.36
CA ILE A 895 32.67 14.33 -11.70
C ILE A 895 33.09 15.35 -12.77
N THR A 896 32.97 16.67 -12.51
CA THR A 896 33.37 17.76 -13.44
C THR A 896 34.63 18.50 -12.95
N GLY A 897 34.97 18.40 -11.67
CA GLY A 897 36.06 19.18 -11.05
C GLY A 897 35.69 20.64 -10.89
N LEU A 898 34.38 20.95 -10.92
CA LEU A 898 33.82 22.32 -10.73
C LEU A 898 33.35 22.52 -9.29
N SER A 899 33.18 23.78 -8.88
CA SER A 899 32.66 24.21 -7.56
C SER A 899 31.74 25.42 -7.75
N PHE A 900 30.45 25.27 -7.44
CA PHE A 900 29.38 26.28 -7.70
C PHE A 900 29.08 27.12 -6.45
N TYR A 901 28.38 28.23 -6.66
CA TYR A 901 27.75 29.11 -5.62
C TYR A 901 28.79 29.74 -4.69
N GLN A 902 30.06 29.87 -5.10
CA GLN A 902 31.15 30.38 -4.23
C GLN A 902 30.95 31.86 -3.85
N GLN A 903 30.06 32.61 -4.53
CA GLN A 903 29.83 34.05 -4.25
C GLN A 903 28.53 34.26 -3.45
N ARG A 904 27.86 33.21 -3.00
CA ARG A 904 26.65 33.34 -2.15
C ARG A 904 27.07 33.86 -0.77
N LYS A 905 26.20 34.69 -0.16
CA LYS A 905 26.45 35.37 1.14
C LYS A 905 26.30 34.37 2.29
N GLU A 906 25.49 33.31 2.11
CA GLU A 906 25.25 32.24 3.14
C GLU A 906 26.57 31.68 3.67
N PRO A 907 26.63 31.22 4.93
CA PRO A 907 27.80 30.49 5.43
C PRO A 907 28.02 29.21 4.61
N VAL A 908 29.26 28.73 4.57
CA VAL A 908 29.71 27.61 3.70
C VAL A 908 28.92 26.33 4.06
N SER A 909 28.73 26.07 5.35
CA SER A 909 28.02 24.87 5.86
C SER A 909 26.59 24.81 5.29
N ASP A 910 25.90 25.94 5.16
CA ASP A 910 24.53 26.00 4.58
C ASP A 910 24.59 25.69 3.08
N ILE A 911 25.68 26.08 2.40
CA ILE A 911 25.87 25.80 0.95
C ILE A 911 26.17 24.30 0.80
N LEU A 912 27.04 23.74 1.65
CA LEU A 912 27.33 22.28 1.64
C LEU A 912 26.02 21.51 1.85
N LYS A 913 25.15 21.98 2.75
CA LYS A 913 23.83 21.36 3.00
C LYS A 913 23.04 21.34 1.68
N LEU A 914 23.02 22.47 0.98
CA LEU A 914 22.32 22.66 -0.32
C LEU A 914 22.91 21.74 -1.39
N LYS A 915 24.24 21.64 -1.45
CA LYS A 915 24.95 20.88 -2.50
C LYS A 915 24.76 19.37 -2.31
N THR A 916 24.58 18.90 -1.07
CA THR A 916 24.44 17.44 -0.76
C THR A 916 22.98 17.01 -0.88
N HIS A 917 22.04 17.94 -1.05
CA HIS A 917 20.60 17.61 -1.17
C HIS A 917 20.34 16.81 -2.46
N LEU A 918 19.53 15.76 -2.38
CA LEU A 918 18.96 15.05 -3.55
C LEU A 918 17.45 15.23 -3.52
N PRO A 919 16.82 15.72 -4.60
CA PRO A 919 15.36 15.88 -4.63
C PRO A 919 14.61 14.54 -4.57
N THR A 920 13.43 14.54 -3.94
CA THR A 920 12.47 13.40 -3.86
C THR A 920 11.11 13.90 -4.37
N PHE A 921 10.45 13.14 -5.25
CA PHE A 921 9.17 13.51 -5.91
C PHE A 921 8.07 12.54 -5.51
N GLU B 104 3.25 -4.91 53.65
CA GLU B 104 2.23 -4.89 54.74
C GLU B 104 2.06 -3.46 55.25
N VAL B 105 3.12 -2.88 55.82
CA VAL B 105 3.12 -1.53 56.48
C VAL B 105 3.27 -0.44 55.41
N LYS B 106 3.76 -0.79 54.21
CA LYS B 106 4.11 0.15 53.12
C LYS B 106 3.05 0.08 52.00
N SER B 107 1.89 -0.52 52.27
CA SER B 107 0.79 -0.77 51.30
C SER B 107 -0.56 -0.27 51.85
N CYS B 108 -1.45 0.17 50.96
CA CYS B 108 -2.82 0.63 51.28
C CYS B 108 -3.81 -0.53 51.40
N LYS B 109 -3.43 -1.77 51.04
CA LYS B 109 -4.34 -2.95 51.10
C LYS B 109 -5.01 -2.96 52.49
N GLY B 110 -6.34 -2.88 52.52
CA GLY B 110 -7.15 -3.00 53.76
C GLY B 110 -7.36 -1.68 54.48
N ARG B 111 -6.74 -0.58 54.05
CA ARG B 111 -6.72 0.71 54.81
C ARG B 111 -7.20 1.90 53.98
N CYS B 112 -7.72 1.71 52.76
CA CYS B 112 -8.11 2.84 51.87
C CYS B 112 -8.97 3.83 52.68
N PHE B 113 -8.55 5.08 52.73
CA PHE B 113 -9.29 6.28 53.23
C PHE B 113 -9.34 6.32 54.76
N GLU B 114 -8.64 5.41 55.45
CA GLU B 114 -8.53 5.43 56.94
C GLU B 114 -7.31 6.28 57.34
N ARG B 115 -7.44 7.06 58.42
CA ARG B 115 -6.33 7.77 59.10
C ARG B 115 -5.34 6.73 59.64
N THR B 116 -4.05 7.03 59.59
CA THR B 116 -2.94 6.16 60.07
C THR B 116 -1.98 7.02 60.90
N PHE B 117 -1.04 6.43 61.64
CA PHE B 117 0.00 7.22 62.37
C PHE B 117 1.37 7.15 61.66
N GLY B 118 2.12 6.05 61.80
CA GLY B 118 3.57 6.04 61.54
C GLY B 118 3.95 5.48 60.17
N ASN B 119 3.10 5.67 59.14
CA ASN B 119 3.21 4.99 57.81
C ASN B 119 2.89 5.96 56.66
N CYS B 120 3.07 5.49 55.41
CA CYS B 120 2.57 6.13 54.17
C CYS B 120 1.04 6.22 54.25
N ARG B 121 0.42 7.18 53.56
N ARG B 121 0.42 7.18 53.56
CA ARG B 121 -1.02 7.52 53.71
CA ARG B 121 -1.01 7.51 53.72
C ARG B 121 -1.84 6.98 52.54
C ARG B 121 -1.84 6.98 52.55
N CYS B 122 -3.15 6.81 52.79
CA CYS B 122 -4.12 6.22 51.83
C CYS B 122 -5.38 7.09 51.79
N ASP B 123 -5.24 8.40 51.93
CA ASP B 123 -6.35 9.38 51.83
C ASP B 123 -6.05 10.36 50.70
N ALA B 124 -7.07 11.06 50.19
CA ALA B 124 -7.00 11.91 48.97
C ALA B 124 -5.99 13.04 49.15
N ALA B 125 -5.77 13.50 50.39
CA ALA B 125 -4.84 14.60 50.75
C ALA B 125 -3.38 14.15 50.55
N CYS B 126 -3.08 12.84 50.55
CA CYS B 126 -1.71 12.31 50.49
C CYS B 126 -1.01 12.81 49.22
N VAL B 127 -1.75 12.99 48.12
CA VAL B 127 -1.19 13.31 46.78
C VAL B 127 -0.37 14.61 46.89
N GLU B 128 -1.02 15.68 47.36
CA GLU B 128 -0.43 17.05 47.55
C GLU B 128 0.79 16.95 48.47
N LEU B 129 0.69 16.19 49.56
CA LEU B 129 1.74 16.07 50.60
C LEU B 129 2.87 15.14 50.14
N GLY B 130 2.65 14.40 49.03
CA GLY B 130 3.63 13.46 48.45
C GLY B 130 4.02 12.36 49.42
N ASN B 131 3.09 11.89 50.26
CA ASN B 131 3.34 10.84 51.27
C ASN B 131 2.36 9.67 51.09
N CYS B 132 1.75 9.53 49.91
CA CYS B 132 0.92 8.34 49.53
C CYS B 132 1.79 7.09 49.59
N CYS B 133 1.23 5.94 50.00
CA CYS B 133 1.82 4.61 49.69
C CYS B 133 1.96 4.51 48.17
N LEU B 134 2.90 3.72 47.67
CA LEU B 134 3.14 3.62 46.20
C LEU B 134 1.92 2.99 45.52
N ASP B 135 1.16 2.13 46.22
CA ASP B 135 0.02 1.41 45.61
C ASP B 135 -1.31 2.12 45.89
N TYR B 136 -1.30 3.40 46.31
CA TYR B 136 -2.52 4.15 46.69
C TYR B 136 -3.50 4.22 45.52
N GLN B 137 -3.04 4.68 44.34
CA GLN B 137 -3.90 4.87 43.13
C GLN B 137 -4.50 3.53 42.70
N GLU B 138 -3.67 2.49 42.60
CA GLU B 138 -4.08 1.15 42.08
C GLU B 138 -5.07 0.50 43.04
N THR B 139 -4.89 0.69 44.35
CA THR B 139 -5.69 0.02 45.41
C THR B 139 -7.00 0.78 45.68
N CYS B 140 -6.98 2.11 45.67
CA CYS B 140 -8.08 2.93 46.24
C CYS B 140 -8.86 3.70 45.15
N ILE B 141 -8.23 4.11 44.05
CA ILE B 141 -8.82 5.04 43.04
C ILE B 141 -9.15 4.29 41.74
N GLU B 142 -8.19 3.58 41.15
CA GLU B 142 -8.34 2.81 39.88
C GLU B 142 -9.65 2.02 39.88
N PRO B 143 -9.99 1.26 40.94
CA PRO B 143 -11.23 0.46 40.95
C PRO B 143 -12.53 1.23 40.68
N GLU B 144 -12.52 2.57 40.77
CA GLU B 144 -13.68 3.44 40.47
C GLU B 144 -13.81 3.62 38.95
N HIS B 145 -12.78 3.26 38.18
CA HIS B 145 -12.63 3.59 36.73
C HIS B 145 -12.47 2.32 35.87
N ILE B 146 -12.24 1.15 36.47
CA ILE B 146 -11.95 -0.11 35.71
C ILE B 146 -12.99 -1.18 36.05
N TRP B 147 -13.16 -2.15 35.14
N TRP B 147 -13.16 -2.15 35.14
CA TRP B 147 -14.12 -3.28 35.29
CA TRP B 147 -14.12 -3.28 35.28
C TRP B 147 -13.36 -4.60 35.45
C TRP B 147 -13.36 -4.60 35.47
N THR B 148 -12.06 -4.54 35.76
CA THR B 148 -11.17 -5.73 35.87
C THR B 148 -10.66 -5.90 37.30
N CYS B 149 -10.48 -7.14 37.74
CA CYS B 149 -9.60 -7.51 38.87
C CYS B 149 -8.18 -7.61 38.33
N ASN B 150 -7.21 -7.56 39.24
CA ASN B 150 -5.79 -7.89 39.02
C ASN B 150 -5.34 -8.58 40.30
N LYS B 151 -4.15 -9.17 40.31
CA LYS B 151 -3.74 -10.10 41.41
C LYS B 151 -3.60 -9.31 42.73
N PHE B 152 -3.45 -7.98 42.66
CA PHE B 152 -3.27 -7.09 43.84
C PHE B 152 -4.62 -6.55 44.35
N ARG B 153 -5.73 -6.84 43.68
CA ARG B 153 -7.11 -6.53 44.17
C ARG B 153 -7.73 -7.79 44.80
N CYS B 154 -7.15 -8.97 44.56
CA CYS B 154 -7.66 -10.26 45.07
C CYS B 154 -7.70 -10.23 46.61
N GLY B 155 -8.90 -10.32 47.19
CA GLY B 155 -9.12 -10.27 48.64
C GLY B 155 -9.11 -8.84 49.16
N GLU B 156 -9.37 -7.87 48.29
CA GLU B 156 -9.42 -6.43 48.68
C GLU B 156 -10.50 -6.25 49.75
N LYS B 157 -10.31 -5.28 50.63
CA LYS B 157 -11.42 -4.69 51.42
C LYS B 157 -12.34 -4.01 50.43
N ARG B 158 -13.61 -4.43 50.40
CA ARG B 158 -14.66 -3.89 49.51
C ARG B 158 -14.63 -2.37 49.57
N LEU B 159 -14.53 -1.69 48.41
CA LEU B 159 -14.66 -0.22 48.27
C LEU B 159 -16.09 0.09 47.83
N THR B 160 -16.70 1.16 48.34
CA THR B 160 -18.12 1.51 48.05
C THR B 160 -18.23 2.11 46.64
N ARG B 161 -17.17 2.73 46.13
CA ARG B 161 -17.19 3.50 44.85
C ARG B 161 -16.71 2.62 43.68
N SER B 162 -16.20 1.42 43.95
CA SER B 162 -15.66 0.50 42.90
C SER B 162 -16.80 0.06 41.98
N LEU B 163 -16.52 -0.08 40.68
CA LEU B 163 -17.53 -0.47 39.65
C LEU B 163 -17.90 -1.94 39.83
N CYS B 164 -16.94 -2.80 40.14
CA CYS B 164 -17.18 -4.21 40.55
C CYS B 164 -16.19 -4.56 41.66
N ALA B 165 -16.39 -5.71 42.30
CA ALA B 165 -15.64 -6.13 43.52
C ALA B 165 -14.70 -7.29 43.19
N CYS B 166 -13.60 -7.38 43.94
CA CYS B 166 -12.66 -8.53 43.95
C CYS B 166 -12.48 -9.03 45.38
N SER B 167 -13.39 -8.64 46.28
CA SER B 167 -13.37 -9.01 47.73
C SER B 167 -13.77 -10.49 47.87
N ASP B 168 -13.38 -11.13 48.98
CA ASP B 168 -13.66 -12.58 49.24
C ASP B 168 -15.17 -12.84 49.16
N ASP B 169 -15.99 -11.84 49.51
CA ASP B 169 -17.47 -11.96 49.59
C ASP B 169 -18.15 -11.63 48.23
N CYS B 170 -17.40 -11.38 47.15
CA CYS B 170 -17.99 -10.81 45.90
C CYS B 170 -18.95 -11.82 45.27
N LYS B 171 -18.65 -13.12 45.39
CA LYS B 171 -19.51 -14.22 44.83
C LYS B 171 -20.85 -14.25 45.55
N ASP B 172 -20.85 -14.15 46.88
CA ASP B 172 -22.08 -14.13 47.72
C ASP B 172 -22.91 -12.90 47.38
N LYS B 173 -22.30 -11.72 47.27
CA LYS B 173 -23.01 -10.45 46.93
C LYS B 173 -23.25 -10.34 45.42
N GLY B 174 -22.64 -11.23 44.62
CA GLY B 174 -22.91 -11.39 43.18
C GLY B 174 -22.56 -10.16 42.35
N ASP B 175 -21.41 -9.53 42.61
CA ASP B 175 -20.93 -8.34 41.87
C ASP B 175 -19.42 -8.43 41.62
N CYS B 176 -18.86 -9.64 41.55
CA CYS B 176 -17.45 -9.88 41.15
C CYS B 176 -17.21 -9.26 39.77
N CYS B 177 -16.02 -8.71 39.54
CA CYS B 177 -15.56 -8.31 38.18
C CYS B 177 -15.57 -9.59 37.33
N ILE B 178 -15.88 -9.46 36.04
CA ILE B 178 -16.04 -10.61 35.10
C ILE B 178 -14.84 -11.56 35.20
N ASN B 179 -13.63 -11.03 35.33
CA ASN B 179 -12.37 -11.81 35.24
C ASN B 179 -11.91 -12.30 36.63
N TYR B 180 -12.76 -12.17 37.66
CA TYR B 180 -12.42 -12.50 39.07
C TYR B 180 -11.94 -13.96 39.17
N SER B 181 -12.73 -14.91 38.69
CA SER B 181 -12.43 -16.37 38.75
C SER B 181 -11.08 -16.68 38.11
N SER B 182 -10.74 -16.02 36.99
CA SER B 182 -9.48 -16.31 36.25
C SER B 182 -8.29 -15.73 37.00
N VAL B 183 -8.43 -14.55 37.58
CA VAL B 183 -7.32 -13.80 38.23
C VAL B 183 -7.15 -14.25 39.69
N CYS B 184 -8.24 -14.43 40.44
CA CYS B 184 -8.22 -14.58 41.91
C CYS B 184 -8.43 -16.03 42.35
N GLN B 185 -9.02 -16.90 41.52
CA GLN B 185 -9.33 -18.29 41.92
C GLN B 185 -8.63 -19.31 41.01
N GLY B 186 -7.68 -18.86 40.17
CA GLY B 186 -6.81 -19.74 39.37
C GLY B 186 -7.57 -20.54 38.31
N GLU B 187 -8.80 -20.14 37.94
CA GLU B 187 -9.49 -20.70 36.76
C GLU B 187 -8.81 -20.16 35.49
N LYS B 188 -8.97 -20.85 34.36
CA LYS B 188 -8.55 -20.33 33.04
C LYS B 188 -9.65 -19.39 32.54
N SER B 189 -9.27 -18.26 31.91
CA SER B 189 -10.20 -17.41 31.12
C SER B 189 -10.62 -18.18 29.87
N TRP B 190 -11.71 -17.77 29.23
CA TRP B 190 -12.19 -18.47 28.01
C TRP B 190 -11.05 -18.54 26.98
N VAL B 191 -10.36 -17.42 26.73
CA VAL B 191 -9.34 -17.33 25.66
C VAL B 191 -8.17 -18.29 25.97
N GLU B 192 -7.94 -18.61 27.24
CA GLU B 192 -6.81 -19.46 27.68
C GLU B 192 -7.13 -20.93 27.44
N GLU B 193 -8.40 -21.31 27.41
CA GLU B 193 -8.83 -22.71 27.24
C GLU B 193 -8.57 -23.14 25.79
N PRO B 194 -8.11 -24.39 25.57
CA PRO B 194 -7.97 -24.93 24.22
C PRO B 194 -9.32 -25.09 23.52
N CYS B 195 -9.33 -25.14 22.19
CA CYS B 195 -10.53 -25.38 21.37
C CYS B 195 -11.24 -26.63 21.89
N GLU B 196 -12.57 -26.59 21.91
CA GLU B 196 -13.50 -27.68 22.27
C GLU B 196 -14.40 -28.00 21.08
N SER B 197 -14.76 -29.26 20.90
CA SER B 197 -15.92 -29.63 20.05
C SER B 197 -17.17 -29.50 20.92
N ILE B 198 -18.17 -28.78 20.43
CA ILE B 198 -19.51 -28.63 21.08
C ILE B 198 -20.52 -29.35 20.19
N ASN B 199 -20.58 -30.68 20.24
CA ASN B 199 -21.52 -31.50 19.44
C ASN B 199 -22.87 -31.51 20.18
N GLU B 200 -22.84 -31.83 21.47
CA GLU B 200 -23.99 -31.68 22.40
C GLU B 200 -23.84 -30.37 23.15
N PRO B 201 -24.83 -29.46 23.09
CA PRO B 201 -24.76 -28.21 23.84
C PRO B 201 -24.88 -28.52 25.33
N GLN B 202 -24.32 -27.67 26.19
CA GLN B 202 -24.54 -27.67 27.66
C GLN B 202 -25.33 -26.41 28.01
N CYS B 203 -26.66 -26.52 28.00
CA CYS B 203 -27.62 -25.39 28.12
C CYS B 203 -28.50 -25.63 29.34
N PRO B 204 -28.88 -24.57 30.08
CA PRO B 204 -29.83 -24.71 31.18
C PRO B 204 -31.24 -24.93 30.65
N ALA B 205 -32.18 -25.24 31.54
CA ALA B 205 -33.62 -25.37 31.23
C ALA B 205 -34.10 -24.06 30.58
N GLY B 206 -34.86 -24.18 29.49
CA GLY B 206 -35.39 -23.04 28.72
C GLY B 206 -34.65 -22.86 27.41
N PHE B 207 -33.44 -23.41 27.31
CA PHE B 207 -32.53 -23.29 26.14
C PHE B 207 -32.38 -24.65 25.44
N GLU B 208 -33.47 -25.38 25.34
CA GLU B 208 -33.56 -26.63 24.54
C GLU B 208 -33.22 -26.26 23.09
N THR B 209 -33.69 -25.09 22.64
CA THR B 209 -33.08 -24.33 21.52
C THR B 209 -32.12 -23.32 22.12
N PRO B 210 -30.81 -23.36 21.78
CA PRO B 210 -29.84 -22.45 22.39
C PRO B 210 -30.04 -21.01 21.93
N PRO B 211 -29.59 -20.01 22.70
CA PRO B 211 -29.75 -18.62 22.30
C PRO B 211 -28.76 -18.29 21.20
N THR B 212 -29.07 -17.28 20.38
CA THR B 212 -28.15 -16.67 19.39
C THR B 212 -27.90 -15.22 19.79
N LEU B 213 -26.62 -14.82 19.82
CA LEU B 213 -26.20 -13.41 20.05
C LEU B 213 -25.54 -12.89 18.78
N LEU B 214 -26.06 -11.79 18.24
CA LEU B 214 -25.52 -11.07 17.07
C LEU B 214 -24.72 -9.87 17.58
N PHE B 215 -23.40 -9.92 17.48
CA PHE B 215 -22.43 -8.97 18.08
C PHE B 215 -21.74 -8.21 16.94
N SER B 216 -22.09 -6.93 16.79
CA SER B 216 -21.54 -6.07 15.71
C SER B 216 -20.43 -5.16 16.25
N LEU B 217 -19.30 -5.17 15.54
CA LEU B 217 -18.18 -4.22 15.68
C LEU B 217 -18.22 -3.33 14.43
N ASP B 218 -18.77 -2.12 14.55
CA ASP B 218 -18.95 -1.19 13.41
C ASP B 218 -17.59 -0.97 12.73
N GLY B 219 -17.55 -1.06 11.40
CA GLY B 219 -16.38 -0.63 10.59
C GLY B 219 -15.17 -1.52 10.79
N PHE B 220 -15.36 -2.75 11.25
CA PHE B 220 -14.30 -3.78 11.37
C PHE B 220 -14.11 -4.41 10.00
N ARG B 221 -13.24 -3.84 9.18
CA ARG B 221 -12.93 -4.37 7.83
C ARG B 221 -12.22 -5.72 8.01
N ALA B 222 -12.55 -6.68 7.14
CA ALA B 222 -12.04 -8.06 7.13
C ALA B 222 -10.52 -8.05 7.27
N GLU B 223 -9.86 -7.14 6.53
CA GLU B 223 -8.38 -7.01 6.47
C GLU B 223 -7.79 -6.86 7.88
N TYR B 224 -8.49 -6.18 8.80
CA TYR B 224 -8.01 -5.97 10.19
C TYR B 224 -7.65 -7.31 10.84
N LEU B 225 -8.42 -8.38 10.62
CA LEU B 225 -8.12 -9.71 11.21
C LEU B 225 -7.01 -10.39 10.43
N HIS B 226 -6.95 -10.23 9.11
CA HIS B 226 -5.88 -10.82 8.25
C HIS B 226 -4.49 -10.34 8.75
N THR B 227 -4.38 -9.06 9.11
CA THR B 227 -3.10 -8.36 9.38
C THR B 227 -2.80 -8.32 10.88
N TRP B 228 -3.80 -8.01 11.72
CA TRP B 228 -3.59 -7.71 13.16
C TRP B 228 -4.07 -8.87 14.07
N GLY B 229 -4.36 -10.04 13.49
CA GLY B 229 -4.80 -11.23 14.24
C GLY B 229 -3.91 -11.51 15.44
N GLY B 230 -2.59 -11.37 15.28
CA GLY B 230 -1.58 -11.58 16.34
C GLY B 230 -1.79 -10.66 17.54
N LEU B 231 -2.50 -9.54 17.37
CA LEU B 231 -2.75 -8.54 18.45
C LEU B 231 -4.15 -8.73 19.04
N LEU B 232 -4.94 -9.65 18.50
CA LEU B 232 -6.38 -9.84 18.82
C LEU B 232 -6.61 -11.29 19.22
N PRO B 233 -6.13 -11.72 20.39
CA PRO B 233 -6.17 -13.15 20.77
C PRO B 233 -7.59 -13.74 20.84
N VAL B 234 -8.58 -12.99 21.32
CA VAL B 234 -9.96 -13.50 21.55
C VAL B 234 -10.60 -13.80 20.19
N ILE B 235 -10.62 -12.80 19.31
CA ILE B 235 -11.26 -12.93 17.97
C ILE B 235 -10.52 -14.02 17.19
N SER B 236 -9.18 -14.06 17.32
CA SER B 236 -8.33 -15.09 16.70
C SER B 236 -8.73 -16.49 17.17
N LYS B 237 -9.03 -16.67 18.48
CA LYS B 237 -9.48 -17.97 19.01
C LYS B 237 -10.85 -18.32 18.43
N LEU B 238 -11.79 -17.36 18.37
CA LEU B 238 -13.13 -17.61 17.77
C LEU B 238 -12.94 -18.10 16.32
N LYS B 239 -12.08 -17.44 15.56
CA LYS B 239 -11.70 -17.87 14.19
C LYS B 239 -11.23 -19.33 14.22
N LYS B 240 -10.25 -19.63 15.06
CA LYS B 240 -9.58 -20.96 15.09
C LYS B 240 -10.58 -22.06 15.51
N CYS B 241 -11.40 -21.81 16.53
CA CYS B 241 -12.30 -22.83 17.13
C CYS B 241 -13.68 -22.82 16.47
N GLY B 242 -13.95 -21.87 15.57
CA GLY B 242 -15.30 -21.65 15.04
C GLY B 242 -15.36 -21.70 13.53
N THR B 243 -16.34 -21.01 12.97
CA THR B 243 -16.65 -20.95 11.52
C THR B 243 -16.36 -19.51 11.05
N TYR B 244 -15.44 -19.36 10.12
CA TYR B 244 -14.88 -18.06 9.68
C TYR B 244 -14.95 -17.97 8.16
N THR B 245 -15.14 -16.76 7.65
CA THR B 245 -14.85 -16.42 6.23
C THR B 245 -13.86 -15.26 6.22
N LYS B 246 -12.87 -15.30 5.32
CA LYS B 246 -11.87 -14.20 5.17
C LYS B 246 -12.60 -12.91 4.79
N ASN B 247 -13.79 -13.01 4.18
CA ASN B 247 -14.54 -11.83 3.68
C ASN B 247 -16.04 -12.11 3.71
N MET B 248 -16.80 -11.29 4.44
CA MET B 248 -18.26 -11.24 4.29
C MET B 248 -18.59 -9.98 3.46
N ARG B 249 -19.29 -10.17 2.33
CA ARG B 249 -19.63 -9.06 1.41
C ARG B 249 -20.82 -8.31 1.99
N PRO B 250 -20.70 -7.00 2.24
CA PRO B 250 -21.84 -6.18 2.68
C PRO B 250 -22.79 -5.82 1.52
N VAL B 251 -23.88 -5.12 1.84
CA VAL B 251 -24.80 -4.54 0.83
C VAL B 251 -24.31 -3.12 0.50
N TYR B 252 -24.57 -2.68 -0.74
CA TYR B 252 -24.37 -1.30 -1.22
C TYR B 252 -25.57 -0.46 -0.80
N PRO B 253 -25.39 0.80 -0.35
CA PRO B 253 -24.07 1.35 -0.02
C PRO B 253 -23.52 0.79 1.29
N THR B 254 -22.20 0.67 1.40
CA THR B 254 -21.49 0.07 2.55
C THR B 254 -21.51 1.04 3.73
N LYS B 255 -22.70 1.22 4.31
CA LYS B 255 -22.99 2.13 5.44
C LYS B 255 -23.72 1.36 6.54
N THR B 256 -23.77 1.93 7.74
CA THR B 256 -24.22 1.28 9.00
C THR B 256 -25.69 0.85 8.94
N PHE B 257 -26.62 1.78 8.71
CA PHE B 257 -28.06 1.47 8.83
C PHE B 257 -28.47 0.46 7.77
N PRO B 258 -28.13 0.67 6.48
CA PRO B 258 -28.45 -0.31 5.45
C PRO B 258 -27.96 -1.73 5.79
N ASN B 259 -26.70 -1.86 6.24
CA ASN B 259 -26.06 -3.18 6.41
C ASN B 259 -26.62 -3.87 7.66
N HIS B 260 -26.79 -3.14 8.77
CA HIS B 260 -27.31 -3.71 10.03
C HIS B 260 -28.75 -4.18 9.81
N TYR B 261 -29.58 -3.39 9.14
CA TYR B 261 -31.00 -3.75 8.88
C TYR B 261 -31.04 -4.87 7.84
N SER B 262 -30.10 -4.92 6.89
CA SER B 262 -30.01 -6.05 5.93
C SER B 262 -29.69 -7.35 6.68
N ILE B 263 -28.79 -7.31 7.67
CA ILE B 263 -28.35 -8.54 8.38
C ILE B 263 -29.56 -9.17 9.05
N VAL B 264 -30.45 -8.37 9.65
CA VAL B 264 -31.56 -8.89 10.50
C VAL B 264 -32.85 -9.08 9.69
N THR B 265 -32.88 -8.77 8.39
CA THR B 265 -34.07 -8.95 7.52
C THR B 265 -33.80 -9.91 6.36
N GLY B 266 -32.54 -10.08 5.96
CA GLY B 266 -32.16 -10.86 4.76
C GLY B 266 -32.54 -10.12 3.47
N LEU B 267 -32.83 -8.82 3.56
CA LEU B 267 -33.30 -8.01 2.40
C LEU B 267 -32.19 -7.05 1.93
N TYR B 268 -32.12 -6.84 0.61
CA TYR B 268 -31.43 -5.68 -0.01
C TYR B 268 -32.07 -4.40 0.54
N PRO B 269 -31.29 -3.32 0.73
CA PRO B 269 -31.84 -2.03 1.13
C PRO B 269 -33.01 -1.56 0.25
N GLU B 270 -32.92 -1.72 -1.07
CA GLU B 270 -33.97 -1.28 -2.04
C GLU B 270 -35.32 -1.88 -1.62
N SER B 271 -35.32 -3.02 -0.92
CA SER B 271 -36.53 -3.75 -0.46
C SER B 271 -36.87 -3.43 1.00
N HIS B 272 -35.89 -3.19 1.89
CA HIS B 272 -36.19 -2.93 3.32
C HIS B 272 -36.36 -1.43 3.59
N GLY B 273 -35.99 -0.56 2.64
CA GLY B 273 -36.30 0.88 2.68
C GLY B 273 -35.25 1.72 3.38
N ILE B 274 -34.32 1.12 4.13
CA ILE B 274 -33.20 1.86 4.80
C ILE B 274 -32.01 1.88 3.83
N ILE B 275 -32.03 2.80 2.85
CA ILE B 275 -31.05 2.79 1.72
C ILE B 275 -29.77 3.53 2.12
N ASP B 276 -29.79 4.31 3.20
CA ASP B 276 -28.59 5.02 3.72
C ASP B 276 -28.90 5.61 5.11
N ASN B 277 -27.89 6.18 5.77
CA ASN B 277 -28.03 6.83 7.10
C ASN B 277 -28.84 8.12 6.92
N LYS B 278 -28.87 8.67 5.70
CA LYS B 278 -29.66 9.87 5.29
C LYS B 278 -30.45 9.54 4.02
N MET B 279 -31.75 9.84 3.98
CA MET B 279 -32.52 9.71 2.72
C MET B 279 -33.68 10.71 2.71
N TYR B 280 -34.25 10.90 1.52
CA TYR B 280 -35.51 11.65 1.28
C TYR B 280 -36.53 10.71 0.65
N ASP B 281 -37.73 10.65 1.22
CA ASP B 281 -38.91 9.97 0.61
C ASP B 281 -39.82 11.06 0.01
N PRO B 282 -40.08 11.06 -1.31
CA PRO B 282 -40.95 12.06 -1.92
C PRO B 282 -42.44 11.85 -1.58
N LYS B 283 -42.88 10.60 -1.48
CA LYS B 283 -44.28 10.23 -1.15
C LYS B 283 -44.62 10.70 0.29
N MET B 284 -43.63 10.70 1.19
CA MET B 284 -43.79 11.14 2.60
C MET B 284 -43.44 12.63 2.71
N ASN B 285 -42.67 13.15 1.74
CA ASN B 285 -42.05 14.50 1.78
C ASN B 285 -41.33 14.69 3.13
N ALA B 286 -40.52 13.71 3.51
CA ALA B 286 -39.77 13.71 4.79
C ALA B 286 -38.32 13.27 4.55
N SER B 287 -37.41 13.75 5.38
CA SER B 287 -35.96 13.40 5.36
C SER B 287 -35.64 12.54 6.58
N PHE B 288 -34.93 11.43 6.35
CA PHE B 288 -34.47 10.48 7.39
C PHE B 288 -33.04 10.85 7.80
N SER B 289 -32.78 10.88 9.11
CA SER B 289 -31.44 11.11 9.71
C SER B 289 -31.33 10.32 11.01
N LEU B 290 -30.11 10.05 11.48
CA LEU B 290 -29.87 9.25 12.71
C LEU B 290 -30.08 10.12 13.95
N LYS B 291 -29.88 11.44 13.85
CA LYS B 291 -29.97 12.38 15.01
C LYS B 291 -31.34 13.05 15.04
N SER B 292 -32.23 12.72 14.08
CA SER B 292 -33.56 13.34 13.88
C SER B 292 -34.66 12.47 14.51
N LYS B 293 -35.87 13.03 14.69
CA LYS B 293 -37.04 12.31 15.27
C LYS B 293 -37.60 11.31 14.24
N GLU B 294 -37.33 11.51 12.94
CA GLU B 294 -37.84 10.65 11.84
C GLU B 294 -37.23 9.24 11.92
N LYS B 295 -36.10 9.08 12.62
CA LYS B 295 -35.45 7.77 12.84
C LYS B 295 -36.41 6.81 13.54
N PHE B 296 -37.32 7.33 14.38
CA PHE B 296 -38.28 6.53 15.20
C PHE B 296 -39.63 6.39 14.48
N ASN B 297 -39.73 6.84 13.23
CA ASN B 297 -40.97 6.78 12.42
C ASN B 297 -41.03 5.43 11.72
N PRO B 298 -41.99 4.54 12.07
CA PRO B 298 -42.07 3.20 11.49
C PRO B 298 -42.17 3.11 9.97
N GLU B 299 -42.61 4.18 9.31
CA GLU B 299 -42.87 4.21 7.84
C GLU B 299 -41.60 3.88 7.06
N TRP B 300 -40.43 4.20 7.62
CA TRP B 300 -39.11 3.99 6.96
C TRP B 300 -38.77 2.50 6.89
N TYR B 301 -39.13 1.72 7.90
CA TYR B 301 -38.65 0.33 8.12
C TYR B 301 -39.64 -0.67 7.50
N LYS B 302 -39.21 -1.37 6.46
CA LYS B 302 -40.01 -2.42 5.75
C LYS B 302 -39.38 -3.79 6.05
N GLY B 303 -39.92 -4.87 5.48
CA GLY B 303 -39.47 -6.25 5.73
C GLY B 303 -39.75 -6.66 7.16
N GLU B 304 -39.17 -7.76 7.62
CA GLU B 304 -39.44 -8.37 8.96
C GLU B 304 -38.11 -8.67 9.65
N PRO B 305 -37.68 -7.83 10.62
CA PRO B 305 -36.45 -8.10 11.37
C PRO B 305 -36.63 -9.41 12.17
N ILE B 306 -35.54 -10.12 12.40
CA ILE B 306 -35.56 -11.48 13.02
C ILE B 306 -36.25 -11.43 14.37
N TRP B 307 -36.20 -10.32 15.10
CA TRP B 307 -36.87 -10.25 16.43
C TRP B 307 -38.39 -10.28 16.26
N VAL B 308 -38.90 -9.79 15.13
CA VAL B 308 -40.36 -9.87 14.80
C VAL B 308 -40.68 -11.33 14.42
N THR B 309 -39.92 -11.92 13.49
CA THR B 309 -40.02 -13.36 13.11
C THR B 309 -40.09 -14.21 14.38
N ALA B 310 -39.15 -13.99 15.30
CA ALA B 310 -39.00 -14.75 16.57
C ALA B 310 -40.25 -14.60 17.43
N LYS B 311 -40.80 -13.38 17.53
CA LYS B 311 -41.99 -13.10 18.37
C LYS B 311 -43.18 -13.93 17.87
N TYR B 312 -43.42 -13.96 16.56
CA TYR B 312 -44.55 -14.70 15.94
C TYR B 312 -44.40 -16.21 16.18
N GLN B 313 -43.19 -16.69 16.45
CA GLN B 313 -42.93 -18.14 16.69
C GLN B 313 -42.53 -18.35 18.15
N GLY B 314 -42.84 -17.38 19.01
CA GLY B 314 -42.89 -17.54 20.48
C GLY B 314 -41.55 -17.44 21.18
N LEU B 315 -40.52 -16.83 20.56
CA LEU B 315 -39.21 -16.56 21.20
C LEU B 315 -39.08 -15.06 21.46
N LYS B 316 -38.56 -14.70 22.63
CA LYS B 316 -38.31 -13.31 23.04
C LYS B 316 -36.93 -12.84 22.56
N SER B 317 -36.75 -11.53 22.50
CA SER B 317 -35.53 -10.86 21.98
C SER B 317 -35.06 -9.80 22.97
N GLY B 318 -33.75 -9.66 23.11
CA GLY B 318 -33.10 -8.59 23.90
C GLY B 318 -32.03 -7.93 23.06
N THR B 319 -32.26 -6.69 22.63
CA THR B 319 -31.32 -5.94 21.76
C THR B 319 -30.68 -4.82 22.58
N PHE B 320 -29.35 -4.83 22.71
CA PHE B 320 -28.57 -3.69 23.26
C PHE B 320 -27.98 -2.93 22.08
N PHE B 321 -28.84 -2.14 21.44
CA PHE B 321 -28.59 -1.30 20.25
C PHE B 321 -28.64 -2.20 19.01
N TRP B 322 -29.45 -1.78 18.05
CA TRP B 322 -29.43 -2.26 16.64
C TRP B 322 -30.34 -1.34 15.85
N PRO B 323 -29.94 -0.89 14.64
CA PRO B 323 -30.85 -0.17 13.76
C PRO B 323 -32.20 -0.91 13.64
N GLY B 324 -33.29 -0.22 14.01
CA GLY B 324 -34.66 -0.73 13.95
C GLY B 324 -35.18 -1.22 15.29
N SER B 325 -34.29 -1.50 16.25
CA SER B 325 -34.65 -2.18 17.53
C SER B 325 -35.32 -1.19 18.49
N ASP B 326 -35.18 0.13 18.27
CA ASP B 326 -35.83 1.16 19.12
C ASP B 326 -37.01 1.78 18.36
N VAL B 327 -37.54 1.07 17.36
CA VAL B 327 -38.66 1.52 16.48
C VAL B 327 -39.77 0.48 16.54
N GLU B 328 -41.02 0.94 16.58
CA GLU B 328 -42.23 0.08 16.54
C GLU B 328 -42.42 -0.42 15.10
N ILE B 329 -41.99 -1.66 14.81
CA ILE B 329 -42.08 -2.30 13.45
C ILE B 329 -43.19 -3.35 13.49
N ASN B 330 -44.12 -3.32 12.53
CA ASN B 330 -45.38 -4.11 12.53
C ASN B 330 -46.01 -4.05 13.94
N GLY B 331 -45.95 -2.90 14.60
CA GLY B 331 -46.55 -2.66 15.93
C GLY B 331 -45.76 -3.29 17.08
N ILE B 332 -44.57 -3.83 16.83
CA ILE B 332 -43.81 -4.68 17.78
C ILE B 332 -42.45 -4.04 18.08
N PHE B 333 -42.04 -4.04 19.36
CA PHE B 333 -40.65 -3.83 19.81
C PHE B 333 -40.04 -5.17 20.23
N PRO B 334 -38.69 -5.30 20.29
CA PRO B 334 -38.08 -6.41 21.01
C PRO B 334 -38.58 -6.42 22.46
N ASP B 335 -38.61 -7.59 23.09
CA ASP B 335 -39.11 -7.75 24.48
C ASP B 335 -38.27 -6.89 25.43
N ILE B 336 -36.95 -6.83 25.20
CA ILE B 336 -36.02 -5.89 25.87
C ILE B 336 -35.24 -5.15 24.77
N TYR B 337 -35.19 -3.84 24.85
CA TYR B 337 -34.52 -2.98 23.84
C TYR B 337 -33.99 -1.73 24.55
N LYS B 338 -33.03 -1.06 23.92
CA LYS B 338 -32.43 0.19 24.42
C LYS B 338 -32.59 1.25 23.34
N MET B 339 -33.01 2.45 23.75
CA MET B 339 -32.93 3.67 22.92
C MET B 339 -31.44 3.92 22.65
N TYR B 340 -31.05 4.08 21.38
CA TYR B 340 -29.61 4.21 21.02
C TYR B 340 -29.02 5.38 21.81
N ASN B 341 -27.82 5.15 22.36
CA ASN B 341 -27.06 6.11 23.19
C ASN B 341 -25.59 5.71 23.16
N GLY B 342 -24.82 6.36 22.28
CA GLY B 342 -23.40 6.04 22.02
C GLY B 342 -22.51 6.29 23.23
N SER B 343 -23.01 7.03 24.23
CA SER B 343 -22.25 7.39 25.45
C SER B 343 -22.13 6.20 26.41
N VAL B 344 -22.99 5.19 26.26
CA VAL B 344 -22.98 4.01 27.18
C VAL B 344 -21.65 3.28 27.00
N PRO B 345 -20.81 3.15 28.04
CA PRO B 345 -19.51 2.48 27.88
C PRO B 345 -19.72 1.00 27.51
N PHE B 346 -18.81 0.46 26.70
CA PHE B 346 -18.92 -0.91 26.12
C PHE B 346 -19.14 -1.94 27.22
N GLU B 347 -18.39 -1.84 28.32
CA GLU B 347 -18.46 -2.81 29.44
C GLU B 347 -19.90 -2.90 29.95
N GLU B 348 -20.64 -1.79 29.98
CA GLU B 348 -22.01 -1.74 30.56
C GLU B 348 -22.98 -2.45 29.61
N ARG B 349 -22.74 -2.37 28.30
CA ARG B 349 -23.56 -3.06 27.29
C ARG B 349 -23.41 -4.56 27.51
N ILE B 350 -22.16 -5.04 27.58
CA ILE B 350 -21.86 -6.48 27.79
C ILE B 350 -22.47 -6.95 29.11
N LEU B 351 -22.30 -6.21 30.21
CA LEU B 351 -22.83 -6.59 31.55
C LEU B 351 -24.36 -6.70 31.50
N ALA B 352 -25.03 -5.81 30.78
CA ALA B 352 -26.51 -5.81 30.66
C ALA B 352 -26.96 -7.10 29.96
N VAL B 353 -26.32 -7.47 28.86
CA VAL B 353 -26.68 -8.71 28.11
C VAL B 353 -26.43 -9.93 29.01
N LEU B 354 -25.37 -9.91 29.82
CA LEU B 354 -25.09 -11.02 30.78
C LEU B 354 -26.19 -11.07 31.85
N GLN B 355 -26.76 -9.93 32.25
CA GLN B 355 -27.92 -9.89 33.18
C GLN B 355 -29.13 -10.52 32.50
N TRP B 356 -29.41 -10.20 31.23
CA TRP B 356 -30.56 -10.76 30.48
C TRP B 356 -30.46 -12.29 30.39
N LEU B 357 -29.25 -12.83 30.24
CA LEU B 357 -29.01 -14.29 30.09
C LEU B 357 -29.21 -15.00 31.43
N GLN B 358 -29.40 -14.26 32.53
CA GLN B 358 -29.67 -14.80 33.89
C GLN B 358 -31.14 -14.57 34.29
N LEU B 359 -31.97 -13.96 33.44
CA LEU B 359 -33.43 -13.84 33.68
C LEU B 359 -34.02 -15.24 33.84
N PRO B 360 -35.13 -15.39 34.59
CA PRO B 360 -35.85 -16.66 34.61
C PRO B 360 -36.41 -16.95 33.21
N LYS B 361 -36.58 -18.24 32.89
CA LYS B 361 -36.79 -18.76 31.51
C LYS B 361 -38.08 -18.18 30.90
N ASP B 362 -39.05 -17.75 31.72
CA ASP B 362 -40.33 -17.21 31.21
C ASP B 362 -40.11 -15.84 30.56
N GLU B 363 -39.11 -15.05 30.99
CA GLU B 363 -38.87 -13.69 30.42
C GLU B 363 -37.51 -13.61 29.71
N ARG B 364 -36.72 -14.69 29.69
CA ARG B 364 -35.33 -14.67 29.14
C ARG B 364 -35.35 -14.81 27.62
N PRO B 365 -34.75 -13.86 26.85
CA PRO B 365 -34.68 -14.00 25.40
C PRO B 365 -33.87 -15.19 24.85
N HIS B 366 -34.16 -15.51 23.59
CA HIS B 366 -33.39 -16.46 22.73
C HIS B 366 -32.51 -15.68 21.73
N PHE B 367 -32.95 -14.51 21.27
CA PHE B 367 -32.19 -13.69 20.28
C PHE B 367 -31.68 -12.42 20.97
N TYR B 368 -30.38 -12.16 20.83
CA TYR B 368 -29.70 -11.01 21.47
C TYR B 368 -28.92 -10.24 20.41
N THR B 369 -28.82 -8.91 20.57
CA THR B 369 -27.84 -8.09 19.81
C THR B 369 -26.98 -7.29 20.79
N LEU B 370 -25.77 -7.01 20.35
CA LEU B 370 -24.74 -6.18 21.01
C LEU B 370 -24.08 -5.39 19.88
N TYR B 371 -23.90 -4.08 20.05
CA TYR B 371 -23.35 -3.18 19.01
C TYR B 371 -22.33 -2.26 19.69
N LEU B 372 -21.12 -2.14 19.12
CA LEU B 372 -20.07 -1.18 19.52
C LEU B 372 -19.72 -0.29 18.32
N GLU B 373 -19.46 1.01 18.56
CA GLU B 373 -19.14 2.00 17.49
C GLU B 373 -17.69 1.82 17.03
N GLU B 374 -16.86 1.05 17.73
CA GLU B 374 -15.45 0.81 17.33
C GLU B 374 -15.35 -0.51 16.57
N PRO B 375 -14.38 -0.66 15.64
CA PRO B 375 -13.39 0.38 15.33
C PRO B 375 -13.74 1.41 14.26
N ASP B 376 -15.02 1.61 13.94
CA ASP B 376 -15.50 2.60 12.94
C ASP B 376 -15.04 4.00 13.38
N SER B 377 -15.31 4.40 14.63
CA SER B 377 -15.02 5.76 15.17
C SER B 377 -13.53 6.10 14.95
N SER B 378 -12.62 5.27 15.45
CA SER B 378 -11.16 5.46 15.32
C SER B 378 -10.75 5.38 13.85
N GLY B 379 -11.44 4.55 13.05
CA GLY B 379 -11.16 4.42 11.61
C GLY B 379 -11.37 5.73 10.87
N HIS B 380 -12.52 6.38 11.09
CA HIS B 380 -12.85 7.72 10.53
C HIS B 380 -11.79 8.72 10.99
N SER B 381 -11.59 8.83 12.30
CA SER B 381 -10.81 9.90 12.98
C SER B 381 -9.31 9.83 12.64
N TYR B 382 -8.74 8.63 12.48
CA TYR B 382 -7.26 8.46 12.42
C TYR B 382 -6.82 7.67 11.18
N GLY B 383 -7.77 7.09 10.44
CA GLY B 383 -7.47 6.26 9.26
C GLY B 383 -7.37 4.78 9.63
N PRO B 384 -7.67 3.85 8.69
CA PRO B 384 -7.64 2.42 8.98
C PRO B 384 -6.27 1.85 9.35
N VAL B 385 -5.18 2.48 8.90
CA VAL B 385 -3.79 2.05 9.26
C VAL B 385 -3.18 3.13 10.17
N SER B 386 -3.34 2.96 11.48
CA SER B 386 -3.01 3.97 12.51
C SER B 386 -2.84 3.29 13.88
N SER B 387 -2.03 3.88 14.75
CA SER B 387 -1.87 3.46 16.16
C SER B 387 -3.25 3.39 16.84
N GLU B 388 -4.11 4.37 16.55
CA GLU B 388 -5.42 4.52 17.23
C GLU B 388 -6.33 3.35 16.86
N VAL B 389 -6.32 2.91 15.60
CA VAL B 389 -7.19 1.78 15.16
C VAL B 389 -6.68 0.49 15.80
N ILE B 390 -5.37 0.30 15.92
CA ILE B 390 -4.79 -0.90 16.60
C ILE B 390 -5.27 -0.93 18.06
N LYS B 391 -5.25 0.22 18.73
CA LYS B 391 -5.69 0.32 20.16
C LYS B 391 -7.19 0.04 20.23
N ALA B 392 -7.97 0.53 19.26
CA ALA B 392 -9.44 0.32 19.22
C ALA B 392 -9.73 -1.16 18.96
N LEU B 393 -8.95 -1.81 18.08
CA LEU B 393 -9.12 -3.25 17.77
C LEU B 393 -8.83 -4.06 19.04
N GLN B 394 -7.79 -3.71 19.78
CA GLN B 394 -7.44 -4.43 21.03
C GLN B 394 -8.57 -4.22 22.05
N ARG B 395 -9.12 -3.01 22.11
CA ARG B 395 -10.23 -2.71 23.05
C ARG B 395 -11.43 -3.61 22.72
N VAL B 396 -11.86 -3.68 21.46
CA VAL B 396 -13.07 -4.49 21.09
C VAL B 396 -12.76 -5.98 21.27
N ASP B 397 -11.53 -6.43 21.00
CA ASP B 397 -11.10 -7.82 21.28
C ASP B 397 -11.34 -8.11 22.76
N GLY B 398 -10.90 -7.20 23.64
CA GLY B 398 -11.09 -7.30 25.10
C GLY B 398 -12.56 -7.32 25.47
N MET B 399 -13.40 -6.56 24.77
CA MET B 399 -14.85 -6.53 25.05
C MET B 399 -15.45 -7.88 24.62
N VAL B 400 -15.02 -8.47 23.51
CA VAL B 400 -15.48 -9.82 23.09
C VAL B 400 -15.04 -10.83 24.17
N GLY B 401 -13.81 -10.69 24.66
CA GLY B 401 -13.27 -11.57 25.70
C GLY B 401 -14.06 -11.45 26.99
N MET B 402 -14.55 -10.25 27.29
CA MET B 402 -15.34 -9.98 28.51
C MET B 402 -16.67 -10.73 28.40
N LEU B 403 -17.28 -10.76 27.21
CA LEU B 403 -18.52 -11.52 26.98
C LEU B 403 -18.23 -13.02 27.18
N MET B 404 -17.17 -13.54 26.56
CA MET B 404 -16.87 -14.99 26.60
C MET B 404 -16.56 -15.41 28.05
N ASP B 405 -15.83 -14.59 28.80
CA ASP B 405 -15.53 -14.85 30.23
C ASP B 405 -16.84 -14.82 31.03
N GLY B 406 -17.71 -13.86 30.73
CA GLY B 406 -19.04 -13.76 31.34
C GLY B 406 -19.84 -15.02 31.09
N LEU B 407 -19.88 -15.49 29.85
CA LEU B 407 -20.65 -16.70 29.46
C LEU B 407 -20.06 -17.91 30.20
N LYS B 408 -18.73 -17.99 30.33
CA LYS B 408 -18.03 -19.10 31.02
C LYS B 408 -18.45 -19.12 32.49
N GLU B 409 -18.47 -17.96 33.16
CA GLU B 409 -18.90 -17.84 34.58
C GLU B 409 -20.32 -18.41 34.71
N LEU B 410 -21.19 -18.21 33.71
CA LEU B 410 -22.62 -18.63 33.73
C LEU B 410 -22.79 -20.05 33.15
N ASN B 411 -21.72 -20.72 32.72
CA ASN B 411 -21.80 -22.04 32.05
C ASN B 411 -22.71 -21.94 30.81
N LEU B 412 -22.59 -20.86 30.04
CA LEU B 412 -23.31 -20.66 28.75
C LEU B 412 -22.33 -20.67 27.58
N HIS B 413 -21.03 -20.91 27.82
CA HIS B 413 -19.97 -20.83 26.79
C HIS B 413 -19.97 -22.05 25.86
N ARG B 414 -20.74 -23.09 26.18
CA ARG B 414 -21.00 -24.24 25.26
C ARG B 414 -22.51 -24.33 25.01
N CYS B 415 -23.18 -23.19 25.07
CA CYS B 415 -24.64 -23.07 24.87
C CYS B 415 -24.91 -22.04 23.78
N LEU B 416 -24.47 -20.81 24.00
CA LEU B 416 -24.84 -19.65 23.15
C LEU B 416 -24.15 -19.76 21.78
N ASN B 417 -24.91 -19.51 20.72
CA ASN B 417 -24.41 -19.34 19.34
C ASN B 417 -24.04 -17.87 19.15
N LEU B 418 -22.74 -17.56 19.04
CA LEU B 418 -22.23 -16.19 18.84
C LEU B 418 -22.00 -15.98 17.34
N ILE B 419 -22.56 -14.92 16.78
CA ILE B 419 -22.17 -14.40 15.44
C ILE B 419 -21.50 -13.05 15.66
N LEU B 420 -20.17 -13.03 15.53
CA LEU B 420 -19.37 -11.78 15.57
C LEU B 420 -19.30 -11.26 14.13
N ILE B 421 -19.70 -10.01 13.91
CA ILE B 421 -20.00 -9.49 12.54
C ILE B 421 -19.64 -8.01 12.48
N SER B 422 -19.51 -7.45 11.28
CA SER B 422 -19.43 -5.98 11.07
C SER B 422 -20.31 -5.60 9.88
N ASP B 423 -20.64 -4.32 9.80
CA ASP B 423 -21.56 -3.75 8.79
C ASP B 423 -20.78 -3.52 7.49
N HIS B 424 -19.49 -3.18 7.58
CA HIS B 424 -18.68 -2.74 6.41
C HIS B 424 -17.21 -2.57 6.81
N GLY B 425 -16.36 -2.34 5.82
CA GLY B 425 -14.95 -2.03 6.04
C GLY B 425 -14.70 -0.55 6.19
N MET B 426 -13.50 -0.11 5.81
CA MET B 426 -12.99 1.26 6.01
C MET B 426 -11.86 1.48 4.99
N GLU B 427 -11.78 2.68 4.43
CA GLU B 427 -10.78 3.09 3.41
C GLU B 427 -10.17 4.42 3.83
N GLN B 428 -8.92 4.67 3.46
CA GLN B 428 -8.24 5.97 3.69
C GLN B 428 -8.70 6.98 2.63
N GLY B 429 -9.41 8.03 3.05
CA GLY B 429 -9.76 9.19 2.21
C GLY B 429 -8.55 10.09 2.00
N SER B 430 -8.61 10.93 0.97
CA SER B 430 -7.56 11.93 0.63
C SER B 430 -8.23 13.16 0.03
N CYS B 431 -7.76 14.36 0.39
CA CYS B 431 -8.28 15.64 -0.15
C CYS B 431 -7.95 15.71 -1.65
N LYS B 432 -6.95 14.95 -2.09
CA LYS B 432 -6.52 14.82 -3.51
C LYS B 432 -7.38 13.78 -4.26
N LYS B 433 -8.23 13.03 -3.56
CA LYS B 433 -9.12 12.01 -4.17
C LYS B 433 -10.58 12.35 -3.85
N TYR B 434 -10.92 13.63 -3.96
CA TYR B 434 -12.29 14.16 -3.75
C TYR B 434 -12.67 14.95 -5.01
N ILE B 435 -13.78 14.57 -5.63
CA ILE B 435 -14.34 15.23 -6.83
C ILE B 435 -15.41 16.22 -6.36
N TYR B 436 -15.35 17.46 -6.87
CA TYR B 436 -16.34 18.52 -6.58
C TYR B 436 -17.08 18.79 -7.89
N LEU B 437 -18.42 18.63 -7.86
CA LEU B 437 -19.29 18.76 -9.05
C LEU B 437 -19.35 20.21 -9.51
N ASN B 438 -19.16 21.18 -8.60
CA ASN B 438 -19.24 22.63 -8.94
C ASN B 438 -18.19 22.97 -10.00
N LYS B 439 -17.09 22.22 -10.08
CA LYS B 439 -16.07 22.38 -11.14
C LYS B 439 -16.71 22.20 -12.53
N TYR B 440 -17.66 21.28 -12.68
CA TYR B 440 -18.29 20.91 -13.98
C TYR B 440 -19.65 21.60 -14.17
N LEU B 441 -20.35 21.91 -13.07
CA LEU B 441 -21.75 22.43 -13.12
C LEU B 441 -21.81 23.92 -12.76
N GLY B 442 -20.76 24.47 -12.12
CA GLY B 442 -20.79 25.81 -11.50
C GLY B 442 -21.55 25.77 -10.18
N ASP B 443 -21.53 26.86 -9.41
CA ASP B 443 -22.16 26.92 -8.06
C ASP B 443 -23.68 27.07 -8.22
N VAL B 444 -24.33 26.08 -8.86
CA VAL B 444 -25.80 25.96 -9.02
C VAL B 444 -26.42 25.68 -7.64
N LYS B 445 -27.66 26.11 -7.43
CA LYS B 445 -28.38 25.99 -6.12
C LYS B 445 -29.72 25.28 -6.33
N ASN B 446 -29.89 24.57 -7.45
CA ASN B 446 -31.14 23.85 -7.81
C ASN B 446 -31.02 22.36 -7.44
N ILE B 447 -29.82 21.88 -7.08
CA ILE B 447 -29.56 20.43 -6.79
C ILE B 447 -28.97 20.25 -5.39
N LYS B 448 -29.26 19.08 -4.82
CA LYS B 448 -28.81 18.60 -3.50
C LYS B 448 -28.04 17.30 -3.73
N VAL B 449 -26.76 17.26 -3.36
CA VAL B 449 -25.87 16.09 -3.67
C VAL B 449 -25.44 15.44 -2.35
N ILE B 450 -25.89 14.19 -2.11
CA ILE B 450 -25.41 13.33 -0.99
C ILE B 450 -23.94 13.03 -1.27
N TYR B 451 -23.05 13.42 -0.34
CA TYR B 451 -21.57 13.34 -0.52
C TYR B 451 -21.07 11.94 -0.14
N GLY B 452 -19.82 11.66 -0.50
CA GLY B 452 -19.11 10.40 -0.18
C GLY B 452 -18.94 9.54 -1.42
N PRO B 453 -18.57 8.26 -1.26
CA PRO B 453 -18.32 7.36 -2.39
C PRO B 453 -19.60 6.79 -3.01
N ALA B 454 -20.74 6.92 -2.31
CA ALA B 454 -22.06 6.44 -2.75
C ALA B 454 -22.95 7.64 -3.10
N ALA B 455 -22.36 8.62 -3.80
CA ALA B 455 -22.95 9.96 -4.03
C ALA B 455 -24.18 9.84 -4.95
N ARG B 456 -25.20 10.61 -4.63
CA ARG B 456 -26.53 10.60 -5.30
C ARG B 456 -26.99 12.04 -5.45
N LEU B 457 -27.79 12.31 -6.49
CA LEU B 457 -28.23 13.68 -6.85
C LEU B 457 -29.74 13.69 -7.09
N ARG B 458 -30.39 14.76 -6.63
CA ARG B 458 -31.84 15.00 -6.77
C ARG B 458 -32.08 16.50 -6.71
N PRO B 459 -33.19 17.01 -7.28
CA PRO B 459 -33.50 18.44 -7.24
C PRO B 459 -33.74 18.97 -5.82
N SER B 460 -33.43 20.25 -5.59
CA SER B 460 -33.75 21.01 -4.34
C SER B 460 -35.27 21.13 -4.18
N ASP B 461 -35.98 21.39 -5.27
CA ASP B 461 -37.45 21.63 -5.28
C ASP B 461 -38.16 20.27 -5.25
N VAL B 462 -38.38 19.73 -4.04
CA VAL B 462 -39.03 18.42 -3.80
C VAL B 462 -40.17 18.64 -2.80
N PRO B 463 -41.30 17.90 -2.91
CA PRO B 463 -41.45 16.77 -3.83
C PRO B 463 -41.81 17.09 -5.30
N ASP B 464 -41.88 18.38 -5.66
CA ASP B 464 -42.50 18.89 -6.91
C ASP B 464 -41.82 18.25 -8.14
N LYS B 465 -40.53 18.53 -8.35
CA LYS B 465 -39.82 18.13 -9.60
C LYS B 465 -39.06 16.81 -9.42
N TYR B 466 -39.37 16.00 -8.39
CA TYR B 466 -38.58 14.78 -8.05
C TYR B 466 -38.55 13.80 -9.23
N TYR B 467 -39.67 13.64 -9.95
CA TYR B 467 -39.80 12.71 -11.11
C TYR B 467 -39.62 13.48 -12.43
N SER B 468 -40.01 14.76 -12.48
CA SER B 468 -40.06 15.60 -13.71
C SER B 468 -38.67 16.12 -14.10
N PHE B 469 -37.73 16.20 -13.14
CA PHE B 469 -36.40 16.87 -13.27
C PHE B 469 -35.55 16.15 -14.33
N ASN B 470 -34.66 16.90 -15.00
CA ASN B 470 -33.87 16.40 -16.17
C ASN B 470 -32.57 15.77 -15.66
N TYR B 471 -32.66 14.55 -15.13
CA TYR B 471 -31.53 13.76 -14.62
C TYR B 471 -30.59 13.41 -15.78
N GLU B 472 -31.17 12.89 -16.86
CA GLU B 472 -30.42 12.43 -18.07
C GLU B 472 -29.53 13.58 -18.59
N GLY B 473 -30.02 14.82 -18.49
CA GLY B 473 -29.29 16.04 -18.87
C GLY B 473 -27.97 16.16 -18.12
N ILE B 474 -28.04 16.12 -16.78
CA ILE B 474 -26.84 16.20 -15.90
C ILE B 474 -25.99 14.94 -16.12
N ALA B 475 -26.62 13.77 -16.21
CA ALA B 475 -25.93 12.49 -16.47
C ALA B 475 -24.99 12.65 -17.68
N ARG B 476 -25.52 13.08 -18.82
CA ARG B 476 -24.74 13.29 -20.08
C ARG B 476 -23.73 14.42 -19.89
N ASN B 477 -24.12 15.50 -19.19
CA ASN B 477 -23.25 16.67 -18.91
C ASN B 477 -21.98 16.21 -18.18
N LEU B 478 -22.06 15.23 -17.27
CA LEU B 478 -20.92 14.83 -16.38
C LEU B 478 -20.19 13.57 -16.89
N SER B 479 -20.63 12.95 -17.98
CA SER B 479 -19.98 11.74 -18.58
C SER B 479 -18.70 12.12 -19.33
N CYS B 480 -17.67 11.29 -19.22
CA CYS B 480 -16.45 11.28 -20.07
C CYS B 480 -15.90 12.71 -20.26
N ARG B 481 -15.92 13.53 -19.21
CA ARG B 481 -15.50 14.96 -19.26
C ARG B 481 -13.98 15.06 -19.20
N GLU B 482 -13.31 14.11 -18.53
CA GLU B 482 -11.83 14.03 -18.46
C GLU B 482 -11.41 12.58 -18.73
N PRO B 483 -10.16 12.35 -19.19
CA PRO B 483 -9.66 10.99 -19.38
C PRO B 483 -9.30 10.39 -18.01
N ASN B 484 -9.50 9.07 -17.85
CA ASN B 484 -9.29 8.35 -16.56
C ASN B 484 -10.01 9.11 -15.45
N GLN B 485 -11.28 9.46 -15.68
CA GLN B 485 -12.22 10.05 -14.69
C GLN B 485 -12.44 9.01 -13.58
N NEP B 486 -12.61 9.46 -12.34
CA NEP B 486 -12.59 8.53 -11.21
C NEP B 486 -14.01 8.41 -10.68
O NEP B 486 -14.23 7.81 -9.62
CB NEP B 486 -11.59 8.93 -10.12
CG NEP B 486 -10.17 8.68 -10.50
ND1 NEP B 486 -9.60 7.45 -10.30
CD2 NEP B 486 -9.27 9.53 -11.09
CE1 NEP B 486 -8.37 7.55 -10.74
NE2 NEP B 486 -8.10 8.79 -11.22
P NEP B 486 -6.61 9.30 -11.88
O1P NEP B 486 -5.59 9.37 -10.77
O2P NEP B 486 -6.84 10.69 -12.46
O3P NEP B 486 -6.18 8.32 -12.94
N PHE B 487 -14.98 8.98 -11.40
CA PHE B 487 -16.39 8.86 -11.07
C PHE B 487 -17.18 8.67 -12.36
N LYS B 488 -18.41 8.18 -12.25
CA LYS B 488 -19.27 7.82 -13.40
C LYS B 488 -20.72 8.09 -13.00
N PRO B 489 -21.46 8.96 -13.73
CA PRO B 489 -22.89 9.14 -13.48
C PRO B 489 -23.66 7.96 -14.07
N TYR B 490 -24.66 7.49 -13.31
CA TYR B 490 -25.56 6.39 -13.68
C TYR B 490 -26.98 6.78 -13.28
N LEU B 491 -27.93 6.64 -14.20
CA LEU B 491 -29.35 6.54 -13.79
C LEU B 491 -29.46 5.20 -13.03
N LYS B 492 -30.27 5.14 -11.98
CA LYS B 492 -30.40 4.00 -11.03
C LYS B 492 -30.45 2.65 -11.76
N HIS B 493 -31.29 2.57 -12.79
CA HIS B 493 -31.61 1.30 -13.51
C HIS B 493 -30.42 0.86 -14.35
N PHE B 494 -29.42 1.73 -14.59
CA PHE B 494 -28.22 1.40 -15.41
C PHE B 494 -27.06 0.92 -14.52
N LEU B 495 -27.14 1.09 -13.19
CA LEU B 495 -26.15 0.54 -12.22
C LEU B 495 -26.08 -0.98 -12.39
N PRO B 496 -24.90 -1.60 -12.19
CA PRO B 496 -24.77 -3.06 -12.24
C PRO B 496 -25.83 -3.73 -11.36
N LYS B 497 -26.47 -4.78 -11.88
CA LYS B 497 -27.63 -5.43 -11.22
C LYS B 497 -27.19 -6.08 -9.92
N ARG B 498 -25.93 -6.50 -9.82
CA ARG B 498 -25.35 -7.13 -8.60
C ARG B 498 -25.51 -6.20 -7.39
N LEU B 499 -25.62 -4.89 -7.61
CA LEU B 499 -25.79 -3.89 -6.51
C LEU B 499 -27.24 -3.88 -6.01
N HIS B 500 -28.19 -4.41 -6.79
CA HIS B 500 -29.64 -4.40 -6.47
C HIS B 500 -30.02 -3.06 -5.82
N PHE B 501 -29.73 -1.94 -6.48
CA PHE B 501 -29.83 -0.59 -5.87
C PHE B 501 -30.67 0.40 -6.71
N ALA B 502 -31.92 0.07 -7.04
CA ALA B 502 -32.81 0.92 -7.88
C ALA B 502 -34.27 0.92 -7.40
N LYS B 503 -34.85 -0.23 -7.02
CA LYS B 503 -36.32 -0.41 -6.87
C LYS B 503 -36.94 0.76 -6.09
N SER B 504 -36.39 1.12 -4.93
CA SER B 504 -36.97 2.12 -3.98
C SER B 504 -37.01 3.53 -4.59
N ASP B 505 -38.09 4.28 -4.31
CA ASP B 505 -38.26 5.71 -4.68
C ASP B 505 -37.33 6.58 -3.84
N ARG B 506 -36.80 6.05 -2.72
CA ARG B 506 -35.89 6.77 -1.80
C ARG B 506 -34.46 6.77 -2.35
N ILE B 507 -34.19 5.99 -3.40
CA ILE B 507 -32.91 6.03 -4.17
C ILE B 507 -33.06 7.11 -5.25
N GLU B 508 -32.26 8.18 -5.14
CA GLU B 508 -32.29 9.33 -6.06
C GLU B 508 -32.11 8.79 -7.47
N PRO B 509 -32.93 9.21 -8.47
CA PRO B 509 -32.81 8.70 -9.84
C PRO B 509 -31.42 8.81 -10.49
N LEU B 510 -30.58 9.76 -10.06
CA LEU B 510 -29.17 9.87 -10.51
C LEU B 510 -28.21 9.51 -9.37
N THR B 511 -27.37 8.50 -9.60
CA THR B 511 -26.36 7.99 -8.65
C THR B 511 -24.97 8.12 -9.30
N PHE B 512 -23.92 8.11 -8.49
CA PHE B 512 -22.51 8.13 -8.96
C PHE B 512 -21.81 6.87 -8.48
N TYR B 513 -21.07 6.23 -9.39
CA TYR B 513 -20.15 5.10 -9.09
C TYR B 513 -18.73 5.66 -8.97
N LEU B 514 -18.14 5.56 -7.79
CA LEU B 514 -16.79 6.09 -7.48
C LEU B 514 -15.77 4.95 -7.53
N ASP B 515 -14.57 5.25 -8.01
CA ASP B 515 -13.43 4.30 -8.02
C ASP B 515 -12.94 4.13 -6.59
N PRO B 516 -12.20 3.05 -6.27
CA PRO B 516 -11.69 2.85 -4.92
C PRO B 516 -10.93 4.09 -4.44
N GLN B 517 -11.21 4.53 -3.22
CA GLN B 517 -10.49 5.60 -2.46
C GLN B 517 -11.04 6.99 -2.83
N TRP B 518 -11.94 7.07 -3.80
CA TRP B 518 -12.47 8.35 -4.33
C TRP B 518 -13.84 8.65 -3.72
N GLN B 519 -14.10 9.93 -3.45
CA GLN B 519 -15.41 10.44 -2.98
C GLN B 519 -15.83 11.64 -3.83
N LEU B 520 -17.07 12.06 -3.69
CA LEU B 520 -17.70 13.13 -4.52
C LEU B 520 -18.64 13.96 -3.64
N ALA B 521 -18.63 15.28 -3.82
CA ALA B 521 -19.57 16.23 -3.19
C ALA B 521 -19.90 17.33 -4.21
N LEU B 522 -20.88 18.17 -3.91
CA LEU B 522 -21.21 19.38 -4.72
C LEU B 522 -20.01 20.32 -4.69
N ASN B 523 -19.53 20.64 -3.47
CA ASN B 523 -18.45 21.61 -3.20
C ASN B 523 -17.76 21.26 -1.87
N PRO B 524 -16.54 21.77 -1.60
CA PRO B 524 -15.84 21.51 -0.34
C PRO B 524 -16.55 21.90 0.97
N SER B 525 -17.55 22.79 0.92
CA SER B 525 -18.35 23.21 2.09
C SER B 525 -19.24 22.05 2.56
N GLU B 526 -19.82 21.30 1.60
CA GLU B 526 -20.87 20.28 1.84
C GLU B 526 -20.25 18.89 1.89
N ARG B 527 -19.29 18.69 2.82
CA ARG B 527 -18.63 17.39 3.11
C ARG B 527 -17.83 17.51 4.42
N LYS B 528 -17.51 16.38 5.06
CA LYS B 528 -16.69 16.31 6.29
C LYS B 528 -15.20 16.34 5.88
N TYR B 529 -14.27 16.15 6.82
CA TYR B 529 -12.81 16.20 6.58
C TYR B 529 -12.46 15.18 5.49
N CYS B 530 -11.83 15.63 4.40
CA CYS B 530 -11.53 14.81 3.20
C CYS B 530 -10.43 13.78 3.53
N GLY B 531 -9.62 14.03 4.55
CA GLY B 531 -8.48 13.18 4.95
C GLY B 531 -8.87 12.07 5.92
N SER B 532 -10.14 12.02 6.31
CA SER B 532 -10.68 10.99 7.24
C SER B 532 -10.75 9.63 6.56
N GLY B 533 -10.80 8.57 7.36
CA GLY B 533 -11.29 7.25 6.91
C GLY B 533 -12.72 7.37 6.44
N PHE B 534 -13.11 6.61 5.42
CA PHE B 534 -14.50 6.56 4.92
C PHE B 534 -14.85 5.15 4.46
N HIS B 535 -16.14 4.95 4.19
CA HIS B 535 -16.74 3.72 3.59
C HIS B 535 -18.02 4.15 2.85
N GLY B 536 -18.61 3.24 2.10
CA GLY B 536 -19.85 3.49 1.34
C GLY B 536 -19.70 3.01 -0.10
N SER B 537 -18.45 2.79 -0.53
CA SER B 537 -18.04 2.32 -1.88
C SER B 537 -18.70 0.99 -2.25
N ASP B 538 -18.54 0.60 -3.51
CA ASP B 538 -18.91 -0.71 -4.12
C ASP B 538 -18.63 -1.84 -3.13
N ASN B 539 -19.62 -2.70 -2.89
CA ASN B 539 -19.57 -3.76 -1.86
C ASN B 539 -18.60 -4.87 -2.28
N VAL B 540 -17.96 -4.80 -3.45
CA VAL B 540 -16.94 -5.84 -3.84
C VAL B 540 -15.52 -5.28 -3.66
N PHE B 541 -15.36 -4.01 -3.30
CA PHE B 541 -14.01 -3.45 -2.97
C PHE B 541 -13.48 -4.17 -1.72
N SER B 542 -12.22 -4.59 -1.78
CA SER B 542 -11.51 -5.38 -0.74
C SER B 542 -11.66 -4.72 0.64
N ASN B 543 -11.46 -3.41 0.71
CA ASN B 543 -11.39 -2.67 2.00
C ASN B 543 -12.80 -2.44 2.56
N MET B 544 -13.86 -2.69 1.78
CA MET B 544 -15.25 -2.59 2.28
C MET B 544 -15.71 -3.94 2.85
N GLN B 545 -14.96 -5.03 2.64
CA GLN B 545 -15.35 -6.39 3.08
C GLN B 545 -15.42 -6.43 4.62
N ALA B 546 -16.30 -7.26 5.18
CA ALA B 546 -16.67 -7.23 6.61
C ALA B 546 -16.22 -8.50 7.33
N LEU B 547 -16.31 -8.45 8.66
CA LEU B 547 -16.01 -9.55 9.61
C LEU B 547 -17.20 -10.50 9.68
N PHE B 548 -16.93 -11.80 9.70
CA PHE B 548 -17.89 -12.84 10.16
C PHE B 548 -17.13 -13.95 10.86
N VAL B 549 -17.48 -14.20 12.12
CA VAL B 549 -17.07 -15.41 12.88
C VAL B 549 -18.30 -15.97 13.57
N GLY B 550 -18.59 -17.25 13.36
CA GLY B 550 -19.62 -18.01 14.09
C GLY B 550 -18.98 -18.99 15.05
N TYR B 551 -19.44 -18.99 16.30
CA TYR B 551 -18.94 -19.92 17.35
C TYR B 551 -20.10 -20.40 18.21
N GLY B 552 -20.15 -21.70 18.47
CA GLY B 552 -21.14 -22.33 19.38
C GLY B 552 -21.58 -23.69 18.89
N PRO B 553 -22.53 -24.33 19.60
CA PRO B 553 -23.00 -25.67 19.25
C PRO B 553 -23.46 -25.81 17.79
N GLY B 554 -24.11 -24.77 17.26
CA GLY B 554 -24.73 -24.79 15.92
C GLY B 554 -23.72 -24.73 14.80
N PHE B 555 -22.52 -24.18 15.07
CA PHE B 555 -21.51 -23.89 14.04
C PHE B 555 -20.43 -24.98 14.04
N LYS B 556 -19.86 -25.24 12.87
CA LYS B 556 -18.68 -26.12 12.75
C LYS B 556 -17.47 -25.48 13.42
N HIS B 557 -16.44 -26.29 13.67
CA HIS B 557 -15.20 -25.93 14.40
C HIS B 557 -14.01 -25.97 13.43
N GLY B 558 -13.26 -24.88 13.32
CA GLY B 558 -12.03 -24.82 12.50
C GLY B 558 -12.31 -24.84 11.01
N ILE B 559 -13.46 -24.31 10.59
CA ILE B 559 -13.89 -24.25 9.17
C ILE B 559 -13.60 -22.85 8.63
N GLU B 560 -13.02 -22.76 7.45
CA GLU B 560 -12.83 -21.48 6.71
C GLU B 560 -13.71 -21.56 5.47
N ALA B 561 -14.85 -20.87 5.48
CA ALA B 561 -15.83 -20.87 4.37
C ALA B 561 -15.45 -19.83 3.32
N ASP B 562 -15.82 -20.09 2.06
CA ASP B 562 -15.65 -19.13 0.94
C ASP B 562 -16.50 -17.89 1.24
N THR B 563 -16.14 -16.76 0.64
CA THR B 563 -16.86 -15.45 0.76
C THR B 563 -18.35 -15.66 0.55
N PHE B 564 -19.18 -15.15 1.47
CA PHE B 564 -20.65 -15.08 1.33
C PHE B 564 -21.15 -13.68 1.70
N GLU B 565 -22.42 -13.41 1.39
CA GLU B 565 -23.07 -12.07 1.50
C GLU B 565 -23.84 -11.99 2.82
N ASN B 566 -23.91 -10.80 3.43
CA ASN B 566 -24.53 -10.61 4.76
C ASN B 566 -26.04 -10.85 4.68
N ILE B 567 -26.64 -10.81 3.48
CA ILE B 567 -28.10 -11.08 3.27
C ILE B 567 -28.40 -12.55 3.55
N GLU B 568 -27.41 -13.44 3.53
CA GLU B 568 -27.58 -14.89 3.80
C GLU B 568 -27.68 -15.16 5.31
N VAL B 569 -27.42 -14.17 6.16
CA VAL B 569 -27.23 -14.40 7.63
C VAL B 569 -28.59 -14.55 8.32
N TYR B 570 -29.64 -13.89 7.84
CA TYR B 570 -31.01 -14.00 8.40
C TYR B 570 -31.46 -15.46 8.39
N ASN B 571 -31.38 -16.14 7.23
CA ASN B 571 -31.77 -17.58 7.11
C ASN B 571 -30.97 -18.40 8.12
N LEU B 572 -29.67 -18.15 8.23
CA LEU B 572 -28.73 -18.88 9.13
C LEU B 572 -29.20 -18.71 10.58
N MET B 573 -29.53 -17.48 10.99
CA MET B 573 -29.98 -17.22 12.39
C MET B 573 -31.35 -17.87 12.61
N CYS B 574 -32.21 -17.87 11.60
CA CYS B 574 -33.52 -18.58 11.67
C CYS B 574 -33.24 -20.07 11.92
N ASP B 575 -32.31 -20.67 11.17
CA ASP B 575 -31.95 -22.10 11.32
C ASP B 575 -31.42 -22.36 12.75
N LEU B 576 -30.58 -21.49 13.29
CA LEU B 576 -30.00 -21.64 14.66
C LEU B 576 -31.10 -21.56 15.71
N LEU B 577 -32.17 -20.81 15.45
CA LEU B 577 -33.28 -20.61 16.42
C LEU B 577 -34.48 -21.52 16.11
N ASN B 578 -34.35 -22.41 15.11
CA ASN B 578 -35.46 -23.29 14.62
C ASN B 578 -36.67 -22.44 14.25
N LEU B 579 -36.47 -21.28 13.60
CA LEU B 579 -37.54 -20.41 13.07
C LEU B 579 -37.72 -20.66 11.58
N THR B 580 -38.97 -20.52 11.10
CA THR B 580 -39.30 -20.39 9.67
C THR B 580 -38.94 -18.96 9.26
N PRO B 581 -38.01 -18.77 8.29
CA PRO B 581 -37.68 -17.43 7.81
C PRO B 581 -38.82 -16.80 7.00
N ALA B 582 -39.08 -15.51 7.21
CA ALA B 582 -39.87 -14.65 6.29
C ALA B 582 -39.23 -14.68 4.91
N PRO B 583 -39.99 -14.38 3.83
CA PRO B 583 -39.40 -14.26 2.50
C PRO B 583 -38.33 -13.15 2.49
N ASN B 584 -37.15 -13.45 1.92
CA ASN B 584 -35.96 -12.56 1.95
C ASN B 584 -35.09 -12.87 0.73
N ASN B 585 -33.96 -12.17 0.56
CA ASN B 585 -33.12 -12.24 -0.66
C ASN B 585 -31.99 -13.26 -0.47
N GLY B 586 -31.88 -13.84 0.71
CA GLY B 586 -30.98 -15.00 0.94
C GLY B 586 -31.49 -16.23 0.24
N THR B 587 -30.58 -17.08 -0.23
CA THR B 587 -30.87 -18.45 -0.78
C THR B 587 -30.78 -19.45 0.37
N HIS B 588 -31.94 -19.84 0.92
CA HIS B 588 -32.03 -20.76 2.09
C HIS B 588 -31.35 -22.09 1.72
N GLY B 589 -30.31 -22.46 2.46
CA GLY B 589 -29.53 -23.69 2.23
C GLY B 589 -28.13 -23.40 1.71
N SER B 590 -27.88 -22.20 1.17
CA SER B 590 -26.56 -21.80 0.63
C SER B 590 -25.49 -21.76 1.74
N LEU B 591 -25.88 -21.60 3.02
CA LEU B 591 -24.94 -21.57 4.17
C LEU B 591 -25.07 -22.84 5.03
N ASN B 592 -25.59 -23.94 4.48
CA ASN B 592 -25.76 -25.21 5.24
C ASN B 592 -24.38 -25.74 5.64
N HIS B 593 -23.36 -25.49 4.82
CA HIS B 593 -21.95 -25.93 5.08
C HIS B 593 -21.34 -25.26 6.32
N LEU B 594 -21.94 -24.20 6.89
CA LEU B 594 -21.49 -23.55 8.15
C LEU B 594 -21.99 -24.31 9.38
N LEU B 595 -23.05 -25.12 9.24
CA LEU B 595 -23.84 -25.66 10.38
C LEU B 595 -23.50 -27.13 10.63
N LYS B 596 -23.39 -27.52 11.90
CA LYS B 596 -23.20 -28.94 12.32
C LYS B 596 -24.40 -29.77 11.81
N ASN B 597 -25.62 -29.27 12.04
CA ASN B 597 -26.89 -29.97 11.79
C ASN B 597 -27.85 -29.06 11.02
N PRO B 598 -27.71 -28.93 9.70
CA PRO B 598 -28.63 -28.12 8.90
C PRO B 598 -30.08 -28.57 9.16
N VAL B 599 -31.02 -27.64 9.27
CA VAL B 599 -32.45 -27.95 9.60
C VAL B 599 -33.29 -27.88 8.33
N TYR B 600 -32.79 -27.23 7.27
CA TYR B 600 -33.50 -27.06 5.98
C TYR B 600 -32.69 -27.75 4.88
N THR B 601 -33.31 -28.73 4.22
CA THR B 601 -32.78 -29.38 2.99
C THR B 601 -33.41 -28.69 1.78
N PRO B 602 -32.64 -27.91 1.00
CA PRO B 602 -33.21 -27.24 -0.16
C PRO B 602 -33.45 -28.24 -1.30
N LYS B 603 -34.43 -27.96 -2.15
CA LYS B 603 -34.73 -28.73 -3.39
C LYS B 603 -34.64 -27.78 -4.57
N HIS B 604 -34.22 -28.28 -5.74
CA HIS B 604 -34.30 -27.54 -7.02
C HIS B 604 -35.74 -27.09 -7.21
N PRO B 605 -36.01 -25.86 -7.69
CA PRO B 605 -37.39 -25.43 -7.94
C PRO B 605 -37.94 -26.25 -9.11
N LYS B 606 -39.21 -26.65 -9.02
CA LYS B 606 -39.88 -27.56 -9.99
C LYS B 606 -40.40 -26.74 -11.18
N GLU B 607 -40.04 -27.16 -12.39
CA GLU B 607 -40.52 -26.59 -13.68
C GLU B 607 -42.04 -26.73 -13.76
N VAL B 608 -42.76 -25.65 -14.09
CA VAL B 608 -44.25 -25.57 -14.01
C VAL B 608 -44.87 -26.38 -15.16
N HIS B 609 -44.70 -25.93 -16.41
CA HIS B 609 -45.23 -26.58 -17.64
C HIS B 609 -44.08 -27.29 -18.35
N PRO B 610 -44.24 -28.55 -18.81
CA PRO B 610 -43.23 -29.21 -19.63
C PRO B 610 -43.21 -28.61 -21.04
N LEU B 611 -42.10 -28.81 -21.76
CA LEU B 611 -41.81 -28.19 -23.10
C LEU B 611 -42.97 -28.46 -24.08
N VAL B 612 -43.40 -27.42 -24.81
CA VAL B 612 -44.48 -27.46 -25.84
C VAL B 612 -43.83 -27.52 -27.23
N PRO B 620 -44.43 -22.86 -46.36
CA PRO B 620 -44.15 -21.90 -47.45
C PRO B 620 -42.75 -21.26 -47.36
N ARG B 621 -41.83 -21.68 -48.23
CA ARG B 621 -40.41 -21.23 -48.25
C ARG B 621 -40.31 -19.80 -48.78
N ASP B 622 -40.52 -18.80 -47.90
CA ASP B 622 -40.69 -17.36 -48.25
C ASP B 622 -39.33 -16.69 -48.48
N ASN B 623 -39.33 -15.54 -49.17
CA ASN B 623 -38.15 -14.66 -49.39
C ASN B 623 -38.08 -13.65 -48.23
N LEU B 624 -36.90 -13.50 -47.62
CA LEU B 624 -36.65 -12.59 -46.48
C LEU B 624 -35.87 -11.35 -46.94
N GLY B 625 -35.27 -11.40 -48.12
CA GLY B 625 -34.48 -10.29 -48.71
C GLY B 625 -33.05 -10.31 -48.21
N CYS B 626 -32.53 -11.50 -47.90
CA CYS B 626 -31.18 -11.69 -47.31
C CYS B 626 -30.12 -11.83 -48.42
N SER B 627 -28.96 -11.18 -48.24
CA SER B 627 -27.87 -11.06 -49.25
C SER B 627 -26.64 -11.84 -48.77
N CYS B 628 -26.78 -13.14 -48.56
CA CYS B 628 -25.78 -14.04 -47.91
C CYS B 628 -24.44 -13.99 -48.67
N ASN B 629 -23.34 -13.94 -47.94
CA ASN B 629 -21.94 -13.99 -48.48
C ASN B 629 -21.73 -15.33 -49.19
N PRO B 630 -21.02 -15.35 -50.34
CA PRO B 630 -20.92 -16.56 -51.16
C PRO B 630 -20.23 -17.75 -50.48
N SER B 631 -19.37 -17.51 -49.49
CA SER B 631 -18.62 -18.55 -48.73
C SER B 631 -19.58 -19.56 -48.06
N ILE B 632 -20.76 -19.09 -47.67
CA ILE B 632 -21.82 -19.83 -46.92
C ILE B 632 -22.23 -21.13 -47.66
N LEU B 633 -22.42 -22.23 -46.93
CA LEU B 633 -23.10 -23.46 -47.41
C LEU B 633 -24.49 -23.55 -46.78
N PRO B 634 -25.56 -23.00 -47.42
CA PRO B 634 -26.87 -22.89 -46.79
C PRO B 634 -27.53 -24.22 -46.39
N ILE B 635 -28.70 -24.13 -45.73
CA ILE B 635 -29.48 -25.29 -45.20
C ILE B 635 -30.61 -25.61 -46.18
N GLU B 636 -30.51 -26.75 -46.89
CA GLU B 636 -31.59 -27.32 -47.73
C GLU B 636 -32.31 -28.42 -46.93
N LEU B 644 -32.60 -35.82 -37.29
CA LEU B 644 -31.56 -36.42 -36.42
C LEU B 644 -32.10 -37.69 -35.77
N THR B 645 -31.28 -38.75 -35.71
CA THR B 645 -31.59 -40.03 -35.03
C THR B 645 -31.50 -39.82 -33.51
N VAL B 646 -32.35 -40.50 -32.74
CA VAL B 646 -32.38 -40.44 -31.24
C VAL B 646 -30.95 -40.69 -30.71
N ALA B 647 -30.19 -41.59 -31.34
CA ALA B 647 -28.76 -41.87 -31.06
C ALA B 647 -27.93 -40.59 -31.25
N GLU B 648 -28.09 -39.90 -32.38
CA GLU B 648 -27.37 -38.65 -32.73
C GLU B 648 -27.75 -37.52 -31.75
N GLU B 649 -29.01 -37.47 -31.32
CA GLU B 649 -29.57 -36.42 -30.40
C GLU B 649 -28.98 -36.58 -28.99
N LYS B 650 -28.89 -37.81 -28.49
CA LYS B 650 -28.26 -38.16 -27.18
C LYS B 650 -26.85 -37.58 -27.14
N ILE B 651 -26.08 -37.75 -28.23
CA ILE B 651 -24.70 -37.21 -28.38
C ILE B 651 -24.74 -35.68 -28.25
N ILE B 652 -25.65 -35.00 -28.96
CA ILE B 652 -25.78 -33.52 -29.01
C ILE B 652 -26.21 -33.00 -27.62
N LYS B 653 -27.23 -33.62 -27.01
CA LYS B 653 -27.79 -33.25 -25.68
C LYS B 653 -26.66 -33.26 -24.63
N HIS B 654 -25.84 -34.32 -24.63
CA HIS B 654 -24.68 -34.52 -23.71
C HIS B 654 -23.63 -33.41 -23.90
N GLU B 655 -23.48 -32.88 -25.12
CA GLU B 655 -22.41 -31.92 -25.50
C GLU B 655 -22.86 -30.47 -25.27
N THR B 656 -24.16 -30.20 -25.34
CA THR B 656 -24.74 -28.82 -25.30
C THR B 656 -25.42 -28.55 -23.95
N LEU B 657 -25.91 -29.59 -23.26
CA LEU B 657 -26.57 -29.46 -21.93
C LEU B 657 -25.94 -30.45 -20.96
N PRO B 658 -24.63 -30.32 -20.67
CA PRO B 658 -23.95 -31.24 -19.76
C PRO B 658 -24.46 -31.20 -18.31
N TYR B 659 -25.20 -30.15 -17.95
CA TYR B 659 -25.68 -29.90 -16.57
C TYR B 659 -27.22 -30.00 -16.53
N GLY B 660 -27.81 -30.42 -17.66
CA GLY B 660 -29.26 -30.38 -17.86
C GLY B 660 -29.68 -29.06 -18.49
N ARG B 661 -30.87 -29.00 -19.08
CA ARG B 661 -31.37 -27.78 -19.73
C ARG B 661 -31.81 -26.80 -18.64
N PRO B 662 -31.61 -25.48 -18.86
CA PRO B 662 -32.29 -24.47 -18.05
C PRO B 662 -33.80 -24.78 -17.97
N ARG B 663 -34.36 -24.70 -16.78
CA ARG B 663 -35.80 -24.94 -16.52
C ARG B 663 -36.49 -23.59 -16.31
N VAL B 664 -37.74 -23.47 -16.75
CA VAL B 664 -38.52 -22.19 -16.72
C VAL B 664 -39.48 -22.24 -15.53
N LEU B 665 -39.43 -21.24 -14.66
CA LEU B 665 -40.23 -21.15 -13.41
C LEU B 665 -41.37 -20.14 -13.57
N GLN B 666 -41.52 -19.54 -14.77
CA GLN B 666 -42.57 -18.54 -15.08
C GLN B 666 -43.90 -19.27 -15.23
N LYS B 667 -45.00 -18.64 -14.76
CA LYS B 667 -46.35 -19.26 -14.63
C LYS B 667 -47.04 -19.31 -16.00
N GLU B 668 -47.46 -18.15 -16.53
CA GLU B 668 -48.10 -18.01 -17.86
C GLU B 668 -46.99 -17.90 -18.91
N ASN B 669 -46.54 -19.04 -19.45
CA ASN B 669 -45.40 -19.11 -20.39
C ASN B 669 -45.50 -20.41 -21.22
N THR B 670 -45.14 -20.33 -22.51
CA THR B 670 -45.10 -21.47 -23.46
C THR B 670 -43.77 -21.43 -24.23
N ILE B 671 -42.84 -22.32 -23.85
CA ILE B 671 -41.48 -22.48 -24.45
C ILE B 671 -41.41 -23.84 -25.14
N CYS B 672 -40.59 -23.98 -26.18
CA CYS B 672 -40.31 -25.27 -26.86
C CYS B 672 -38.80 -25.42 -27.08
N LEU B 673 -38.30 -26.66 -26.98
CA LEU B 673 -36.88 -27.01 -27.27
C LEU B 673 -36.66 -26.97 -28.78
N LEU B 674 -35.59 -26.31 -29.23
CA LEU B 674 -35.09 -26.38 -30.63
C LEU B 674 -33.73 -27.08 -30.60
N SER B 675 -33.61 -28.19 -31.33
CA SER B 675 -32.33 -28.92 -31.56
C SER B 675 -31.62 -28.31 -32.77
N GLN B 676 -30.28 -28.25 -32.70
CA GLN B 676 -29.35 -27.93 -33.81
C GLN B 676 -28.08 -28.73 -33.53
N HIS B 677 -27.11 -28.74 -34.46
CA HIS B 677 -25.89 -29.58 -34.39
C HIS B 677 -24.91 -29.04 -33.35
N GLN B 678 -24.80 -27.72 -33.21
CA GLN B 678 -23.77 -27.04 -32.38
C GLN B 678 -24.38 -26.49 -31.07
N PHE B 679 -25.71 -26.40 -30.95
CA PHE B 679 -26.38 -25.73 -29.79
C PHE B 679 -27.85 -26.17 -29.67
N MET B 680 -28.38 -26.05 -28.45
CA MET B 680 -29.82 -26.22 -28.11
C MET B 680 -30.38 -24.87 -27.68
N SER B 681 -31.71 -24.73 -27.58
CA SER B 681 -32.35 -23.42 -27.27
C SER B 681 -33.78 -23.63 -26.77
N GLY B 682 -34.23 -22.71 -25.92
CA GLY B 682 -35.62 -22.61 -25.47
C GLY B 682 -36.26 -21.42 -26.15
N TYR B 683 -37.23 -21.65 -27.04
CA TYR B 683 -37.85 -20.59 -27.87
C TYR B 683 -39.21 -20.22 -27.28
N SER B 684 -39.45 -18.91 -27.12
CA SER B 684 -40.74 -18.33 -26.67
C SER B 684 -41.57 -17.93 -27.89
N GLN B 685 -42.70 -18.61 -28.09
CA GLN B 685 -43.73 -18.25 -29.09
C GLN B 685 -44.31 -16.89 -28.70
N ASP B 686 -44.42 -16.63 -27.38
CA ASP B 686 -45.07 -15.43 -26.79
C ASP B 686 -44.26 -14.15 -27.08
N ILE B 687 -42.93 -14.24 -27.22
CA ILE B 687 -42.01 -13.08 -27.36
C ILE B 687 -41.25 -13.16 -28.70
N LEU B 688 -41.45 -14.24 -29.48
CA LEU B 688 -40.85 -14.44 -30.82
C LEU B 688 -39.33 -14.30 -30.71
N MET B 689 -38.71 -15.14 -29.88
CA MET B 689 -37.32 -14.97 -29.41
C MET B 689 -36.95 -16.16 -28.53
N PRO B 690 -35.68 -16.63 -28.55
CA PRO B 690 -35.20 -17.59 -27.57
C PRO B 690 -35.00 -16.93 -26.20
N LEU B 691 -35.46 -17.60 -25.13
CA LEU B 691 -35.18 -17.19 -23.72
C LEU B 691 -33.75 -17.58 -23.35
N TRP B 692 -33.20 -18.61 -24.00
CA TRP B 692 -31.82 -19.11 -23.74
C TRP B 692 -31.34 -20.01 -24.89
N THR B 693 -30.06 -19.88 -25.28
CA THR B 693 -29.29 -20.92 -26.02
C THR B 693 -28.22 -21.49 -25.10
N SER B 694 -27.83 -22.74 -25.34
CA SER B 694 -26.71 -23.42 -24.67
C SER B 694 -25.79 -24.06 -25.72
N TYR B 695 -24.49 -23.75 -25.69
CA TYR B 695 -23.46 -24.42 -26.51
C TYR B 695 -22.18 -24.57 -25.71
N THR B 696 -21.22 -25.32 -26.25
CA THR B 696 -19.91 -25.62 -25.61
C THR B 696 -18.81 -25.31 -26.62
N VAL B 697 -17.90 -24.39 -26.27
CA VAL B 697 -16.67 -24.07 -27.04
C VAL B 697 -15.56 -25.01 -26.52
N ASP B 698 -14.93 -25.78 -27.40
CA ASP B 698 -13.79 -26.69 -27.06
C ASP B 698 -12.48 -25.94 -27.22
N ARG B 699 -11.42 -26.45 -26.59
CA ARG B 699 -10.05 -25.85 -26.58
C ARG B 699 -9.58 -25.62 -28.03
N ASN B 700 -9.78 -26.61 -28.91
CA ASN B 700 -9.24 -26.63 -30.31
C ASN B 700 -10.33 -26.25 -31.32
N ASP B 701 -11.26 -25.37 -30.94
CA ASP B 701 -12.29 -24.79 -31.86
C ASP B 701 -11.77 -23.44 -32.36
N SER B 702 -12.19 -23.03 -33.57
CA SER B 702 -11.78 -21.77 -34.24
C SER B 702 -13.01 -20.93 -34.58
N PHE B 703 -12.84 -19.61 -34.62
CA PHE B 703 -13.85 -18.62 -35.07
C PHE B 703 -13.38 -17.98 -36.38
N SER B 704 -14.16 -18.16 -37.46
CA SER B 704 -13.93 -17.56 -38.80
C SER B 704 -14.20 -16.05 -38.77
N THR B 705 -13.43 -15.30 -39.55
CA THR B 705 -13.50 -13.81 -39.68
C THR B 705 -14.45 -13.41 -40.82
N GLU B 706 -14.97 -14.40 -41.57
CA GLU B 706 -15.83 -14.19 -42.77
C GLU B 706 -17.07 -13.39 -42.38
N ASP B 707 -17.45 -12.40 -43.21
CA ASP B 707 -18.60 -11.49 -42.95
C ASP B 707 -19.90 -12.28 -43.15
N PHE B 708 -20.90 -12.03 -42.29
CA PHE B 708 -22.24 -12.66 -42.33
C PHE B 708 -23.31 -11.62 -41.97
N SER B 709 -23.02 -10.32 -42.20
CA SER B 709 -24.03 -9.22 -42.12
C SER B 709 -25.12 -9.51 -43.16
N ASN B 710 -26.39 -9.46 -42.73
CA ASN B 710 -27.63 -9.42 -43.55
C ASN B 710 -28.09 -10.81 -44.00
N CYS B 711 -27.39 -11.91 -43.65
CA CYS B 711 -27.79 -13.31 -43.97
C CYS B 711 -28.61 -13.89 -42.83
N LEU B 712 -29.77 -14.48 -43.17
CA LEU B 712 -30.66 -15.24 -42.26
C LEU B 712 -31.40 -16.31 -43.07
N TYR B 713 -31.65 -17.48 -42.47
CA TYR B 713 -32.46 -18.58 -43.07
C TYR B 713 -33.85 -18.56 -42.44
N GLN B 714 -34.60 -19.66 -42.55
CA GLN B 714 -35.97 -19.78 -41.97
C GLN B 714 -36.06 -21.10 -41.20
N ASP B 715 -36.66 -21.06 -40.01
CA ASP B 715 -37.06 -22.27 -39.26
C ASP B 715 -38.50 -22.55 -39.66
N PHE B 716 -38.74 -23.67 -40.36
CA PHE B 716 -40.09 -24.17 -40.72
C PHE B 716 -40.78 -24.73 -39.48
N ARG B 717 -40.13 -24.64 -38.30
CA ARG B 717 -40.65 -25.17 -37.00
C ARG B 717 -41.51 -24.11 -36.30
N ILE B 718 -41.35 -22.83 -36.64
CA ILE B 718 -42.10 -21.69 -36.03
C ILE B 718 -42.67 -20.80 -37.13
N PRO B 719 -43.88 -20.22 -36.93
CA PRO B 719 -44.43 -19.28 -37.90
C PRO B 719 -43.46 -18.11 -38.12
N LEU B 720 -43.14 -17.79 -39.37
CA LEU B 720 -42.35 -16.58 -39.74
C LEU B 720 -43.17 -15.34 -39.34
N SER B 721 -42.51 -14.33 -38.76
CA SER B 721 -43.14 -13.07 -38.27
C SER B 721 -42.38 -11.88 -38.86
N PRO B 722 -43.04 -10.73 -39.09
CA PRO B 722 -42.39 -9.59 -39.74
C PRO B 722 -41.02 -9.20 -39.14
N VAL B 723 -40.91 -9.26 -37.81
CA VAL B 723 -39.70 -8.80 -37.05
C VAL B 723 -38.58 -9.84 -37.16
N HIS B 724 -38.86 -11.04 -37.70
CA HIS B 724 -37.88 -12.14 -37.89
C HIS B 724 -37.29 -12.12 -39.31
N LYS B 725 -37.56 -11.06 -40.10
CA LYS B 725 -37.13 -10.96 -41.53
C LYS B 725 -35.99 -9.94 -41.67
N CYS B 726 -35.00 -10.24 -42.51
CA CYS B 726 -33.87 -9.34 -42.91
C CYS B 726 -34.38 -7.92 -43.19
N SER B 727 -35.57 -7.81 -43.79
CA SER B 727 -36.18 -6.55 -44.31
C SER B 727 -36.45 -5.58 -43.17
N PHE B 728 -36.92 -6.08 -42.01
CA PHE B 728 -37.27 -5.29 -40.81
C PHE B 728 -36.04 -4.54 -40.29
N TYR B 729 -34.84 -5.11 -40.44
CA TYR B 729 -33.58 -4.55 -39.90
C TYR B 729 -32.78 -3.83 -40.99
N LYS B 730 -33.02 -4.12 -42.27
CA LYS B 730 -32.27 -3.55 -43.42
C LYS B 730 -32.36 -2.02 -43.37
N ASN B 731 -31.21 -1.36 -43.21
CA ASN B 731 -31.05 0.12 -43.12
C ASN B 731 -32.03 0.71 -42.09
N ASN B 732 -32.31 -0.04 -41.02
CA ASN B 732 -33.13 0.40 -39.86
C ASN B 732 -32.22 1.17 -38.90
N THR B 733 -32.54 2.44 -38.60
CA THR B 733 -31.70 3.37 -37.81
C THR B 733 -31.94 3.20 -36.31
N LYS B 734 -33.10 2.63 -35.92
CA LYS B 734 -33.59 2.57 -34.52
C LYS B 734 -33.09 1.30 -33.82
N VAL B 735 -32.97 0.17 -34.55
CA VAL B 735 -32.72 -1.19 -33.97
C VAL B 735 -31.94 -2.05 -34.96
N SER B 736 -31.18 -3.03 -34.47
CA SER B 736 -30.50 -4.07 -35.30
C SER B 736 -30.83 -5.45 -34.70
N TYR B 737 -30.05 -6.48 -35.01
CA TYR B 737 -30.25 -7.85 -34.44
C TYR B 737 -28.89 -8.48 -34.12
N GLY B 738 -28.90 -9.52 -33.29
CA GLY B 738 -27.73 -10.35 -32.97
C GLY B 738 -28.11 -11.82 -32.82
N PHE B 739 -27.11 -12.70 -32.79
CA PHE B 739 -27.25 -14.17 -32.65
C PHE B 739 -26.85 -14.59 -31.23
N LEU B 740 -27.66 -15.44 -30.57
CA LEU B 740 -27.32 -16.00 -29.23
C LEU B 740 -26.17 -16.99 -29.40
N SER B 741 -26.39 -18.10 -30.11
CA SER B 741 -25.32 -19.04 -30.51
C SER B 741 -24.53 -18.43 -31.66
N PRO B 742 -23.19 -18.35 -31.57
CA PRO B 742 -22.40 -17.59 -32.54
C PRO B 742 -22.22 -18.35 -33.86
N PRO B 743 -22.59 -17.75 -35.02
CA PRO B 743 -22.27 -18.33 -36.33
C PRO B 743 -20.77 -18.53 -36.60
N GLN B 744 -19.90 -17.75 -35.94
CA GLN B 744 -18.43 -17.78 -36.14
C GLN B 744 -17.83 -19.14 -35.74
N LEU B 745 -18.53 -19.95 -34.95
CA LEU B 745 -18.00 -21.27 -34.49
C LEU B 745 -18.57 -22.43 -35.32
N ASN B 746 -17.74 -23.44 -35.57
CA ASN B 746 -18.09 -24.72 -36.22
C ASN B 746 -16.94 -25.70 -35.97
N LYS B 747 -17.23 -27.00 -35.79
CA LYS B 747 -16.22 -28.06 -35.56
C LYS B 747 -16.39 -29.17 -36.61
N SER B 750 -14.60 -25.20 -39.14
CA SER B 750 -14.88 -25.36 -40.59
C SER B 750 -15.75 -24.19 -41.08
N GLY B 751 -15.14 -23.24 -41.81
CA GLY B 751 -15.83 -22.06 -42.38
C GLY B 751 -16.73 -21.39 -41.35
N ILE B 752 -18.02 -21.23 -41.67
CA ILE B 752 -19.08 -20.65 -40.78
C ILE B 752 -20.20 -21.68 -40.61
N TYR B 753 -20.74 -21.80 -39.40
CA TYR B 753 -21.91 -22.67 -39.07
C TYR B 753 -23.17 -22.00 -39.62
N SER B 754 -23.72 -22.53 -40.71
CA SER B 754 -24.93 -22.00 -41.40
C SER B 754 -26.16 -22.13 -40.50
N GLU B 755 -26.27 -23.23 -39.75
CA GLU B 755 -27.42 -23.57 -38.87
C GLU B 755 -27.64 -22.49 -37.81
N ALA B 756 -26.57 -21.78 -37.42
CA ALA B 756 -26.61 -20.69 -36.42
C ALA B 756 -27.29 -19.45 -37.01
N LEU B 757 -27.49 -19.41 -38.34
CA LEU B 757 -28.10 -18.26 -39.05
C LEU B 757 -29.64 -18.44 -39.12
N LEU B 758 -30.18 -19.50 -38.51
CA LEU B 758 -31.66 -19.69 -38.40
C LEU B 758 -32.30 -18.45 -37.75
N THR B 759 -33.52 -18.12 -38.18
CA THR B 759 -34.32 -16.98 -37.67
C THR B 759 -34.65 -17.17 -36.19
N THR B 760 -34.59 -18.41 -35.68
CA THR B 760 -34.93 -18.78 -34.28
C THR B 760 -33.80 -18.42 -33.31
N ASN B 761 -32.60 -18.14 -33.83
CA ASN B 761 -31.38 -17.85 -33.02
C ASN B 761 -31.01 -16.36 -33.13
N ILE B 762 -31.99 -15.47 -33.24
CA ILE B 762 -31.72 -14.00 -33.34
C ILE B 762 -32.50 -13.25 -32.25
N VAL B 763 -31.94 -12.15 -31.77
CA VAL B 763 -32.58 -11.25 -30.76
C VAL B 763 -32.39 -9.82 -31.23
N PRO B 764 -33.38 -8.93 -31.00
CA PRO B 764 -33.21 -7.50 -31.22
C PRO B 764 -31.98 -6.97 -30.47
N MET B 765 -31.19 -6.09 -31.09
CA MET B 765 -29.90 -5.62 -30.51
C MET B 765 -29.56 -4.24 -31.09
N TYR B 766 -29.35 -3.24 -30.23
CA TYR B 766 -28.93 -1.87 -30.63
C TYR B 766 -27.55 -1.95 -31.29
N GLN B 767 -27.30 -1.09 -32.27
CA GLN B 767 -26.05 -1.08 -33.08
C GLN B 767 -24.84 -0.91 -32.14
N SER B 768 -24.97 -0.07 -31.11
CA SER B 768 -23.88 0.25 -30.14
C SER B 768 -23.52 -0.99 -29.32
N PHE B 769 -24.50 -1.80 -28.92
CA PHE B 769 -24.28 -3.05 -28.13
C PHE B 769 -23.58 -4.10 -28.98
N GLN B 770 -23.72 -4.05 -30.31
CA GLN B 770 -23.10 -5.03 -31.24
C GLN B 770 -21.57 -5.01 -31.08
N VAL B 771 -20.99 -3.85 -30.76
CA VAL B 771 -19.52 -3.70 -30.54
C VAL B 771 -19.12 -4.69 -29.43
N ILE B 772 -19.84 -4.63 -28.31
CA ILE B 772 -19.63 -5.47 -27.09
C ILE B 772 -19.81 -6.94 -27.47
N TRP B 773 -20.95 -7.26 -28.07
CA TRP B 773 -21.38 -8.63 -28.45
C TRP B 773 -20.36 -9.25 -29.42
N ARG B 774 -19.94 -8.49 -30.44
CA ARG B 774 -18.98 -8.97 -31.48
C ARG B 774 -17.63 -9.24 -30.82
N TYR B 775 -17.16 -8.33 -29.96
CA TYR B 775 -15.85 -8.46 -29.27
C TYR B 775 -15.86 -9.70 -28.38
N PHE B 776 -16.95 -9.95 -27.66
CA PHE B 776 -17.09 -11.12 -26.75
C PHE B 776 -16.87 -12.41 -27.54
N HIS B 777 -17.59 -12.57 -28.65
CA HIS B 777 -17.66 -13.82 -29.44
C HIS B 777 -16.42 -13.98 -30.33
N ASP B 778 -15.88 -12.89 -30.87
CA ASP B 778 -14.69 -12.92 -31.75
C ASP B 778 -13.43 -13.15 -30.91
N THR B 779 -13.23 -12.34 -29.86
CA THR B 779 -11.98 -12.26 -29.05
C THR B 779 -12.09 -13.08 -27.76
N LEU B 780 -12.92 -12.63 -26.81
CA LEU B 780 -12.90 -13.08 -25.39
C LEU B 780 -13.20 -14.57 -25.29
N LEU B 781 -14.30 -15.01 -25.89
CA LEU B 781 -14.78 -16.43 -25.82
C LEU B 781 -13.63 -17.37 -26.21
N ARG B 782 -12.89 -17.01 -27.27
CA ARG B 782 -11.66 -17.72 -27.73
C ARG B 782 -10.67 -17.82 -26.56
N LYS B 783 -10.29 -16.66 -25.99
CA LYS B 783 -9.30 -16.57 -24.87
C LYS B 783 -9.79 -17.40 -23.68
N TYR B 784 -11.06 -17.25 -23.29
CA TYR B 784 -11.67 -17.99 -22.14
C TYR B 784 -11.60 -19.50 -22.42
N ALA B 785 -11.96 -19.92 -23.63
CA ALA B 785 -11.98 -21.34 -24.05
C ALA B 785 -10.60 -21.97 -23.88
N GLU B 786 -9.53 -21.27 -24.31
CA GLU B 786 -8.13 -21.74 -24.25
C GLU B 786 -7.67 -21.80 -22.78
N GLU B 787 -7.99 -20.76 -22.00
CA GLU B 787 -7.54 -20.57 -20.59
C GLU B 787 -8.15 -21.63 -19.68
N ARG B 788 -9.37 -22.11 -19.98
CA ARG B 788 -10.18 -22.99 -19.10
C ARG B 788 -10.34 -24.39 -19.70
N ASN B 789 -9.68 -24.68 -20.83
CA ASN B 789 -9.71 -25.99 -21.53
C ASN B 789 -11.17 -26.36 -21.85
N GLY B 790 -11.90 -25.43 -22.47
CA GLY B 790 -13.32 -25.58 -22.83
C GLY B 790 -14.23 -24.77 -21.92
N VAL B 791 -15.38 -24.33 -22.43
CA VAL B 791 -16.35 -23.48 -21.66
C VAL B 791 -17.76 -23.71 -22.21
N ASN B 792 -18.66 -24.26 -21.40
CA ASN B 792 -20.12 -24.28 -21.68
C ASN B 792 -20.64 -22.84 -21.55
N VAL B 793 -21.47 -22.40 -22.50
CA VAL B 793 -22.05 -21.02 -22.53
C VAL B 793 -23.57 -21.15 -22.52
N VAL B 794 -24.24 -20.36 -21.70
CA VAL B 794 -25.70 -20.11 -21.79
C VAL B 794 -25.89 -18.61 -21.84
N SER B 795 -26.53 -18.11 -22.89
CA SER B 795 -26.82 -16.67 -23.07
C SER B 795 -28.30 -16.50 -23.41
N GLY B 796 -28.84 -15.30 -23.23
CA GLY B 796 -30.26 -15.02 -23.45
C GLY B 796 -30.58 -13.55 -23.19
N PRO B 797 -31.80 -13.10 -23.53
CA PRO B 797 -32.22 -11.73 -23.27
C PRO B 797 -32.74 -11.61 -21.83
N VAL B 798 -32.84 -10.37 -21.33
CA VAL B 798 -33.42 -10.04 -19.99
C VAL B 798 -34.39 -8.88 -20.16
N PHE B 799 -35.57 -8.99 -19.57
CA PHE B 799 -36.63 -7.95 -19.58
C PHE B 799 -36.93 -7.53 -18.14
N ASP B 800 -36.31 -6.44 -17.68
CA ASP B 800 -36.55 -5.86 -16.33
C ASP B 800 -36.84 -4.36 -16.50
N PHE B 801 -38.03 -4.04 -17.02
CA PHE B 801 -38.52 -2.65 -17.20
C PHE B 801 -38.91 -2.07 -15.83
N ASP B 802 -39.24 -2.93 -14.84
CA ASP B 802 -39.56 -2.53 -13.45
C ASP B 802 -38.30 -2.21 -12.65
N TYR B 803 -37.11 -2.52 -13.19
CA TYR B 803 -35.78 -2.40 -12.53
C TYR B 803 -35.86 -2.89 -11.08
N ASP B 804 -36.42 -4.09 -10.89
CA ASP B 804 -36.62 -4.69 -9.54
C ASP B 804 -35.82 -6.01 -9.43
N GLY B 805 -35.02 -6.32 -10.44
CA GLY B 805 -34.10 -7.48 -10.47
C GLY B 805 -34.82 -8.80 -10.69
N ARG B 806 -36.10 -8.75 -11.08
CA ARG B 806 -36.96 -9.92 -11.39
C ARG B 806 -37.39 -9.88 -12.85
N CYS B 807 -37.52 -11.05 -13.49
CA CYS B 807 -38.17 -11.19 -14.82
C CYS B 807 -39.57 -10.59 -14.72
N ASP B 808 -39.91 -9.68 -15.63
CA ASP B 808 -41.27 -9.09 -15.74
C ASP B 808 -42.23 -10.18 -16.20
N SER B 809 -43.48 -10.14 -15.75
CA SER B 809 -44.57 -11.05 -16.18
C SER B 809 -44.82 -10.86 -17.68
N LEU B 810 -45.31 -11.89 -18.37
CA LEU B 810 -45.78 -11.80 -19.78
C LEU B 810 -46.82 -10.67 -19.86
N GLU B 811 -47.78 -10.65 -18.93
CA GLU B 811 -48.82 -9.59 -18.81
C GLU B 811 -48.18 -8.20 -18.95
N ASN B 812 -47.21 -7.89 -18.10
CA ASN B 812 -46.51 -6.57 -18.04
C ASN B 812 -45.70 -6.34 -19.33
N LEU B 813 -45.15 -7.39 -19.93
CA LEU B 813 -44.26 -7.30 -21.12
C LEU B 813 -45.06 -6.85 -22.36
N ARG B 814 -46.34 -7.24 -22.44
CA ARG B 814 -47.26 -6.90 -23.57
C ARG B 814 -47.32 -5.37 -23.72
N GLN B 815 -47.28 -4.62 -22.61
CA GLN B 815 -47.46 -3.14 -22.58
C GLN B 815 -46.12 -2.40 -22.81
N LYS B 816 -45.00 -3.13 -22.98
CA LYS B 816 -43.65 -2.51 -23.12
C LYS B 816 -43.14 -2.69 -24.56
N ARG B 817 -43.80 -3.53 -25.36
CA ARG B 817 -43.40 -3.81 -26.77
C ARG B 817 -43.45 -2.48 -27.54
N ARG B 818 -42.48 -2.26 -28.40
CA ARG B 818 -42.24 -0.92 -28.98
C ARG B 818 -42.50 -1.04 -30.48
N VAL B 819 -42.93 0.01 -31.20
CA VAL B 819 -43.36 -0.08 -32.62
C VAL B 819 -42.29 0.57 -33.53
N ILE B 820 -41.69 -0.22 -34.41
CA ILE B 820 -40.74 0.23 -35.48
C ILE B 820 -41.10 -0.49 -36.79
N ARG B 821 -41.39 0.28 -37.84
CA ARG B 821 -41.70 -0.22 -39.21
C ARG B 821 -42.74 -1.34 -39.11
N ASN B 822 -43.81 -1.11 -38.33
CA ASN B 822 -44.94 -2.04 -38.13
C ASN B 822 -44.44 -3.35 -37.50
N ILE B 825 -42.44 -5.13 -31.40
CA ILE B 825 -41.13 -5.77 -31.08
C ILE B 825 -40.82 -5.54 -29.58
N LEU B 826 -40.22 -6.52 -28.93
CA LEU B 826 -39.74 -6.43 -27.52
C LEU B 826 -38.21 -6.30 -27.55
N ILE B 827 -37.69 -5.16 -27.08
CA ILE B 827 -36.23 -4.90 -26.95
C ILE B 827 -35.77 -5.26 -25.54
N PRO B 828 -34.82 -6.23 -25.40
CA PRO B 828 -34.29 -6.60 -24.10
C PRO B 828 -33.67 -5.40 -23.36
N THR B 829 -33.90 -5.32 -22.04
CA THR B 829 -33.24 -4.35 -21.12
C THR B 829 -31.77 -4.75 -20.92
N HIS B 830 -31.49 -6.06 -20.88
CA HIS B 830 -30.13 -6.63 -20.65
C HIS B 830 -29.96 -7.93 -21.44
N PHE B 831 -28.72 -8.37 -21.58
CA PHE B 831 -28.35 -9.73 -22.05
C PHE B 831 -27.51 -10.40 -20.97
N PHE B 832 -27.80 -11.67 -20.68
CA PHE B 832 -27.07 -12.49 -19.68
C PHE B 832 -26.16 -13.45 -20.43
N ILE B 833 -25.01 -13.75 -19.83
CA ILE B 833 -24.07 -14.82 -20.25
C ILE B 833 -23.68 -15.59 -18.97
N VAL B 834 -23.63 -16.92 -19.06
CA VAL B 834 -23.15 -17.80 -17.94
C VAL B 834 -22.12 -18.77 -18.53
N LEU B 835 -20.84 -18.54 -18.19
CA LEU B 835 -19.69 -19.41 -18.57
C LEU B 835 -19.49 -20.47 -17.48
N THR B 836 -19.31 -21.73 -17.88
CA THR B 836 -19.09 -22.88 -16.98
C THR B 836 -17.93 -23.72 -17.53
N SER B 837 -16.87 -23.90 -16.72
CA SER B 837 -15.74 -24.83 -16.98
C SER B 837 -15.52 -25.67 -15.71
N CYS B 838 -14.41 -26.41 -15.60
CA CYS B 838 -14.10 -27.21 -14.39
C CYS B 838 -13.04 -26.50 -13.56
N LYS B 839 -13.12 -26.64 -12.23
CA LYS B 839 -12.06 -26.16 -11.30
C LYS B 839 -10.72 -26.70 -11.81
N ASP B 840 -10.67 -28.00 -12.11
CA ASP B 840 -9.49 -28.70 -12.66
C ASP B 840 -9.49 -28.55 -14.20
N THR B 841 -8.55 -27.76 -14.73
CA THR B 841 -8.45 -27.45 -16.18
C THR B 841 -8.00 -28.70 -16.95
N SER B 842 -7.47 -29.72 -16.27
CA SER B 842 -7.07 -31.02 -16.87
C SER B 842 -8.28 -31.68 -17.56
N GLN B 843 -9.48 -31.48 -17.01
CA GLN B 843 -10.75 -32.07 -17.53
C GLN B 843 -11.48 -31.01 -18.35
N THR B 844 -12.52 -31.41 -19.09
CA THR B 844 -13.29 -30.53 -20.00
C THR B 844 -14.70 -30.33 -19.44
N PRO B 845 -15.40 -29.24 -19.82
CA PRO B 845 -16.73 -28.92 -19.30
C PRO B 845 -17.78 -30.04 -19.26
N LEU B 846 -17.57 -31.13 -19.97
CA LEU B 846 -18.52 -32.27 -20.03
C LEU B 846 -18.26 -33.26 -18.89
N HIS B 847 -17.07 -33.20 -18.28
CA HIS B 847 -16.60 -34.16 -17.24
C HIS B 847 -15.94 -33.43 -16.06
N CYS B 848 -16.65 -32.48 -15.44
CA CYS B 848 -16.18 -31.72 -14.25
C CYS B 848 -16.61 -32.43 -12.97
N GLU B 849 -15.69 -32.63 -12.03
CA GLU B 849 -16.03 -33.03 -10.64
C GLU B 849 -16.55 -31.78 -9.90
N ASN B 850 -15.98 -30.59 -10.18
CA ASN B 850 -16.37 -29.30 -9.56
C ASN B 850 -16.47 -28.20 -10.64
N LEU B 851 -17.59 -27.46 -10.66
CA LEU B 851 -17.85 -26.38 -11.64
C LEU B 851 -17.14 -25.09 -11.20
N ASP B 852 -16.47 -24.41 -12.14
CA ASP B 852 -16.04 -23.00 -12.02
C ASP B 852 -16.94 -22.17 -12.93
N THR B 853 -17.67 -21.21 -12.36
CA THR B 853 -18.70 -20.40 -13.08
C THR B 853 -18.26 -18.93 -13.11
N LEU B 854 -18.80 -18.20 -14.10
CA LEU B 854 -18.61 -16.74 -14.27
C LEU B 854 -19.81 -16.23 -15.08
N ALA B 855 -20.58 -15.28 -14.53
CA ALA B 855 -21.86 -14.82 -15.11
C ALA B 855 -21.86 -13.29 -15.22
N PHE B 856 -22.63 -12.78 -16.18
CA PHE B 856 -22.73 -11.34 -16.53
C PHE B 856 -24.19 -11.00 -16.82
N ILE B 857 -24.62 -9.82 -16.42
CA ILE B 857 -25.92 -9.21 -16.83
C ILE B 857 -25.58 -7.86 -17.47
N LEU B 858 -25.35 -7.87 -18.79
CA LEU B 858 -24.85 -6.70 -19.55
C LEU B 858 -26.02 -5.78 -19.86
N PRO B 859 -25.90 -4.47 -19.54
CA PRO B 859 -26.98 -3.53 -19.84
C PRO B 859 -27.07 -3.35 -21.36
N HIS B 860 -28.30 -3.32 -21.89
CA HIS B 860 -28.60 -3.17 -23.34
C HIS B 860 -28.99 -1.72 -23.62
N ARG B 861 -27.99 -0.88 -23.93
CA ARG B 861 -28.15 0.59 -24.08
C ARG B 861 -27.84 1.02 -25.52
N THR B 862 -28.45 2.13 -25.96
CA THR B 862 -28.45 2.64 -27.36
C THR B 862 -27.11 3.27 -27.71
N ASP B 863 -26.33 3.70 -26.71
CA ASP B 863 -24.94 4.20 -26.91
C ASP B 863 -24.00 3.49 -25.92
N ASN B 864 -22.70 3.76 -26.03
CA ASN B 864 -21.65 3.20 -25.15
C ASN B 864 -21.02 4.35 -24.35
N SER B 865 -21.83 5.31 -23.90
CA SER B 865 -21.39 6.50 -23.13
C SER B 865 -20.85 6.07 -21.76
N GLU B 866 -21.36 4.95 -21.22
CA GLU B 866 -20.92 4.33 -19.94
C GLU B 866 -19.41 4.06 -19.98
N SER B 867 -18.91 3.58 -21.13
CA SER B 867 -17.53 3.03 -21.29
C SER B 867 -16.54 4.12 -21.73
N CYS B 868 -17.05 5.32 -22.11
CA CYS B 868 -16.22 6.47 -22.56
C CYS B 868 -15.26 6.02 -23.67
N VAL B 869 -15.81 5.67 -24.83
CA VAL B 869 -15.05 5.16 -26.01
C VAL B 869 -14.38 6.34 -26.74
N HIS B 870 -13.07 6.21 -27.00
CA HIS B 870 -12.25 7.20 -27.74
C HIS B 870 -11.03 6.49 -28.38
N SER B 875 -10.36 -2.10 -28.10
CA SER B 875 -11.63 -2.46 -27.40
C SER B 875 -11.32 -3.25 -26.11
N SER B 876 -10.41 -2.71 -25.29
CA SER B 876 -10.04 -3.23 -23.94
C SER B 876 -11.10 -2.82 -22.91
N TRP B 877 -11.88 -1.79 -23.22
CA TRP B 877 -13.00 -1.27 -22.38
C TRP B 877 -14.12 -2.31 -22.26
N VAL B 878 -14.25 -3.21 -23.23
CA VAL B 878 -15.31 -4.26 -23.22
C VAL B 878 -15.10 -5.18 -22.02
N GLU B 879 -13.87 -5.68 -21.80
CA GLU B 879 -13.51 -6.55 -20.65
C GLU B 879 -13.86 -5.86 -19.34
N GLU B 880 -13.51 -4.57 -19.22
CA GLU B 880 -13.77 -3.76 -18.00
C GLU B 880 -15.27 -3.67 -17.75
N LEU B 881 -16.07 -3.48 -18.80
CA LEU B 881 -17.55 -3.34 -18.70
C LEU B 881 -18.16 -4.66 -18.21
N LEU B 882 -17.66 -5.79 -18.74
CA LEU B 882 -18.08 -7.16 -18.33
C LEU B 882 -17.78 -7.35 -16.84
N MET B 883 -16.57 -7.04 -16.40
CA MET B 883 -16.15 -7.22 -14.98
C MET B 883 -17.08 -6.41 -14.07
N LEU B 884 -17.35 -5.15 -14.38
CA LEU B 884 -18.22 -4.27 -13.55
C LEU B 884 -19.63 -4.89 -13.47
N HIS B 885 -20.09 -5.52 -14.54
CA HIS B 885 -21.49 -6.04 -14.66
C HIS B 885 -21.52 -7.56 -14.46
N ARG B 886 -20.53 -8.15 -13.80
CA ARG B 886 -20.59 -9.59 -13.43
C ARG B 886 -21.74 -9.78 -12.43
N ALA B 887 -22.19 -11.00 -12.24
CA ALA B 887 -23.31 -11.30 -11.33
C ALA B 887 -23.20 -12.73 -10.81
N ARG B 888 -23.89 -12.99 -9.71
CA ARG B 888 -24.15 -14.34 -9.19
C ARG B 888 -25.09 -15.01 -10.19
N ILE B 889 -24.95 -16.32 -10.41
CA ILE B 889 -25.94 -17.11 -11.19
C ILE B 889 -27.34 -16.88 -10.61
N THR B 890 -27.45 -16.79 -9.27
CA THR B 890 -28.74 -16.51 -8.57
C THR B 890 -29.33 -15.19 -9.08
N ASP B 891 -28.50 -14.19 -9.40
CA ASP B 891 -28.96 -12.87 -9.92
C ASP B 891 -29.60 -13.08 -11.29
N VAL B 892 -28.95 -13.89 -12.14
CA VAL B 892 -29.43 -14.27 -13.50
C VAL B 892 -30.76 -15.03 -13.33
N GLU B 893 -30.81 -16.01 -12.43
CA GLU B 893 -32.01 -16.87 -12.24
C GLU B 893 -33.22 -15.98 -11.89
N HIS B 894 -33.03 -15.03 -10.98
CA HIS B 894 -34.10 -14.12 -10.50
C HIS B 894 -34.63 -13.27 -11.67
N ILE B 895 -33.74 -12.77 -12.53
CA ILE B 895 -34.07 -11.72 -13.54
C ILE B 895 -34.52 -12.36 -14.86
N THR B 896 -34.29 -13.67 -15.08
CA THR B 896 -34.69 -14.42 -16.29
C THR B 896 -35.84 -15.40 -16.00
N GLY B 897 -36.05 -15.79 -14.74
CA GLY B 897 -37.02 -16.83 -14.37
C GLY B 897 -36.52 -18.23 -14.74
N LEU B 898 -35.21 -18.37 -14.96
CA LEU B 898 -34.55 -19.66 -15.31
C LEU B 898 -33.90 -20.28 -14.06
N SER B 899 -33.61 -21.58 -14.12
CA SER B 899 -32.93 -22.37 -13.07
C SER B 899 -31.95 -23.36 -13.73
N PHE B 900 -30.65 -23.19 -13.48
CA PHE B 900 -29.55 -23.93 -14.14
C PHE B 900 -29.06 -25.10 -13.26
N TYR B 901 -28.28 -26.00 -13.86
CA TYR B 901 -27.48 -27.07 -13.22
C TYR B 901 -28.35 -28.10 -12.48
N GLN B 902 -29.65 -28.21 -12.81
CA GLN B 902 -30.60 -29.10 -12.07
C GLN B 902 -30.24 -30.58 -12.23
N GLN B 903 -29.37 -30.97 -13.17
CA GLN B 903 -29.01 -32.40 -13.41
C GLN B 903 -27.63 -32.72 -12.84
N ARG B 904 -27.00 -31.80 -12.11
CA ARG B 904 -25.71 -32.09 -11.41
C ARG B 904 -25.98 -33.08 -10.27
N LYS B 905 -25.02 -33.99 -10.03
CA LYS B 905 -25.13 -35.09 -9.03
C LYS B 905 -24.93 -34.52 -7.61
N GLU B 906 -24.21 -33.39 -7.47
CA GLU B 906 -23.93 -32.70 -6.18
C GLU B 906 -25.23 -32.49 -5.40
N PRO B 907 -25.17 -32.48 -4.04
CA PRO B 907 -26.32 -32.07 -3.22
C PRO B 907 -26.72 -30.63 -3.53
N VAL B 908 -28.00 -30.30 -3.32
CA VAL B 908 -28.62 -29.01 -3.74
C VAL B 908 -27.91 -27.85 -3.02
N SER B 909 -27.62 -28.01 -1.73
CA SER B 909 -26.95 -26.97 -0.89
C SER B 909 -25.60 -26.57 -1.52
N ASP B 910 -24.84 -27.52 -2.07
CA ASP B 910 -23.53 -27.24 -2.73
C ASP B 910 -23.76 -26.45 -4.03
N ILE B 911 -24.86 -26.71 -4.72
CA ILE B 911 -25.23 -25.98 -5.97
C ILE B 911 -25.66 -24.57 -5.59
N LEU B 912 -26.48 -24.41 -4.55
CA LEU B 912 -26.89 -23.08 -4.03
C LEU B 912 -25.63 -22.29 -3.67
N LYS B 913 -24.66 -22.92 -3.03
CA LYS B 913 -23.37 -22.29 -2.66
C LYS B 913 -22.71 -21.75 -3.94
N LEU B 914 -22.66 -22.58 -4.98
CA LEU B 914 -22.08 -22.25 -6.32
C LEU B 914 -22.84 -21.09 -6.97
N LYS B 915 -24.18 -21.12 -6.92
CA LYS B 915 -25.04 -20.13 -7.62
C LYS B 915 -24.97 -18.76 -6.92
N THR B 916 -24.69 -18.70 -5.61
CA THR B 916 -24.64 -17.43 -4.85
C THR B 916 -23.24 -16.82 -4.89
N HIS B 917 -22.24 -17.55 -5.40
CA HIS B 917 -20.84 -17.06 -5.51
C HIS B 917 -20.77 -15.86 -6.46
N LEU B 918 -20.01 -14.84 -6.08
CA LEU B 918 -19.60 -13.73 -6.97
C LEU B 918 -18.09 -13.77 -7.10
N PRO B 919 -17.52 -13.79 -8.33
CA PRO B 919 -16.07 -13.79 -8.50
C PRO B 919 -15.41 -12.47 -8.02
N THR B 920 -14.17 -12.57 -7.54
CA THR B 920 -13.32 -11.42 -7.10
C THR B 920 -12.01 -11.45 -7.90
N PHE B 921 -11.63 -10.30 -8.46
CA PHE B 921 -10.43 -10.12 -9.33
C PHE B 921 -9.43 -9.17 -8.66
C1 NAG C . 35.07 8.51 -2.03
C2 NAG C . 35.43 8.95 -3.44
C3 NAG C . 36.69 8.22 -3.90
C4 NAG C . 37.77 8.15 -2.82
C5 NAG C . 37.21 7.94 -1.40
C6 NAG C . 38.19 8.16 -0.25
C7 NAG C . 33.71 9.70 -4.99
C8 NAG C . 32.65 9.26 -5.97
N2 NAG C . 34.32 8.72 -4.34
O3 NAG C . 37.21 8.92 -5.03
O4 NAG C . 38.61 7.04 -3.10
O5 NAG C . 36.16 8.86 -1.20
O6 NAG C . 38.93 9.35 -0.52
O7 NAG C . 33.97 10.89 -4.85
C1 NAG C . 39.99 7.34 -3.39
C2 NAG C . 40.86 6.18 -2.92
C3 NAG C . 42.33 6.47 -3.18
C4 NAG C . 42.61 6.95 -4.60
C5 NAG C . 41.52 7.90 -5.12
C6 NAG C . 41.53 8.00 -6.64
C7 NAG C . 39.88 4.82 -1.16
C8 NAG C . 39.91 4.51 0.30
N2 NAG C . 40.66 5.84 -1.52
O3 NAG C . 43.07 5.27 -2.95
O4 NAG C . 43.85 7.66 -4.52
O5 NAG C . 40.21 7.48 -4.76
O6 NAG C . 40.43 7.24 -7.18
O7 NAG C . 39.19 4.16 -1.94
C1 BMA C . 45.00 7.30 -5.34
C2 BMA C . 45.55 5.87 -5.17
C3 BMA C . 46.98 5.90 -5.73
C4 BMA C . 47.06 6.52 -7.13
C5 BMA C . 46.15 7.74 -7.32
C6 BMA C . 45.99 8.10 -8.79
O2 BMA C . 44.84 4.84 -5.86
O3 BMA C . 47.49 4.54 -5.79
O4 BMA C . 48.39 6.97 -7.38
O5 BMA C . 44.86 7.50 -6.75
O6 BMA C . 46.18 6.93 -9.58
C1 BMA C . 48.63 4.37 -5.13
C2 BMA C . 48.54 3.73 -3.74
C3 BMA C . 49.67 2.74 -3.52
C4 BMA C . 49.68 1.81 -4.72
C5 BMA C . 50.07 2.60 -5.98
C6 BMA C . 49.32 2.07 -7.20
O2 BMA C . 47.28 3.04 -3.68
O3 BMA C . 49.45 1.99 -2.31
O4 BMA C . 50.60 0.73 -4.52
O5 BMA C . 49.85 4.02 -5.80
O6 BMA C . 48.49 0.97 -6.82
C1 NAG D . 25.77 -17.48 21.45
C2 NAG D . 26.73 -18.46 22.13
C3 NAG D . 25.94 -19.52 22.87
C4 NAG D . 24.86 -18.85 23.75
C5 NAG D . 24.03 -17.81 22.99
C6 NAG D . 23.05 -17.07 23.88
C7 NAG D . 28.90 -18.88 21.12
C8 NAG D . 29.44 -19.03 19.75
N2 NAG D . 27.58 -19.01 21.11
O3 NAG D . 26.83 -20.24 23.71
O4 NAG D . 24.02 -19.87 24.31
O5 NAG D . 24.94 -16.87 22.43
O6 NAG D . 23.75 -16.07 24.62
O7 NAG D . 29.59 -18.59 22.10
C1 NAG D . 24.06 -20.25 25.59
C2 NAG D . 22.87 -21.04 26.10
C3 NAG D . 23.00 -21.49 27.55
C4 NAG D . 24.44 -21.74 28.04
C5 NAG D . 25.48 -20.81 27.38
C6 NAG D . 26.93 -21.22 27.56
C7 NAG D . 20.82 -20.35 24.92
C8 NAG D . 19.69 -19.37 24.87
N2 NAG D . 21.67 -20.22 25.95
O3 NAG D . 22.26 -22.71 27.63
O4 NAG D . 24.44 -21.52 29.47
O5 NAG D . 25.26 -20.88 26.00
O6 NAG D . 27.51 -20.51 28.66
O7 NAG D . 20.98 -21.20 24.05
C1 MAN D . 24.96 -22.61 30.31
C2 MAN D . 23.89 -23.25 31.20
C3 MAN D . 24.45 -24.42 31.98
C4 MAN D . 25.83 -24.08 32.52
C5 MAN D . 26.05 -22.57 32.48
C6 MAN D . 27.34 -22.15 33.16
O2 MAN D . 22.81 -23.73 30.41
O3 MAN D . 24.53 -25.56 31.12
O4 MAN D . 25.96 -24.58 33.85
O5 MAN D . 26.05 -22.12 31.12
O6 MAN D . 28.44 -22.35 32.27
C1 NAG E . 39.36 -20.57 -8.22
C2 NAG E . 40.49 -21.59 -8.37
C3 NAG E . 39.94 -22.86 -9.02
C4 NAG E . 38.80 -23.35 -8.12
C5 NAG E . 37.75 -22.26 -7.87
C6 NAG E . 36.70 -22.62 -6.82
C7 NAG E . 41.74 -20.44 -10.20
C8 NAG E . 42.71 -19.31 -10.25
N2 NAG E . 41.66 -20.95 -8.97
O3 NAG E . 40.97 -23.85 -9.04
O4 NAG E . 38.23 -24.55 -8.68
O5 NAG E . 38.39 -21.11 -7.33
O6 NAG E . 37.36 -23.13 -5.67
O7 NAG E . 41.05 -20.72 -11.16
C1 NAG E . 38.36 -25.74 -8.07
C2 NAG E . 37.16 -26.69 -8.09
C3 NAG E . 37.31 -27.90 -7.18
C4 NAG E . 38.71 -28.53 -7.29
C5 NAG E . 39.75 -27.44 -7.07
C6 NAG E . 41.17 -28.00 -7.14
C7 NAG E . 35.05 -25.59 -8.65
C8 NAG E . 33.71 -25.17 -8.16
N2 NAG E . 35.92 -26.02 -7.73
O3 NAG E . 36.30 -28.86 -7.54
O4 NAG E . 38.87 -29.55 -6.30
O5 NAG E . 39.58 -26.49 -8.11
O6 NAG E . 42.04 -26.93 -7.48
O7 NAG E . 35.32 -25.57 -9.85
C1 NAG F . -35.98 -9.71 -2.32
C2 NAG F . -36.45 -9.84 -3.77
C3 NAG F . -37.84 -9.21 -3.91
C4 NAG F . -38.78 -9.49 -2.72
C5 NAG F . -38.10 -9.70 -1.37
C6 NAG F . -38.95 -10.47 -0.36
C7 NAG F . -34.61 -9.96 -5.37
C8 NAG F . -34.22 -9.42 -6.70
N2 NAG F . -35.56 -9.25 -4.77
O3 NAG F . -38.46 -9.74 -5.09
O4 NAG F . -39.65 -8.35 -2.62
O5 NAG F . -36.92 -10.45 -1.57
O6 NAG F . -38.86 -11.87 -0.64
O7 NAG F . -34.14 -11.00 -4.94
C1 NAG F . -41.06 -8.65 -2.71
C2 NAG F . -41.84 -7.52 -2.06
C3 NAG F . -43.33 -7.81 -2.13
C4 NAG F . -43.72 -8.25 -3.55
C5 NAG F . -42.81 -9.37 -4.05
C6 NAG F . -43.11 -9.87 -5.46
C7 NAG F . -40.57 -6.37 -0.32
C8 NAG F . -40.15 -6.42 1.13
N2 NAG F . -41.40 -7.37 -0.69
O3 NAG F . -44.01 -6.62 -1.75
O4 NAG F . -45.10 -8.68 -3.55
O5 NAG F . -41.50 -8.84 -4.05
O6 NAG F . -42.93 -8.80 -6.39
O7 NAG F . -40.17 -5.50 -1.09
C1 BMA F . -45.99 -7.87 -4.36
C2 BMA F . -47.00 -8.79 -5.06
C3 BMA F . -47.96 -7.97 -5.94
C4 BMA F . -48.54 -6.79 -5.16
C5 BMA F . -47.43 -5.99 -4.49
C6 BMA F . -47.93 -4.81 -3.68
O2 BMA F . -47.75 -9.53 -4.09
O3 BMA F . -49.01 -8.83 -6.39
O4 BMA F . -49.27 -5.95 -6.05
O5 BMA F . -46.70 -6.86 -3.63
O6 BMA F . -49.08 -5.19 -2.91
C1 NAG G . -26.86 7.96 27.84
C2 NAG G . -27.97 8.50 28.77
C3 NAG G . -27.29 9.44 29.74
C4 NAG G . -26.06 8.81 30.41
C5 NAG G . -25.10 8.28 29.34
C6 NAG G . -23.85 7.64 29.93
C7 NAG G . -29.25 10.32 27.68
C8 NAG G . -29.05 10.52 26.23
N2 NAG G . -29.01 9.04 27.88
O3 NAG G . -28.21 9.75 30.79
O4 NAG G . -25.32 9.80 31.16
O5 NAG G . -25.81 7.31 28.57
O6 NAG G . -23.92 6.23 29.76
O7 NAG G . -29.36 11.29 28.42
C1 NAG G . -25.44 9.88 32.63
C2 NAG G . -24.15 10.33 33.35
C3 NAG G . -24.08 9.85 34.78
C4 NAG G . -25.46 9.96 35.43
C5 NAG G . -26.43 8.99 34.76
C6 NAG G . -27.83 9.16 35.35
C7 NAG G . -22.24 10.72 31.87
C8 NAG G . -22.42 12.21 31.99
N2 NAG G . -22.97 9.90 32.62
O3 NAG G . -23.13 10.70 35.42
O4 NAG G . -25.41 9.64 36.82
O5 NAG G . -26.47 9.12 33.33
O6 NAG G . -28.81 9.24 34.32
O7 NAG G . -21.50 10.21 31.06
ZN ZN H . 17.05 -7.84 6.07
ZN ZN I . 19.73 -4.91 7.56
CA CA J . 36.95 9.24 -13.60
C1 NAG K . 22.50 14.16 -45.04
C2 NAG K . 21.35 13.15 -45.15
C3 NAG K . 20.02 13.78 -45.54
C4 NAG K . 19.79 15.11 -44.81
C5 NAG K . 21.03 15.98 -44.87
C6 NAG K . 20.82 17.29 -44.16
C7 NAG K . 21.89 10.87 -45.84
C8 NAG K . 22.87 10.18 -46.74
N2 NAG K . 21.79 12.16 -46.11
O3 NAG K . 18.96 12.88 -45.20
O4 NAG K . 18.69 15.84 -45.37
O5 NAG K . 22.10 15.28 -44.26
O6 NAG K . 22.09 17.88 -43.89
O7 NAG K . 21.31 10.29 -44.92
C1 NAG L . 18.72 -14.80 -25.54
C2 NAG L . 17.77 -15.15 -26.70
C3 NAG L . 17.17 -16.54 -26.47
C4 NAG L . 18.20 -17.58 -26.05
C5 NAG L . 19.21 -17.04 -25.04
C6 NAG L . 20.34 -18.01 -24.75
C7 NAG L . 16.72 -13.20 -27.72
C8 NAG L . 17.36 -13.47 -29.07
N2 NAG L . 16.75 -14.12 -26.77
O3 NAG L . 16.57 -16.97 -27.69
O4 NAG L . 17.51 -18.68 -25.45
O5 NAG L . 19.75 -15.79 -25.49
O6 NAG L . 20.95 -17.64 -23.50
O7 NAG L . 16.31 -12.09 -27.44
P AMP M . 19.64 -8.65 6.01
O1P AMP M . 20.28 -8.39 4.66
O2P AMP M . 19.06 -7.43 6.61
O3P AMP M . 18.67 -9.85 5.99
O5' AMP M . 20.83 -9.09 7.00
C5' AMP M . 20.56 -9.10 8.42
C4' AMP M . 21.13 -10.35 9.04
O4' AMP M . 22.58 -10.29 8.93
C3' AMP M . 20.88 -10.53 10.54
O3' AMP M . 19.63 -11.17 10.81
C2' AMP M . 22.04 -11.45 10.95
O2' AMP M . 21.71 -12.82 10.79
C1' AMP M . 23.15 -11.05 9.97
N9 AMP M . 24.19 -10.25 10.59
C8 AMP M . 24.05 -9.02 11.19
N7 AMP M . 25.16 -8.53 11.65
C5 AMP M . 26.11 -9.49 11.34
C6 AMP M . 27.50 -9.56 11.56
N6 AMP M . 28.19 -8.59 12.16
N1 AMP M . 28.14 -10.66 11.12
C2 AMP M . 27.43 -11.63 10.51
N3 AMP M . 26.13 -11.67 10.24
C4 AMP M . 25.52 -10.56 10.68
C1 PEG N . 23.38 -2.51 -23.08
O1 PEG N . 24.53 -1.94 -23.66
C2 PEG N . 22.10 -1.86 -23.53
O2 PEG N . 21.11 -1.96 -22.50
C3 PEG N . 20.18 -0.87 -22.45
C4 PEG N . 19.71 -0.68 -21.04
O4 PEG N . 20.65 0.03 -20.23
C1 EDO O . 33.29 4.12 -19.67
O1 EDO O . 32.76 5.03 -20.62
C2 EDO O . 32.65 2.78 -19.74
O2 EDO O . 33.54 1.72 -19.99
C1 EDO P . 21.66 21.01 -34.02
O1 EDO P . 20.29 21.31 -33.79
C2 EDO P . 21.85 19.81 -34.87
O2 EDO P . 23.19 19.63 -35.32
ZN ZN Q . -18.40 4.83 9.66
ZN ZN R . -20.82 1.31 10.24
CA CA S . -38.97 -6.79 -13.08
C1 NAG T . -23.07 21.49 -18.06
C2 NAG T . -22.33 22.07 -19.27
C3 NAG T . -22.24 23.61 -19.21
C4 NAG T . -22.21 24.17 -17.78
C5 NAG T . -23.25 23.51 -16.87
C6 NAG T . -24.24 24.53 -16.30
C7 NAG T . -20.66 20.72 -20.36
C8 NAG T . -19.54 21.18 -21.26
N2 NAG T . -20.96 21.62 -19.44
O3 NAG T . -23.34 24.20 -19.92
O4 NAG T . -20.91 24.01 -17.17
O5 NAG T . -23.97 22.50 -17.57
O6 NAG T . -23.50 25.68 -15.85
O7 NAG T . -21.33 19.74 -20.63
C1 NAG U . -42.64 19.39 1.93
C2 NAG U . -43.83 20.28 1.54
C3 NAG U . -43.45 21.76 1.60
C4 NAG U . -42.76 22.11 2.91
C5 NAG U . -41.61 21.14 3.15
C6 NAG U . -40.84 21.42 4.44
C7 NAG U . -45.46 19.33 -0.01
C8 NAG U . -46.21 19.86 -1.18
N2 NAG U . -44.37 20.05 0.22
O3 NAG U . -44.64 22.55 1.42
O4 NAG U . -42.26 23.46 2.88
O5 NAG U . -42.15 19.82 3.20
O6 NAG U . -41.76 21.60 5.52
O7 NAG U . -45.88 18.45 0.74
P AMP V . -21.11 5.31 9.97
O1P AMP V . -20.20 6.52 10.25
O2P AMP V . -20.37 4.00 10.08
O3P AMP V . -21.86 5.41 8.68
O5' AMP V . -22.20 5.32 11.15
C5' AMP V . -21.79 4.93 12.48
C4' AMP V . -22.39 5.87 13.50
O4' AMP V . -23.84 5.76 13.46
C3' AMP V . -22.03 5.57 14.96
O3' AMP V . -20.81 6.16 15.32
C2' AMP V . -23.22 6.17 15.72
O2' AMP V . -23.00 7.52 16.05
C1' AMP V . -24.38 6.02 14.73
N9 AMP V . -25.30 4.94 15.08
C8 AMP V . -25.00 3.62 15.20
N7 AMP V . -26.01 2.86 15.53
C5 AMP V . -27.07 3.74 15.62
C6 AMP V . -28.44 3.57 15.93
N6 AMP V . -28.97 2.39 16.20
N1 AMP V . -29.22 4.67 15.93
C2 AMP V . -28.67 5.85 15.65
N3 AMP V . -27.40 6.15 15.35
C4 AMP V . -26.65 5.04 15.35
C1 EDO W . -36.18 2.44 -17.33
O1 EDO W . -37.15 3.19 -16.63
C2 EDO W . -36.55 1.00 -17.45
O2 EDO W . -35.77 0.30 -18.41
#